data_1O4H
# 
_entry.id   1O4H 
# 
_audit_conform.dict_name       mmcif_pdbx.dic 
_audit_conform.dict_version    5.376 
_audit_conform.dict_location   http://mmcif.pdb.org/dictionaries/ascii/mmcif_pdbx.dic 
# 
loop_
_database_2.database_id 
_database_2.database_code 
_database_2.pdbx_database_accession 
_database_2.pdbx_DOI 
PDB   1O4H         pdb_00001o4h 10.2210/pdb1o4h/pdb 
RCSB  RCSB001792   ?            ?                   
WWPDB D_1000001792 ?            ?                   
# 
_pdbx_database_status.status_code                     REL 
_pdbx_database_status.entry_id                        1O4H 
_pdbx_database_status.recvd_initial_deposition_date   2003-06-15 
_pdbx_database_status.deposit_site                    RCSB 
_pdbx_database_status.process_site                    RCSB 
_pdbx_database_status.SG_entry                        . 
_pdbx_database_status.pdb_format_compatible           Y 
_pdbx_database_status.status_code_mr                  ? 
_pdbx_database_status.status_code_sf                  ? 
_pdbx_database_status.status_code_cs                  ? 
_pdbx_database_status.status_code_nmr_data            ? 
_pdbx_database_status.methods_development_category    ? 
# 
loop_
_audit_author.name 
_audit_author.pdbx_ordinal 
'Lange, G.'  1 
'Loenze, P.' 2 
'Liesum, A.' 3 
# 
_citation.id                        primary 
_citation.title                     
;Requirements for specific binding of low affinity inhibitor fragments to the SH2 domain of (pp60)Src are identical to those for high affinity binding of full length inhibitors.
;
_citation.journal_abbrev            J.Med.Chem. 
_citation.journal_volume            46 
_citation.page_first                5184 
_citation.page_last                 5195 
_citation.year                      2003 
_citation.journal_id_ASTM           JMCMAR 
_citation.country                   US 
_citation.journal_id_ISSN           0022-2623 
_citation.journal_id_CSD            0151 
_citation.book_publisher            ? 
_citation.pdbx_database_id_PubMed   14613321 
_citation.pdbx_database_id_DOI      10.1021/jm020970s 
# 
loop_
_citation_author.citation_id 
_citation_author.name 
_citation_author.ordinal 
_citation_author.identifier_ORCID 
primary 'Lange, G.'       1  ? 
primary 'Lesuisse, D.'    2  ? 
primary 'Deprez, P.'      3  ? 
primary 'Schoot, B.'      4  ? 
primary 'Loenze, P.'      5  ? 
primary 'Benard, D.'      6  ? 
primary 'Marquette, J.P.' 7  ? 
primary 'Broto, P.'       8  ? 
primary 'Sarubbi, E.'     9  ? 
primary 'Mandine, E.'     10 ? 
# 
_cell.entry_id           1O4H 
_cell.length_a           26.201 
_cell.length_b           58.361 
_cell.length_c           63.481 
_cell.angle_alpha        90.00 
_cell.angle_beta         90.00 
_cell.angle_gamma        90.00 
_cell.Z_PDB              4 
_cell.pdbx_unique_axis   ? 
# 
_symmetry.entry_id                         1O4H 
_symmetry.space_group_name_H-M             'P 21 21 21' 
_symmetry.pdbx_full_space_group_name_H-M   ? 
_symmetry.cell_setting                     ? 
_symmetry.Int_Tables_number                19 
# 
loop_
_entity.id 
_entity.type 
_entity.src_method 
_entity.pdbx_description 
_entity.formula_weight 
_entity.pdbx_number_of_molecules 
_entity.pdbx_ec 
_entity.pdbx_mutation 
_entity.pdbx_fragment 
_entity.details 
1 polymer     man 'PROTO-ONCOGENE TYROSINE-PROTEIN KINASE SRC' 12374.964 1   2.7.1.112 ? 'SH2 DOMAIN' ? 
2 non-polymer syn '2-CYANOQUINOLIN-8-YL DIHYDROGEN PHOSPHATE'  250.147   1   ?         ? ?            ? 
3 water       nat water                                        18.015    168 ?         ? ?            ? 
# 
_entity_name_com.entity_id   1 
_entity_name_com.name        'P60-SRC, C-SRC' 
# 
_entity_poly.entity_id                      1 
_entity_poly.type                           'polypeptide(L)' 
_entity_poly.nstd_linkage                   no 
_entity_poly.nstd_monomer                   no 
_entity_poly.pdbx_seq_one_letter_code       
;SIQAEEWYFGKITRRESERLLLNAENPRGTFLVRESETTKGAYCLSVSDFDNAKGLNVKHYKIRKLDSGGFYITSRTQFN
SLQQLVAYYSKHADGLCHRLTTVCPTSK
;
_entity_poly.pdbx_seq_one_letter_code_can   
;SIQAEEWYFGKITRRESERLLLNAENPRGTFLVRESETTKGAYCLSVSDFDNAKGLNVKHYKIRKLDSGGFYITSRTQFN
SLQQLVAYYSKHADGLCHRLTTVCPTSK
;
_entity_poly.pdbx_strand_id                 A 
_entity_poly.pdbx_target_identifier         ? 
# 
loop_
_entity_poly_seq.entity_id 
_entity_poly_seq.num 
_entity_poly_seq.mon_id 
_entity_poly_seq.hetero 
1 1   SER n 
1 2   ILE n 
1 3   GLN n 
1 4   ALA n 
1 5   GLU n 
1 6   GLU n 
1 7   TRP n 
1 8   TYR n 
1 9   PHE n 
1 10  GLY n 
1 11  LYS n 
1 12  ILE n 
1 13  THR n 
1 14  ARG n 
1 15  ARG n 
1 16  GLU n 
1 17  SER n 
1 18  GLU n 
1 19  ARG n 
1 20  LEU n 
1 21  LEU n 
1 22  LEU n 
1 23  ASN n 
1 24  ALA n 
1 25  GLU n 
1 26  ASN n 
1 27  PRO n 
1 28  ARG n 
1 29  GLY n 
1 30  THR n 
1 31  PHE n 
1 32  LEU n 
1 33  VAL n 
1 34  ARG n 
1 35  GLU n 
1 36  SER n 
1 37  GLU n 
1 38  THR n 
1 39  THR n 
1 40  LYS n 
1 41  GLY n 
1 42  ALA n 
1 43  TYR n 
1 44  CYS n 
1 45  LEU n 
1 46  SER n 
1 47  VAL n 
1 48  SER n 
1 49  ASP n 
1 50  PHE n 
1 51  ASP n 
1 52  ASN n 
1 53  ALA n 
1 54  LYS n 
1 55  GLY n 
1 56  LEU n 
1 57  ASN n 
1 58  VAL n 
1 59  LYS n 
1 60  HIS n 
1 61  TYR n 
1 62  LYS n 
1 63  ILE n 
1 64  ARG n 
1 65  LYS n 
1 66  LEU n 
1 67  ASP n 
1 68  SER n 
1 69  GLY n 
1 70  GLY n 
1 71  PHE n 
1 72  TYR n 
1 73  ILE n 
1 74  THR n 
1 75  SER n 
1 76  ARG n 
1 77  THR n 
1 78  GLN n 
1 79  PHE n 
1 80  ASN n 
1 81  SER n 
1 82  LEU n 
1 83  GLN n 
1 84  GLN n 
1 85  LEU n 
1 86  VAL n 
1 87  ALA n 
1 88  TYR n 
1 89  TYR n 
1 90  SER n 
1 91  LYS n 
1 92  HIS n 
1 93  ALA n 
1 94  ASP n 
1 95  GLY n 
1 96  LEU n 
1 97  CYS n 
1 98  HIS n 
1 99  ARG n 
1 100 LEU n 
1 101 THR n 
1 102 THR n 
1 103 VAL n 
1 104 CYS n 
1 105 PRO n 
1 106 THR n 
1 107 SER n 
1 108 LYS n 
# 
_entity_src_gen.entity_id                          1 
_entity_src_gen.pdbx_src_id                        1 
_entity_src_gen.pdbx_alt_source_flag               sample 
_entity_src_gen.pdbx_seq_type                      ? 
_entity_src_gen.pdbx_beg_seq_num                   ? 
_entity_src_gen.pdbx_end_seq_num                   ? 
_entity_src_gen.gene_src_common_name               human 
_entity_src_gen.gene_src_genus                     Homo 
_entity_src_gen.pdbx_gene_src_gene                 SRC 
_entity_src_gen.gene_src_species                   ? 
_entity_src_gen.gene_src_strain                    ? 
_entity_src_gen.gene_src_tissue                    ? 
_entity_src_gen.gene_src_tissue_fraction           ? 
_entity_src_gen.gene_src_details                   ? 
_entity_src_gen.pdbx_gene_src_fragment             ? 
_entity_src_gen.pdbx_gene_src_scientific_name      'Homo sapiens' 
_entity_src_gen.pdbx_gene_src_ncbi_taxonomy_id     9606 
_entity_src_gen.pdbx_gene_src_variant              ? 
_entity_src_gen.pdbx_gene_src_cell_line            ? 
_entity_src_gen.pdbx_gene_src_atcc                 ? 
_entity_src_gen.pdbx_gene_src_organ                ? 
_entity_src_gen.pdbx_gene_src_organelle            ? 
_entity_src_gen.pdbx_gene_src_cell                 ? 
_entity_src_gen.pdbx_gene_src_cellular_location    ? 
_entity_src_gen.host_org_common_name               ? 
_entity_src_gen.pdbx_host_org_scientific_name      'Escherichia coli' 
_entity_src_gen.pdbx_host_org_ncbi_taxonomy_id     562 
_entity_src_gen.host_org_genus                     Escherichia 
_entity_src_gen.pdbx_host_org_gene                 ? 
_entity_src_gen.pdbx_host_org_organ                ? 
_entity_src_gen.host_org_species                   ? 
_entity_src_gen.pdbx_host_org_tissue               ? 
_entity_src_gen.pdbx_host_org_tissue_fraction      ? 
_entity_src_gen.pdbx_host_org_strain               ? 
_entity_src_gen.pdbx_host_org_variant              ? 
_entity_src_gen.pdbx_host_org_cell_line            ? 
_entity_src_gen.pdbx_host_org_atcc                 ? 
_entity_src_gen.pdbx_host_org_culture_collection   ? 
_entity_src_gen.pdbx_host_org_cell                 ? 
_entity_src_gen.pdbx_host_org_organelle            ? 
_entity_src_gen.pdbx_host_org_cellular_location    ? 
_entity_src_gen.pdbx_host_org_vector_type          ? 
_entity_src_gen.pdbx_host_org_vector               ? 
_entity_src_gen.host_org_details                   ? 
_entity_src_gen.expression_system_id               ? 
_entity_src_gen.plasmid_name                       'BL21 (DE3)' 
_entity_src_gen.plasmid_details                    ? 
_entity_src_gen.pdbx_description                   ? 
# 
_struct_ref.id                         1 
_struct_ref.db_name                    UNP 
_struct_ref.db_code                    SRC_HUMAN 
_struct_ref.pdbx_db_accession          P12931 
_struct_ref.entity_id                  1 
_struct_ref.pdbx_seq_one_letter_code   
;SIQAEEWYFGKITRRESERLLLNAENPRGTFLVRESETTKGAYCLSVSDFDNAKGLNVKHYKIRKLDSGGFYITSRTQFN
SLQQLVAYYSKHADGLCHRLTTVCPTSK
;
_struct_ref.pdbx_align_begin           144 
_struct_ref.pdbx_db_isoform            ? 
# 
_struct_ref_seq.align_id                      1 
_struct_ref_seq.ref_id                        1 
_struct_ref_seq.pdbx_PDB_id_code              1O4H 
_struct_ref_seq.pdbx_strand_id                A 
_struct_ref_seq.seq_align_beg                 1 
_struct_ref_seq.pdbx_seq_align_beg_ins_code   ? 
_struct_ref_seq.seq_align_end                 108 
_struct_ref_seq.pdbx_seq_align_end_ins_code   ? 
_struct_ref_seq.pdbx_db_accession             P12931 
_struct_ref_seq.db_align_beg                  144 
_struct_ref_seq.pdbx_db_align_beg_ins_code    ? 
_struct_ref_seq.db_align_end                  251 
_struct_ref_seq.pdbx_db_align_end_ins_code    ? 
_struct_ref_seq.pdbx_auth_seq_align_beg       1 
_struct_ref_seq.pdbx_auth_seq_align_end       108 
# 
loop_
_chem_comp.id 
_chem_comp.type 
_chem_comp.mon_nstd_flag 
_chem_comp.name 
_chem_comp.pdbx_synonyms 
_chem_comp.formula 
_chem_comp.formula_weight 
772 non-polymer         . '2-CYANOQUINOLIN-8-YL DIHYDROGEN PHOSPHATE' RU79072 'C10 H7 N2 O4 P' 250.147 
ALA 'L-peptide linking' y ALANINE                                     ?       'C3 H7 N O2'     89.093  
ARG 'L-peptide linking' y ARGININE                                    ?       'C6 H15 N4 O2 1' 175.209 
ASN 'L-peptide linking' y ASPARAGINE                                  ?       'C4 H8 N2 O3'    132.118 
ASP 'L-peptide linking' y 'ASPARTIC ACID'                             ?       'C4 H7 N O4'     133.103 
CYS 'L-peptide linking' y CYSTEINE                                    ?       'C3 H7 N O2 S'   121.158 
GLN 'L-peptide linking' y GLUTAMINE                                   ?       'C5 H10 N2 O3'   146.144 
GLU 'L-peptide linking' y 'GLUTAMIC ACID'                             ?       'C5 H9 N O4'     147.129 
GLY 'peptide linking'   y GLYCINE                                     ?       'C2 H5 N O2'     75.067  
HIS 'L-peptide linking' y HISTIDINE                                   ?       'C6 H10 N3 O2 1' 156.162 
HOH non-polymer         . WATER                                       ?       'H2 O'           18.015  
ILE 'L-peptide linking' y ISOLEUCINE                                  ?       'C6 H13 N O2'    131.173 
LEU 'L-peptide linking' y LEUCINE                                     ?       'C6 H13 N O2'    131.173 
LYS 'L-peptide linking' y LYSINE                                      ?       'C6 H15 N2 O2 1' 147.195 
PHE 'L-peptide linking' y PHENYLALANINE                               ?       'C9 H11 N O2'    165.189 
PRO 'L-peptide linking' y PROLINE                                     ?       'C5 H9 N O2'     115.130 
SER 'L-peptide linking' y SERINE                                      ?       'C3 H7 N O3'     105.093 
THR 'L-peptide linking' y THREONINE                                   ?       'C4 H9 N O3'     119.119 
TRP 'L-peptide linking' y TRYPTOPHAN                                  ?       'C11 H12 N2 O2'  204.225 
TYR 'L-peptide linking' y TYROSINE                                    ?       'C9 H11 N O3'    181.189 
VAL 'L-peptide linking' y VALINE                                      ?       'C5 H11 N O2'    117.146 
# 
_exptl.entry_id          1O4H 
_exptl.method            'X-RAY DIFFRACTION' 
_exptl.crystals_number   1 
# 
_exptl_crystal.id                    1 
_exptl_crystal.density_meas          ? 
_exptl_crystal.density_Matthews      2.2 
_exptl_crystal.density_percent_sol   41.9 
_exptl_crystal.description           ? 
# 
_exptl_crystal_grow.crystal_id      1 
_exptl_crystal_grow.method          ? 
_exptl_crystal_grow.temp            ? 
_exptl_crystal_grow.temp_details    ? 
_exptl_crystal_grow.pH              5.50 
_exptl_crystal_grow.pdbx_pH_range   ? 
_exptl_crystal_grow.pdbx_details    'pH 5.50' 
# 
_diffrn.id                     1 
_diffrn.ambient_temp           100.0 
_diffrn.ambient_temp_details   ? 
_diffrn.crystal_id             1 
# 
_diffrn_detector.diffrn_id              1 
_diffrn_detector.detector               'IMAGE PLATE' 
_diffrn_detector.type                   'MAR scanner 345 mm plate' 
_diffrn_detector.pdbx_collection_date   1999-01-18 
_diffrn_detector.details                ? 
# 
_diffrn_radiation.diffrn_id                        1 
_diffrn_radiation.wavelength_id                    1 
_diffrn_radiation.pdbx_monochromatic_or_laue_m_l   M 
_diffrn_radiation.monochromator                    GRAPHITE 
_diffrn_radiation.pdbx_diffrn_protocol             'SINGLE WAVELENGTH' 
_diffrn_radiation.pdbx_scattering_type             x-ray 
# 
_diffrn_radiation_wavelength.id           1 
_diffrn_radiation_wavelength.wavelength   1.5418 
_diffrn_radiation_wavelength.wt           1.0 
# 
_diffrn_source.diffrn_id                   1 
_diffrn_source.source                      'ROTATING ANODE' 
_diffrn_source.type                        'ELLIOTT GX-21' 
_diffrn_source.pdbx_synchrotron_site       ? 
_diffrn_source.pdbx_synchrotron_beamline   ? 
_diffrn_source.pdbx_wavelength             1.5418 
_diffrn_source.pdbx_wavelength_list        ? 
# 
_reflns.entry_id                     1O4H 
_reflns.observed_criterion_sigma_I   -3.000 
_reflns.observed_criterion_sigma_F   ? 
_reflns.d_resolution_low             40.000 
_reflns.d_resolution_high            2.25 
_reflns.number_obs                   4785 
_reflns.number_all                   ? 
_reflns.percent_possible_obs         96.0 
_reflns.pdbx_Rmerge_I_obs            0.064 
_reflns.pdbx_Rsym_value              ? 
_reflns.pdbx_netI_over_sigmaI        20 
_reflns.B_iso_Wilson_estimate        ? 
_reflns.pdbx_redundancy              ? 
_reflns.pdbx_diffrn_id               1 
_reflns.pdbx_ordinal                 1 
# 
_reflns_shell.d_res_high             2.25 
_reflns_shell.d_res_low              2.30 
_reflns_shell.percent_possible_all   43.9 
_reflns_shell.Rmerge_I_obs           0.174 
_reflns_shell.pdbx_Rsym_value        ? 
_reflns_shell.meanI_over_sigI_obs    6 
_reflns_shell.pdbx_redundancy        ? 
_reflns_shell.pdbx_diffrn_id         ? 
_reflns_shell.pdbx_ordinal           1 
# 
_refine.entry_id                                 1O4H 
_refine.ls_number_reflns_obs                     4785 
_refine.ls_number_reflns_all                     ? 
_refine.pdbx_ls_sigma_I                          ? 
_refine.pdbx_ls_sigma_F                          ? 
_refine.pdbx_data_cutoff_high_absF               1000000.000 
_refine.pdbx_data_cutoff_low_absF                0.1000 
_refine.pdbx_data_cutoff_high_rms_absF           ? 
_refine.ls_d_res_low                             8.00 
_refine.ls_d_res_high                            2.25 
_refine.ls_percent_reflns_obs                    96.0 
_refine.ls_R_factor_obs                          0.156 
_refine.ls_R_factor_all                          ? 
_refine.ls_R_factor_R_work                       0.156 
_refine.ls_R_factor_R_free                       ? 
_refine.ls_R_factor_R_free_error                 ? 
_refine.ls_R_factor_R_free_error_details         ? 
_refine.ls_percent_reflns_R_free                 ? 
_refine.ls_number_reflns_R_free                  ? 
_refine.ls_number_parameters                     ? 
_refine.ls_number_restraints                     ? 
_refine.occupancy_min                            ? 
_refine.occupancy_max                            ? 
_refine.correlation_coeff_Fo_to_Fc               ? 
_refine.correlation_coeff_Fo_to_Fc_free          ? 
_refine.B_iso_mean                               29.2 
_refine.aniso_B[1][1]                            ? 
_refine.aniso_B[2][2]                            ? 
_refine.aniso_B[3][3]                            ? 
_refine.aniso_B[1][2]                            ? 
_refine.aniso_B[1][3]                            ? 
_refine.aniso_B[2][3]                            ? 
_refine.solvent_model_details                    ? 
_refine.solvent_model_param_ksol                 ? 
_refine.solvent_model_param_bsol                 ? 
_refine.pdbx_solvent_vdw_probe_radii             ? 
_refine.pdbx_solvent_ion_probe_radii             ? 
_refine.pdbx_solvent_shrinkage_radii             ? 
_refine.pdbx_ls_cross_valid_method               ? 
_refine.details                                  ? 
_refine.pdbx_starting_model                      1SHD 
_refine.pdbx_method_to_determine_struct          MR 
_refine.pdbx_isotropic_thermal_model             ? 
_refine.pdbx_stereochemistry_target_values       ? 
_refine.pdbx_stereochem_target_val_spec_case     ? 
_refine.pdbx_R_Free_selection_details            ? 
_refine.pdbx_overall_ESU_R                       ? 
_refine.pdbx_overall_ESU_R_Free                  ? 
_refine.overall_SU_ML                            ? 
_refine.overall_SU_B                             ? 
_refine.pdbx_refine_id                           'X-RAY DIFFRACTION' 
_refine.pdbx_diffrn_id                           1 
_refine.pdbx_TLS_residual_ADP_flag               ? 
_refine.pdbx_overall_phase_error                 ? 
_refine.overall_SU_R_Cruickshank_DPI             ? 
_refine.pdbx_overall_SU_R_free_Cruickshank_DPI   ? 
_refine.pdbx_overall_SU_R_Blow_DPI               ? 
_refine.pdbx_overall_SU_R_free_Blow_DPI          ? 
# 
_refine_hist.pdbx_refine_id                   'X-RAY DIFFRACTION' 
_refine_hist.cycle_id                         LAST 
_refine_hist.pdbx_number_atoms_protein        856 
_refine_hist.pdbx_number_atoms_nucleic_acid   0 
_refine_hist.pdbx_number_atoms_ligand         17 
_refine_hist.number_atoms_solvent             168 
_refine_hist.number_atoms_total               1041 
_refine_hist.d_res_high                       2.25 
_refine_hist.d_res_low                        8.00 
# 
loop_
_refine_ls_restr.type 
_refine_ls_restr.dev_ideal 
_refine_ls_restr.dev_ideal_target 
_refine_ls_restr.weight 
_refine_ls_restr.number 
_refine_ls_restr.pdbx_refine_id 
_refine_ls_restr.pdbx_restraint_function 
x_bond_d                0.013 ? ? ? 'X-RAY DIFFRACTION' ? 
x_bond_d_na             ?     ? ? ? 'X-RAY DIFFRACTION' ? 
x_bond_d_prot           ?     ? ? ? 'X-RAY DIFFRACTION' ? 
x_angle_d               ?     ? ? ? 'X-RAY DIFFRACTION' ? 
x_angle_d_na            ?     ? ? ? 'X-RAY DIFFRACTION' ? 
x_angle_d_prot          ?     ? ? ? 'X-RAY DIFFRACTION' ? 
x_angle_deg             1.4   ? ? ? 'X-RAY DIFFRACTION' ? 
x_angle_deg_na          ?     ? ? ? 'X-RAY DIFFRACTION' ? 
x_angle_deg_prot        ?     ? ? ? 'X-RAY DIFFRACTION' ? 
x_dihedral_angle_d      ?     ? ? ? 'X-RAY DIFFRACTION' ? 
x_dihedral_angle_d_na   ?     ? ? ? 'X-RAY DIFFRACTION' ? 
x_dihedral_angle_d_prot ?     ? ? ? 'X-RAY DIFFRACTION' ? 
x_improper_angle_d      ?     ? ? ? 'X-RAY DIFFRACTION' ? 
x_improper_angle_d_na   ?     ? ? ? 'X-RAY DIFFRACTION' ? 
x_improper_angle_d_prot ?     ? ? ? 'X-RAY DIFFRACTION' ? 
x_mcbond_it             ?     ? ? ? 'X-RAY DIFFRACTION' ? 
x_mcangle_it            ?     ? ? ? 'X-RAY DIFFRACTION' ? 
x_scbond_it             ?     ? ? ? 'X-RAY DIFFRACTION' ? 
x_scangle_it            ?     ? ? ? 'X-RAY DIFFRACTION' ? 
# 
_struct.entry_id                  1O4H 
_struct.title                     'CRYSTAL STRUCTURE OF SH2 IN COMPLEX WITH RU79072.' 
_struct.pdbx_model_details        ? 
_struct.pdbx_CASP_flag            ? 
_struct.pdbx_model_type_details   ? 
# 
_struct_keywords.entry_id        1O4H 
_struct_keywords.pdbx_keywords   'SIGNALING PROTEIN' 
_struct_keywords.text            'SH2 DOMAIN FRAGMENT APPROACH, SIGNALING PROTEIN' 
# 
loop_
_struct_asym.id 
_struct_asym.pdbx_blank_PDB_chainid_flag 
_struct_asym.pdbx_modified 
_struct_asym.entity_id 
_struct_asym.details 
A N N 1 ? 
B N N 2 ? 
C N N 3 ? 
# 
_struct_biol.id   1 
# 
loop_
_struct_conf.conf_type_id 
_struct_conf.id 
_struct_conf.pdbx_PDB_helix_id 
_struct_conf.beg_label_comp_id 
_struct_conf.beg_label_asym_id 
_struct_conf.beg_label_seq_id 
_struct_conf.pdbx_beg_PDB_ins_code 
_struct_conf.end_label_comp_id 
_struct_conf.end_label_asym_id 
_struct_conf.end_label_seq_id 
_struct_conf.pdbx_end_PDB_ins_code 
_struct_conf.beg_auth_comp_id 
_struct_conf.beg_auth_asym_id 
_struct_conf.beg_auth_seq_id 
_struct_conf.end_auth_comp_id 
_struct_conf.end_auth_asym_id 
_struct_conf.end_auth_seq_id 
_struct_conf.pdbx_PDB_helix_class 
_struct_conf.details 
_struct_conf.pdbx_PDB_helix_length 
HELX_P HELX_P1 1 SER A 1  ? GLU A 5  ? SER A 1  GLU A 5  5 ? 5  
HELX_P HELX_P2 2 THR A 13 ? LEU A 22 ? THR A 13 LEU A 22 1 ? 10 
HELX_P HELX_P3 3 SER A 81 ? HIS A 92 ? SER A 81 HIS A 92 1 ? 12 
# 
_struct_conf_type.id          HELX_P 
_struct_conf_type.criteria    ? 
_struct_conf_type.reference   ? 
# 
_struct_sheet.id               A 
_struct_sheet.type             ? 
_struct_sheet.number_strands   6 
_struct_sheet.details          ? 
# 
loop_
_struct_sheet_order.sheet_id 
_struct_sheet_order.range_id_1 
_struct_sheet_order.range_id_2 
_struct_sheet_order.offset 
_struct_sheet_order.sense 
A 1 2 ? anti-parallel 
A 2 3 ? anti-parallel 
A 3 4 ? anti-parallel 
A 4 5 ? anti-parallel 
A 5 6 ? parallel      
# 
loop_
_struct_sheet_range.sheet_id 
_struct_sheet_range.id 
_struct_sheet_range.beg_label_comp_id 
_struct_sheet_range.beg_label_asym_id 
_struct_sheet_range.beg_label_seq_id 
_struct_sheet_range.pdbx_beg_PDB_ins_code 
_struct_sheet_range.end_label_comp_id 
_struct_sheet_range.end_label_asym_id 
_struct_sheet_range.end_label_seq_id 
_struct_sheet_range.pdbx_end_PDB_ins_code 
_struct_sheet_range.beg_auth_comp_id 
_struct_sheet_range.beg_auth_asym_id 
_struct_sheet_range.beg_auth_seq_id 
_struct_sheet_range.end_auth_comp_id 
_struct_sheet_range.end_auth_asym_id 
_struct_sheet_range.end_auth_seq_id 
A 1 GLN A 78  ? PHE A 79  ? GLN A 78  PHE A 79  
A 2 PHE A 71  ? TYR A 72  ? PHE A 71  TYR A 72  
A 3 GLY A 55  ? LYS A 65  ? GLY A 55  LYS A 65  
A 4 ALA A 42  ? ASP A 51  ? ALA A 42  ASP A 51  
A 5 THR A 30  ? GLU A 35  ? THR A 30  GLU A 35  
A 6 THR A 102 ? VAL A 103 ? THR A 102 VAL A 103 
# 
loop_
_pdbx_struct_sheet_hbond.sheet_id 
_pdbx_struct_sheet_hbond.range_id_1 
_pdbx_struct_sheet_hbond.range_id_2 
_pdbx_struct_sheet_hbond.range_1_label_atom_id 
_pdbx_struct_sheet_hbond.range_1_label_comp_id 
_pdbx_struct_sheet_hbond.range_1_label_asym_id 
_pdbx_struct_sheet_hbond.range_1_label_seq_id 
_pdbx_struct_sheet_hbond.range_1_PDB_ins_code 
_pdbx_struct_sheet_hbond.range_1_auth_atom_id 
_pdbx_struct_sheet_hbond.range_1_auth_comp_id 
_pdbx_struct_sheet_hbond.range_1_auth_asym_id 
_pdbx_struct_sheet_hbond.range_1_auth_seq_id 
_pdbx_struct_sheet_hbond.range_2_label_atom_id 
_pdbx_struct_sheet_hbond.range_2_label_comp_id 
_pdbx_struct_sheet_hbond.range_2_label_asym_id 
_pdbx_struct_sheet_hbond.range_2_label_seq_id 
_pdbx_struct_sheet_hbond.range_2_PDB_ins_code 
_pdbx_struct_sheet_hbond.range_2_auth_atom_id 
_pdbx_struct_sheet_hbond.range_2_auth_comp_id 
_pdbx_struct_sheet_hbond.range_2_auth_asym_id 
_pdbx_struct_sheet_hbond.range_2_auth_seq_id 
A 1 2 O PHE A 79 ? O PHE A 79 N PHE A 71  ? N PHE A 71  
A 2 3 O TYR A 72 ? O TYR A 72 N ARG A 64  ? N ARG A 64  
A 3 4 O TYR A 61 ? O TYR A 61 N LEU A 45  ? N LEU A 45  
A 4 5 O CYS A 44 ? O CYS A 44 N ARG A 34  ? N ARG A 34  
A 5 6 N PHE A 31 ? N PHE A 31 O THR A 102 ? O THR A 102 
# 
_struct_site.id                   AC1 
_struct_site.pdbx_evidence_code   Software 
_struct_site.pdbx_auth_asym_id    A 
_struct_site.pdbx_auth_comp_id    772 
_struct_site.pdbx_auth_seq_id     300 
_struct_site.pdbx_auth_ins_code   ? 
_struct_site.pdbx_num_residues    10 
_struct_site.details              'BINDING SITE FOR RESIDUE 772 A 300' 
# 
loop_
_struct_site_gen.id 
_struct_site_gen.site_id 
_struct_site_gen.pdbx_num_res 
_struct_site_gen.label_comp_id 
_struct_site_gen.label_asym_id 
_struct_site_gen.label_seq_id 
_struct_site_gen.pdbx_auth_ins_code 
_struct_site_gen.auth_comp_id 
_struct_site_gen.auth_asym_id 
_struct_site_gen.auth_seq_id 
_struct_site_gen.label_atom_id 
_struct_site_gen.label_alt_id 
_struct_site_gen.symmetry 
_struct_site_gen.details 
1  AC1 10 ARG A 14  ? ARG A 14  . ? 1_555 ? 
2  AC1 10 ARG A 34  ? ARG A 34  . ? 1_555 ? 
3  AC1 10 SER A 36  ? SER A 36  . ? 1_555 ? 
4  AC1 10 GLU A 37  ? GLU A 37  . ? 1_555 ? 
5  AC1 10 CYS A 44  ? CYS A 44  . ? 1_555 ? 
6  AC1 10 LYS A 62  ? LYS A 62  . ? 1_555 ? 
7  AC1 10 GLN A 84  ? GLN A 84  . ? 3_655 ? 
8  AC1 10 THR A 106 ? THR A 106 . ? 1_655 ? 
9  AC1 10 HOH C .   ? HOH A 308 . ? 1_555 ? 
10 AC1 10 HOH C .   ? HOH A 468 . ? 1_555 ? 
# 
_atom_sites.entry_id                    1O4H 
_atom_sites.fract_transf_matrix[1][1]   0.00290413 
_atom_sites.fract_transf_matrix[1][2]   -0.02170124 
_atom_sites.fract_transf_matrix[1][3]   0.03126125 
_atom_sites.fract_transf_matrix[2][1]   -0.01677788 
_atom_sites.fract_transf_matrix[2][2]   -0.00338842 
_atom_sites.fract_transf_matrix[2][3]   -0.00079356 
_atom_sites.fract_transf_matrix[3][1]   0.00296639 
_atom_sites.fract_transf_matrix[3][2]   -0.01257863 
_atom_sites.fract_transf_matrix[3][3]   -0.00900753 
_atom_sites.fract_transf_vector[1]      0.389123 
_atom_sites.fract_transf_vector[2]      0.329216 
_atom_sites.fract_transf_vector[3]      0.313237 
# 
loop_
_atom_type.symbol 
C 
N 
O 
P 
S 
# 
loop_
_atom_site.group_PDB 
_atom_site.id 
_atom_site.type_symbol 
_atom_site.label_atom_id 
_atom_site.label_alt_id 
_atom_site.label_comp_id 
_atom_site.label_asym_id 
_atom_site.label_entity_id 
_atom_site.label_seq_id 
_atom_site.pdbx_PDB_ins_code 
_atom_site.Cartn_x 
_atom_site.Cartn_y 
_atom_site.Cartn_z 
_atom_site.occupancy 
_atom_site.B_iso_or_equiv 
_atom_site.pdbx_formal_charge 
_atom_site.auth_seq_id 
_atom_site.auth_comp_id 
_atom_site.auth_asym_id 
_atom_site.auth_atom_id 
_atom_site.pdbx_PDB_model_num 
ATOM   1    N N   . SER A 1 1   ? 1.067   16.881  1.866   1.00 69.59  ? 1   SER A N   1 
ATOM   2    C CA  . SER A 1 1   ? -0.237  16.205  2.135   1.00 68.50  ? 1   SER A CA  1 
ATOM   3    C C   . SER A 1 1   ? -0.419  14.991  1.237   1.00 66.92  ? 1   SER A C   1 
ATOM   4    O O   . SER A 1 1   ? -0.309  15.078  -0.001  1.00 66.98  ? 1   SER A O   1 
ATOM   5    C CB  . SER A 1 1   ? -1.413  17.171  1.948   1.00 69.85  ? 1   SER A CB  1 
ATOM   6    O OG  . SER A 1 1   ? -2.599  16.642  2.528   1.00 71.56  ? 1   SER A OG  1 
ATOM   7    N N   . ILE A 1 2   ? -0.760  13.878  1.882   1.00 64.23  ? 2   ILE A N   1 
ATOM   8    C CA  . ILE A 1 2   ? -0.958  12.593  1.218   1.00 61.78  ? 2   ILE A CA  1 
ATOM   9    C C   . ILE A 1 2   ? -2.123  12.612  0.241   1.00 59.33  ? 2   ILE A C   1 
ATOM   10   O O   . ILE A 1 2   ? -2.136  11.888  -0.740  1.00 57.93  ? 2   ILE A O   1 
ATOM   11   C CB  . ILE A 1 2   ? -1.173  11.460  2.256   1.00 61.71  ? 2   ILE A CB  1 
ATOM   12   C CG1 . ILE A 1 2   ? -2.541  11.608  2.914   1.00 61.97  ? 2   ILE A CG1 1 
ATOM   13   C CG2 . ILE A 1 2   ? -0.091  11.524  3.351   1.00 62.22  ? 2   ILE A CG2 1 
ATOM   14   C CD1 . ILE A 1 2   ? -2.839  10.552  3.919   1.00 63.08  ? 2   ILE A CD1 1 
ATOM   15   N N   . GLN A 1 3   ? -3.088  13.479  0.498   1.00 58.91  ? 3   GLN A N   1 
ATOM   16   C CA  . GLN A 1 3   ? -4.263  13.579  -0.357  1.00 58.53  ? 3   GLN A CA  1 
ATOM   17   C C   . GLN A 1 3   ? -3.898  14.092  -1.741  1.00 55.61  ? 3   GLN A C   1 
ATOM   18   O O   . GLN A 1 3   ? -4.615  13.869  -2.722  1.00 55.17  ? 3   GLN A O   1 
ATOM   19   C CB  . GLN A 1 3   ? -5.296  14.493  0.296   1.00 62.48  ? 3   GLN A CB  1 
ATOM   20   C CG  . GLN A 1 3   ? -5.723  14.015  1.669   1.00 67.87  ? 3   GLN A CG  1 
ATOM   21   C CD  . GLN A 1 3   ? -7.131  14.448  2.008   1.00 72.01  ? 3   GLN A CD  1 
ATOM   22   O OE1 . GLN A 1 3   ? -8.075  13.635  2.023   1.00 71.42  ? 3   GLN A OE1 1 
ATOM   23   N NE2 . GLN A 1 3   ? -7.290  15.744  2.271   1.00 74.68  ? 3   GLN A NE2 1 
ATOM   24   N N   . ALA A 1 4   ? -2.754  14.764  -1.798  1.00 51.93  ? 4   ALA A N   1 
ATOM   25   C CA  . ALA A 1 4   ? -2.239  15.335  -3.024  1.00 46.24  ? 4   ALA A CA  1 
ATOM   26   C C   . ALA A 1 4   ? -1.433  14.262  -3.771  1.00 42.31  ? 4   ALA A C   1 
ATOM   27   O O   . ALA A 1 4   ? -1.229  14.348  -4.989  1.00 42.11  ? 4   ALA A O   1 
ATOM   28   C CB  . ALA A 1 4   ? -1.357  16.540  -2.672  1.00 45.80  ? 4   ALA A CB  1 
ATOM   29   N N   . GLU A 1 5   ? -0.999  13.235  -3.043  1.00 36.35  ? 5   GLU A N   1 
ATOM   30   C CA  . GLU A 1 5   ? -0.207  12.156  -3.636  1.00 30.95  ? 5   GLU A CA  1 
ATOM   31   C C   . GLU A 1 5   ? -0.988  11.358  -4.674  1.00 26.37  ? 5   GLU A C   1 
ATOM   32   O O   . GLU A 1 5   ? -2.121  10.948  -4.442  1.00 24.08  ? 5   GLU A O   1 
ATOM   33   C CB  . GLU A 1 5   ? 0.319   11.217  -2.537  1.00 28.72  ? 5   GLU A CB  1 
ATOM   34   C CG  . GLU A 1 5   ? 1.059   11.932  -1.412  1.00 29.46  ? 5   GLU A CG  1 
ATOM   35   C CD  . GLU A 1 5   ? 2.310   12.647  -1.884  1.00 30.15  ? 5   GLU A CD  1 
ATOM   36   O OE1 . GLU A 1 5   ? 2.695   13.665  -1.277  1.00 33.30  ? 5   GLU A OE1 1 
ATOM   37   O OE2 . GLU A 1 5   ? 2.911   12.197  -2.865  1.00 27.96  ? 5   GLU A OE2 1 
ATOM   38   N N   . GLU A 1 6   ? -0.365  11.110  -5.816  1.00 24.68  ? 6   GLU A N   1 
ATOM   39   C CA  . GLU A 1 6   ? -1.028  10.326  -6.854  1.00 23.66  ? 6   GLU A CA  1 
ATOM   40   C C   . GLU A 1 6   ? -1.327  8.860   -6.452  1.00 22.72  ? 6   GLU A C   1 
ATOM   41   O O   . GLU A 1 6   ? -2.206  8.229   -7.045  1.00 24.98  ? 6   GLU A O   1 
ATOM   42   C CB  . GLU A 1 6   ? -0.271  10.371  -8.191  1.00 21.64  ? 6   GLU A CB  1 
ATOM   43   C CG  . GLU A 1 6   ? 1.012   9.523   -8.267  1.00 22.25  ? 6   GLU A CG  1 
ATOM   44   C CD  . GLU A 1 6   ? 2.197   10.183  -7.581  1.00 21.57  ? 6   GLU A CD  1 
ATOM   45   O OE1 . GLU A 1 6   ? 3.292   9.564   -7.520  1.00 23.86  ? 6   GLU A OE1 1 
ATOM   46   O OE2 . GLU A 1 6   ? 2.034   11.327  -7.097  1.00 22.32  ? 6   GLU A OE2 1 
ATOM   47   N N   . TRP A 1 7   ? -0.596  8.288   -5.492  1.00 20.37  ? 7   TRP A N   1 
ATOM   48   C CA  . TRP A 1 7   ? -0.906  6.911   -5.086  1.00 18.95  ? 7   TRP A CA  1 
ATOM   49   C C   . TRP A 1 7   ? -1.920  6.898   -3.960  1.00 18.76  ? 7   TRP A C   1 
ATOM   50   O O   . TRP A 1 7   ? -2.200  5.849   -3.424  1.00 19.63  ? 7   TRP A O   1 
ATOM   51   C CB  . TRP A 1 7   ? 0.337   6.149   -4.648  1.00 19.88  ? 7   TRP A CB  1 
ATOM   52   C CG  . TRP A 1 7   ? 1.363   7.019   -4.053  1.00 20.34  ? 7   TRP A CG  1 
ATOM   53   C CD1 . TRP A 1 7   ? 2.476   7.503   -4.678  1.00 21.10  ? 7   TRP A CD1 1 
ATOM   54   C CD2 . TRP A 1 7   ? 1.405   7.522   -2.711  1.00 22.00  ? 7   TRP A CD2 1 
ATOM   55   N NE1 . TRP A 1 7   ? 3.212   8.266   -3.810  1.00 22.58  ? 7   TRP A NE1 1 
ATOM   56   C CE2 . TRP A 1 7   ? 2.585   8.292   -2.589  1.00 21.81  ? 7   TRP A CE2 1 
ATOM   57   C CE3 . TRP A 1 7   ? 0.565   7.389   -1.587  1.00 22.32  ? 7   TRP A CE3 1 
ATOM   58   C CZ2 . TRP A 1 7   ? 2.957   8.932   -1.389  1.00 21.92  ? 7   TRP A CZ2 1 
ATOM   59   C CZ3 . TRP A 1 7   ? 0.935   8.027   -0.384  1.00 21.63  ? 7   TRP A CZ3 1 
ATOM   60   C CH2 . TRP A 1 7   ? 2.122   8.783   -0.301  1.00 21.73  ? 7   TRP A CH2 1 
ATOM   61   N N   . TYR A 1 8   ? -2.404  8.070   -3.550  1.00 18.41  ? 8   TYR A N   1 
ATOM   62   C CA  . TYR A 1 8   ? -3.386  8.147   -2.485  1.00 20.25  ? 8   TYR A CA  1 
ATOM   63   C C   . TYR A 1 8   ? -4.815  8.166   -3.040  1.00 20.41  ? 8   TYR A C   1 
ATOM   64   O O   . TYR A 1 8   ? -5.286  9.190   -3.519  1.00 19.85  ? 8   TYR A O   1 
ATOM   65   C CB  . TYR A 1 8   ? -3.168  9.374   -1.605  1.00 19.43  ? 8   TYR A CB  1 
ATOM   66   C CG  . TYR A 1 8   ? -4.062  9.313   -0.385  1.00 22.49  ? 8   TYR A CG  1 
ATOM   67   C CD1 . TYR A 1 8   ? -3.838  8.355   0.602   1.00 23.86  ? 8   TYR A CD1 1 
ATOM   68   C CD2 . TYR A 1 8   ? -5.178  10.146  -0.250  1.00 20.22  ? 8   TYR A CD2 1 
ATOM   69   C CE1 . TYR A 1 8   ? -4.704  8.215   1.686   1.00 24.06  ? 8   TYR A CE1 1 
ATOM   70   C CE2 . TYR A 1 8   ? -6.040  10.014  0.825   1.00 19.81  ? 8   TYR A CE2 1 
ATOM   71   C CZ  . TYR A 1 8   ? -5.796  9.042   1.785   1.00 23.42  ? 8   TYR A CZ  1 
ATOM   72   O OH  . TYR A 1 8   ? -6.654  8.853   2.843   1.00 27.10  ? 8   TYR A OH  1 
ATOM   73   N N   . PHE A 1 9   ? -5.503  7.034   -2.939  1.00 21.38  ? 9   PHE A N   1 
ATOM   74   C CA  . PHE A 1 9   ? -6.869  6.895   -3.438  1.00 21.36  ? 9   PHE A CA  1 
ATOM   75   C C   . PHE A 1 9   ? -7.959  7.225   -2.395  1.00 22.56  ? 9   PHE A C   1 
ATOM   76   O O   . PHE A 1 9   ? -9.151  7.044   -2.643  1.00 22.35  ? 9   PHE A O   1 
ATOM   77   C CB  . PHE A 1 9   ? -7.071  5.491   -4.044  1.00 19.94  ? 9   PHE A CB  1 
ATOM   78   C CG  . PHE A 1 9   ? -6.437  5.315   -5.413  1.00 20.32  ? 9   PHE A CG  1 
ATOM   79   C CD1 . PHE A 1 9   ? -5.076  5.549   -5.613  1.00 20.57  ? 9   PHE A CD1 1 
ATOM   80   C CD2 . PHE A 1 9   ? -7.181  4.825   -6.481  1.00 22.57  ? 9   PHE A CD2 1 
ATOM   81   C CE1 . PHE A 1 9   ? -4.457  5.282   -6.850  1.00 19.10  ? 9   PHE A CE1 1 
ATOM   82   C CE2 . PHE A 1 9   ? -6.561  4.555   -7.723  1.00 23.28  ? 9   PHE A CE2 1 
ATOM   83   C CZ  . PHE A 1 9   ? -5.193  4.783   -7.895  1.00 18.47  ? 9   PHE A CZ  1 
ATOM   84   N N   . GLY A 1 10  ? -7.516  7.668   -1.221  1.00 24.67  ? 10  GLY A N   1 
ATOM   85   C CA  . GLY A 1 10  ? -8.403  8.082   -0.152  1.00 23.45  ? 10  GLY A CA  1 
ATOM   86   C C   . GLY A 1 10  ? -9.397  7.062   0.311   1.00 24.36  ? 10  GLY A C   1 
ATOM   87   O O   . GLY A 1 10  ? -9.044  5.936   0.625   1.00 26.17  ? 10  GLY A O   1 
ATOM   88   N N   . LYS A 1 11  ? -10.658 7.449   0.297   1.00 23.47  ? 11  LYS A N   1 
ATOM   89   C CA  . LYS A 1 11  ? -11.717 6.589   0.755   1.00 24.28  ? 11  LYS A CA  1 
ATOM   90   C C   . LYS A 1 11  ? -12.274 5.569   -0.238  1.00 24.65  ? 11  LYS A C   1 
ATOM   91   O O   . LYS A 1 11  ? -13.340 5.789   -0.818  1.00 26.30  ? 11  LYS A O   1 
ATOM   92   C CB  . LYS A 1 11  ? -12.855 7.441   1.324   1.00 25.31  ? 11  LYS A CB  1 
ATOM   93   C CG  . LYS A 1 11  ? -13.858 6.626   2.100   1.00 26.65  ? 11  LYS A CG  1 
ATOM   94   C CD  . LYS A 1 11  ? -14.899 7.514   2.689   1.00 25.17  ? 11  LYS A CD  1 
ATOM   95   C CE  . LYS A 1 11  ? -16.024 6.695   3.243   1.00 23.42  ? 11  LYS A CE  1 
ATOM   96   N NZ  . LYS A 1 11  ? -17.214 7.544   3.324   1.00 22.84  ? 11  LYS A NZ  1 
ATOM   97   N N   . ILE A 1 12  ? -11.554 4.471   -0.455  1.00 23.22  ? 12  ILE A N   1 
ATOM   98   C CA  . ILE A 1 12  ? -12.042 3.412   -1.322  1.00 19.52  ? 12  ILE A CA  1 
ATOM   99   C C   . ILE A 1 12  ? -12.044 2.119   -0.493  1.00 18.88  ? 12  ILE A C   1 
ATOM   100  O O   . ILE A 1 12  ? -11.377 2.027   0.531   1.00 17.60  ? 12  ILE A O   1 
ATOM   101  C CB  . ILE A 1 12  ? -11.278 3.314   -2.685  1.00 20.74  ? 12  ILE A CB  1 
ATOM   102  C CG1 . ILE A 1 12  ? -9.796  3.000   -2.508  1.00 16.67  ? 12  ILE A CG1 1 
ATOM   103  C CG2 . ILE A 1 12  ? -11.393 4.622   -3.408  1.00 20.03  ? 12  ILE A CG2 1 
ATOM   104  C CD1 . ILE A 1 12  ? -9.156  2.475   -3.793  1.00 15.38  ? 12  ILE A CD1 1 
ATOM   105  N N   . THR A 1 13  ? -12.877 1.165   -0.867  1.00 17.42  ? 13  THR A N   1 
ATOM   106  C CA  . THR A 1 13  ? -12.991 -0.056  -0.109  1.00 16.62  ? 13  THR A CA  1 
ATOM   107  C C   . THR A 1 13  ? -11.916 -1.041  -0.544  1.00 17.58  ? 13  THR A C   1 
ATOM   108  O O   . THR A 1 13  ? -11.300 -0.860  -1.578  1.00 15.95  ? 13  THR A O   1 
ATOM   109  C CB  . THR A 1 13  ? -14.426 -0.714  -0.311  1.00 17.45  ? 13  THR A CB  1 
ATOM   110  O OG1 . THR A 1 13  ? -14.607 -1.117  -1.676  1.00 17.74  ? 13  THR A OG1 1 
ATOM   111  C CG2 . THR A 1 13  ? -15.541 0.258   0.059   1.00 14.92  ? 13  THR A CG2 1 
ATOM   112  N N   . ARG A 1 14  ? -11.717 -2.087  0.251   1.00 17.19  ? 14  ARG A N   1 
ATOM   113  C CA  . ARG A 1 14  ? -10.783 -3.166  -0.041  1.00 19.11  ? 14  ARG A CA  1 
ATOM   114  C C   . ARG A 1 14  ? -11.136 -3.862  -1.364  1.00 19.31  ? 14  ARG A C   1 
ATOM   115  O O   . ARG A 1 14  ? -10.241 -4.134  -2.166  1.00 21.58  ? 14  ARG A O   1 
ATOM   116  C CB  . ARG A 1 14  ? -10.811 -4.171  1.112   1.00 18.23  ? 14  ARG A CB  1 
ATOM   117  C CG  . ARG A 1 14  ? -10.074 -5.458  0.916   1.00 18.67  ? 14  ARG A CG  1 
ATOM   118  C CD  . ARG A 1 14  ? -9.332  -5.706  2.195   1.00 25.51  ? 14  ARG A CD  1 
ATOM   119  N NE  . ARG A 1 14  ? -9.313  -7.090  2.648   1.00 28.90  ? 14  ARG A NE  1 
ATOM   120  C CZ  . ARG A 1 14  ? -8.648  -7.498  3.728   1.00 29.65  ? 14  ARG A CZ  1 
ATOM   121  N NH1 . ARG A 1 14  ? -8.683  -8.771  4.081   1.00 34.21  ? 14  ARG A NH1 1 
ATOM   122  N NH2 . ARG A 1 14  ? -7.940  -6.637  4.452   1.00 28.90  ? 14  ARG A NH2 1 
ATOM   123  N N   . ARG A 1 15  ? -12.430 -4.113  -1.609  1.00 20.50  ? 15  ARG A N   1 
ATOM   124  C CA  . ARG A 1 15  ? -12.903 -4.780  -2.842  1.00 19.81  ? 15  ARG A CA  1 
ATOM   125  C C   . ARG A 1 15  ? -12.564 -3.990  -4.088  1.00 19.71  ? 15  ARG A C   1 
ATOM   126  O O   . ARG A 1 15  ? -12.232 -4.538  -5.119  1.00 20.40  ? 15  ARG A O   1 
ATOM   127  C CB  . ARG A 1 15  ? -14.419 -5.014  -2.804  1.00 21.77  ? 15  ARG A CB  1 
ATOM   128  C CG  . ARG A 1 15  ? -14.959 -5.595  -4.128  1.00 25.15  ? 15  ARG A CG  1 
ATOM   129  C CD  . ARG A 1 15  ? -16.415 -6.095  -4.077  1.00 29.29  ? 15  ARG A CD  1 
ATOM   130  N NE  . ARG A 1 15  ? -16.769 -6.839  -5.295  1.00 28.34  ? 15  ARG A NE  1 
ATOM   131  C CZ  . ARG A 1 15  ? -16.763 -8.173  -5.399  1.00 30.36  ? 15  ARG A CZ  1 
ATOM   132  N NH1 . ARG A 1 15  ? -16.445 -8.937  -4.348  1.00 29.89  ? 15  ARG A NH1 1 
ATOM   133  N NH2 . ARG A 1 15  ? -17.003 -8.750  -6.577  1.00 30.21  ? 15  ARG A NH2 1 
ATOM   134  N N   . GLU A 1 16  ? -12.758 -2.693  -3.987  1.00 19.87  ? 16  GLU A N   1 
ATOM   135  C CA  . GLU A 1 16  ? -12.468 -1.761  -5.049  1.00 21.71  ? 16  GLU A CA  1 
ATOM   136  C C   . GLU A 1 16  ? -10.965 -1.657  -5.325  1.00 21.96  ? 16  GLU A C   1 
ATOM   137  O O   . GLU A 1 16  ? -10.556 -1.444  -6.482  1.00 20.73  ? 16  GLU A O   1 
ATOM   138  C CB  . GLU A 1 16  ? -13.011 -0.384  -4.657  1.00 23.38  ? 16  GLU A CB  1 
ATOM   139  C CG  . GLU A 1 16  ? -12.593 0.744   -5.568  1.00 24.02  ? 16  GLU A CG  1 
ATOM   140  C CD  . GLU A 1 16  ? -13.183 0.646   -6.965  1.00 27.56  ? 16  GLU A CD  1 
ATOM   141  O OE1 . GLU A 1 16  ? -12.841 1.533   -7.777  1.00 29.66  ? 16  GLU A OE1 1 
ATOM   142  O OE2 . GLU A 1 16  ? -13.983 -0.286  -7.266  1.00 27.86  ? 16  GLU A OE2 1 
ATOM   143  N N   . SER A 1 17  ? -10.151 -1.731  -4.265  1.00 20.36  ? 17  SER A N   1 
ATOM   144  C CA  . SER A 1 17  ? -8.698  -1.658  -4.422  1.00 17.60  ? 17  SER A CA  1 
ATOM   145  C C   . SER A 1 17  ? -8.282  -2.927  -5.112  1.00 17.39  ? 17  SER A C   1 
ATOM   146  O O   . SER A 1 17  ? -7.361  -2.914  -5.923  1.00 19.38  ? 17  SER A O   1 
ATOM   147  C CB  . SER A 1 17  ? -7.980  -1.489  -3.082  1.00 15.83  ? 17  SER A CB  1 
ATOM   148  O OG  . SER A 1 17  ? -8.037  -2.658  -2.294  1.00 19.24  ? 17  SER A OG  1 
ATOM   149  N N   . GLU A 1 18  ? -8.994  -4.022  -4.823  1.00 16.17  ? 18  GLU A N   1 
ATOM   150  C CA  . GLU A 1 18  ? -8.718  -5.306  -5.482  1.00 15.97  ? 18  GLU A CA  1 
ATOM   151  C C   . GLU A 1 18  ? -9.186  -5.298  -6.959  1.00 15.58  ? 18  GLU A C   1 
ATOM   152  O O   . GLU A 1 18  ? -8.551  -5.904  -7.829  1.00 15.33  ? 18  GLU A O   1 
ATOM   153  C CB  . GLU A 1 18  ? -9.355  -6.460  -4.705  1.00 15.32  ? 18  GLU A CB  1 
ATOM   154  C CG  . GLU A 1 18  ? -8.611  -6.804  -3.392  1.00 18.79  ? 18  GLU A CG  1 
ATOM   155  C CD  . GLU A 1 18  ? -9.387  -7.737  -2.457  1.00 17.84  ? 18  GLU A CD  1 
ATOM   156  O OE1 . GLU A 1 18  ? -8.863  -8.111  -1.396  1.00 16.95  ? 18  GLU A OE1 1 
ATOM   157  O OE2 . GLU A 1 18  ? -10.535 -8.090  -2.765  1.00 22.30  ? 18  GLU A OE2 1 
ATOM   158  N N   . ARG A 1 19  ? -10.280 -4.593  -7.236  1.00 15.23  ? 19  ARG A N   1 
ATOM   159  C CA  . ARG A 1 19  ? -10.778 -4.481  -8.587  1.00 17.40  ? 19  ARG A CA  1 
ATOM   160  C C   . ARG A 1 19  ? -9.761  -3.729  -9.440  1.00 17.75  ? 19  ARG A C   1 
ATOM   161  O O   . ARG A 1 19  ? -9.489  -4.096  -10.575 1.00 19.72  ? 19  ARG A O   1 
ATOM   162  C CB  . ARG A 1 19  ? -12.103 -3.719  -8.634  1.00 18.95  ? 19  ARG A CB  1 
ATOM   163  C CG  . ARG A 1 19  ? -12.791 -3.881  -10.001 1.00 22.17  ? 19  ARG A CG  1 
ATOM   164  C CD  . ARG A 1 19  ? -14.024 -3.005  -10.122 1.00 25.60  ? 19  ARG A CD  1 
ATOM   165  N NE  . ARG A 1 19  ? -13.712 -1.592  -9.936  1.00 28.54  ? 19  ARG A NE  1 
ATOM   166  C CZ  . ARG A 1 19  ? -13.239 -0.796  -10.887 1.00 29.29  ? 19  ARG A CZ  1 
ATOM   167  N NH1 . ARG A 1 19  ? -13.029 -1.263  -12.112 1.00 31.14  ? 19  ARG A NH1 1 
ATOM   168  N NH2 . ARG A 1 19  ? -12.917 0.454   -10.594 1.00 30.62  ? 19  ARG A NH2 1 
ATOM   169  N N   . LEU A 1 20  ? -9.217  -2.652  -8.903  1.00 19.27  ? 20  LEU A N   1 
ATOM   170  C CA  . LEU A 1 20  ? -8.240  -1.863  -9.636  1.00 18.92  ? 20  LEU A CA  1 
ATOM   171  C C   . LEU A 1 20  ? -6.914  -2.594  -9.821  1.00 18.67  ? 20  LEU A C   1 
ATOM   172  O O   . LEU A 1 20  ? -6.350  -2.563  -10.904 1.00 19.34  ? 20  LEU A O   1 
ATOM   173  C CB  . LEU A 1 20  ? -7.995  -0.538  -8.922  1.00 19.09  ? 20  LEU A CB  1 
ATOM   174  C CG  . LEU A 1 20  ? -9.125  0.498   -8.903  1.00 19.31  ? 20  LEU A CG  1 
ATOM   175  C CD1 . LEU A 1 20  ? -8.774  1.602   -7.905  1.00 15.20  ? 20  LEU A CD1 1 
ATOM   176  C CD2 . LEU A 1 20  ? -9.341  1.051   -10.316 1.00 19.27  ? 20  LEU A CD2 1 
ATOM   177  N N   . LEU A 1 21  ? -6.472  -3.330  -8.801  1.00 19.11  ? 21  LEU A N   1 
ATOM   178  C CA  . LEU A 1 21  ? -5.182  -4.017  -8.849  1.00 17.35  ? 21  LEU A CA  1 
ATOM   179  C C   . LEU A 1 21  ? -5.177  -5.376  -9.540  1.00 19.03  ? 21  LEU A C   1 
ATOM   180  O O   . LEU A 1 21  ? -4.152  -5.801  -10.047 1.00 18.26  ? 21  LEU A O   1 
ATOM   181  C CB  . LEU A 1 21  ? -4.564  -4.090  -7.437  1.00 16.12  ? 21  LEU A CB  1 
ATOM   182  C CG  . LEU A 1 21  ? -4.315  -2.737  -6.730  1.00 15.51  ? 21  LEU A CG  1 
ATOM   183  C CD1 . LEU A 1 21  ? -4.263  -2.885  -5.226  1.00 13.25  ? 21  LEU A CD1 1 
ATOM   184  C CD2 . LEU A 1 21  ? -3.037  -2.104  -7.240  1.00 12.83  ? 21  LEU A CD2 1 
ATOM   185  N N   . LEU A 1 22  ? -6.331  -6.030  -9.631  1.00 21.11  ? 22  LEU A N   1 
ATOM   186  C CA  . LEU A 1 22  ? -6.393  -7.328  -10.280 1.00 22.20  ? 22  LEU A CA  1 
ATOM   187  C C   . LEU A 1 22  ? -6.567  -7.132  -11.767 1.00 23.32  ? 22  LEU A C   1 
ATOM   188  O O   . LEU A 1 22  ? -7.563  -7.543  -12.363 1.00 25.63  ? 22  LEU A O   1 
ATOM   189  C CB  . LEU A 1 22  ? -7.534  -8.166  -9.702  1.00 24.20  ? 22  LEU A CB  1 
ATOM   190  C CG  . LEU A 1 22  ? -7.291  -8.858  -8.356  1.00 27.27  ? 22  LEU A CG  1 
ATOM   191  C CD1 . LEU A 1 22  ? -8.631  -9.235  -7.681  1.00 26.49  ? 22  LEU A CD1 1 
ATOM   192  C CD2 . LEU A 1 22  ? -6.387  -10.075 -8.553  1.00 25.88  ? 22  LEU A CD2 1 
ATOM   193  N N   . ASN A 1 23  ? -5.641  -6.413  -12.361 1.00 23.04  ? 23  ASN A N   1 
ATOM   194  C CA  . ASN A 1 23  ? -5.704  -6.200  -13.786 1.00 22.45  ? 23  ASN A CA  1 
ATOM   195  C C   . ASN A 1 23  ? -4.480  -6.909  -14.361 1.00 21.20  ? 23  ASN A C   1 
ATOM   196  O O   . ASN A 1 23  ? -3.377  -6.770  -13.818 1.00 19.69  ? 23  ASN A O   1 
ATOM   197  C CB  . ASN A 1 23  ? -5.709  -4.723  -14.088 1.00 24.93  ? 23  ASN A CB  1 
ATOM   198  C CG  . ASN A 1 23  ? -5.655  -4.457  -15.552 1.00 31.14  ? 23  ASN A CG  1 
ATOM   199  O OD1 . ASN A 1 23  ? -4.902  -5.105  -16.289 1.00 31.96  ? 23  ASN A OD1 1 
ATOM   200  N ND2 . ASN A 1 23  ? -6.470  -3.517  -16.007 1.00 35.95  ? 23  ASN A ND2 1 
ATOM   201  N N   . ALA A 1 24  ? -4.674  -7.684  -15.431 1.00 19.96  ? 24  ALA A N   1 
ATOM   202  C CA  . ALA A 1 24  ? -3.590  -8.482  -16.035 1.00 20.54  ? 24  ALA A CA  1 
ATOM   203  C C   . ALA A 1 24  ? -2.323  -7.731  -16.399 1.00 20.15  ? 24  ALA A C   1 
ATOM   204  O O   . ALA A 1 24  ? -1.252  -8.305  -16.493 1.00 21.44  ? 24  ALA A O   1 
ATOM   205  C CB  . ALA A 1 24  ? -4.097  -9.245  -17.254 1.00 19.72  ? 24  ALA A CB  1 
ATOM   206  N N   . GLU A 1 25  ? -2.467  -6.450  -16.649 1.00 20.13  ? 25  GLU A N   1 
ATOM   207  C CA  . GLU A 1 25  ? -1.355  -5.615  -17.017 1.00 22.83  ? 25  GLU A CA  1 
ATOM   208  C C   . GLU A 1 25  ? -0.516  -5.041  -15.876 1.00 21.91  ? 25  GLU A C   1 
ATOM   209  O O   . GLU A 1 25  ? 0.568   -4.538  -16.117 1.00 22.39  ? 25  GLU A O   1 
ATOM   210  C CB  . GLU A 1 25  ? -1.879  -4.515  -17.898 1.00 25.32  ? 25  GLU A CB  1 
ATOM   211  C CG  . GLU A 1 25  ? -2.364  -5.099  -19.172 1.00 31.47  ? 25  GLU A CG  1 
ATOM   212  C CD  . GLU A 1 25  ? -3.261  -4.170  -19.911 1.00 36.20  ? 25  GLU A CD  1 
ATOM   213  O OE1 . GLU A 1 25  ? -4.319  -4.653  -20.388 1.00 40.11  ? 25  GLU A OE1 1 
ATOM   214  O OE2 . GLU A 1 25  ? -2.915  -2.965  -19.999 1.00 38.40  ? 25  GLU A OE2 1 
ATOM   215  N N   . ASN A 1 26  ? -1.025  -5.084  -14.653 1.00 20.44  ? 26  ASN A N   1 
ATOM   216  C CA  . ASN A 1 26  ? -0.286  -4.595  -13.485 1.00 20.72  ? 26  ASN A CA  1 
ATOM   217  C C   . ASN A 1 26  ? 0.911   -5.525  -13.156 1.00 20.49  ? 26  ASN A C   1 
ATOM   218  O O   . ASN A 1 26  ? 0.770   -6.754  -13.128 1.00 20.19  ? 26  ASN A O   1 
ATOM   219  C CB  . ASN A 1 26  ? -1.213  -4.534  -12.270 1.00 16.63  ? 26  ASN A CB  1 
ATOM   220  C CG  . ASN A 1 26  ? -2.307  -3.482  -12.420 1.00 20.49  ? 26  ASN A CG  1 
ATOM   221  O OD1 . ASN A 1 26  ? -2.167  -2.533  -13.205 1.00 19.90  ? 26  ASN A OD1 1 
ATOM   222  N ND2 . ASN A 1 26  ? -3.376  -3.607  -11.626 1.00 16.79  ? 26  ASN A ND2 1 
ATOM   223  N N   . PRO A 1 27  ? 2.127   -4.969  -13.042 1.00 19.99  ? 27  PRO A N   1 
ATOM   224  C CA  . PRO A 1 27  ? 3.223   -5.895  -12.717 1.00 18.36  ? 27  PRO A CA  1 
ATOM   225  C C   . PRO A 1 27  ? 3.237   -6.049  -11.189 1.00 16.64  ? 27  PRO A C   1 
ATOM   226  O O   . PRO A 1 27  ? 2.540   -5.300  -10.501 1.00 19.17  ? 27  PRO A O   1 
ATOM   227  C CB  . PRO A 1 27  ? 4.463   -5.173  -13.262 1.00 16.53  ? 27  PRO A CB  1 
ATOM   228  C CG  . PRO A 1 27  ? 4.113   -3.724  -13.104 1.00 19.38  ? 27  PRO A CG  1 
ATOM   229  C CD  . PRO A 1 27  ? 2.635   -3.638  -13.467 1.00 19.87  ? 27  PRO A CD  1 
ATOM   230  N N   . ARG A 1 28  ? 3.982   -7.008  -10.654 1.00 15.42  ? 28  ARG A N   1 
ATOM   231  C CA  . ARG A 1 28  ? 4.048   -7.183  -9.200  1.00 16.22  ? 28  ARG A CA  1 
ATOM   232  C C   . ARG A 1 28  ? 4.499   -5.869  -8.537  1.00 15.86  ? 28  ARG A C   1 
ATOM   233  O O   . ARG A 1 28  ? 5.394   -5.162  -9.066  1.00 17.14  ? 28  ARG A O   1 
ATOM   234  C CB  . ARG A 1 28  ? 5.031   -8.292  -8.839  1.00 16.80  ? 28  ARG A CB  1 
ATOM   235  C CG  . ARG A 1 28  ? 4.847   -9.575  -9.598  1.00 20.04  ? 28  ARG A CG  1 
ATOM   236  C CD  . ARG A 1 28  ? 5.969   -10.559 -9.277  1.00 22.94  ? 28  ARG A CD  1 
ATOM   237  N NE  . ARG A 1 28  ? 5.928   -10.961 -7.864  1.00 33.07  ? 28  ARG A NE  1 
ATOM   238  C CZ  . ARG A 1 28  ? 6.931   -11.545 -7.195  1.00 33.41  ? 28  ARG A CZ  1 
ATOM   239  N NH1 . ARG A 1 28  ? 8.075   -11.801 -7.821  1.00 35.77  ? 28  ARG A NH1 1 
ATOM   240  N NH2 . ARG A 1 28  ? 6.785   -11.896 -5.914  1.00 30.68  ? 28  ARG A NH2 1 
ATOM   241  N N   . GLY A 1 29  ? 3.858   -5.510  -7.428  1.00 13.33  ? 29  GLY A N   1 
ATOM   242  C CA  . GLY A 1 29  ? 4.237   -4.295  -6.741  1.00 10.95  ? 29  GLY A CA  1 
ATOM   243  C C   . GLY A 1 29  ? 3.463   -3.064  -7.122  1.00 13.39  ? 29  GLY A C   1 
ATOM   244  O O   . GLY A 1 29  ? 3.867   -1.965  -6.774  1.00 13.62  ? 29  GLY A O   1 
ATOM   245  N N   . THR A 1 30  ? 2.420   -3.220  -7.934  1.00 14.94  ? 30  THR A N   1 
ATOM   246  C CA  . THR A 1 30  ? 1.552   -2.085  -8.301  1.00 15.83  ? 30  THR A CA  1 
ATOM   247  C C   . THR A 1 30  ? 0.848   -1.815  -6.967  1.00 15.64  ? 30  THR A C   1 
ATOM   248  O O   . THR A 1 30  ? 0.522   -2.752  -6.229  1.00 16.51  ? 30  THR A O   1 
ATOM   249  C CB  . THR A 1 30  ? 0.546   -2.459  -9.448  1.00 15.21  ? 30  THR A CB  1 
ATOM   250  O OG1 . THR A 1 30  ? 1.291   -2.797  -10.629 1.00 13.75  ? 30  THR A OG1 1 
ATOM   251  C CG2 . THR A 1 30  ? -0.396  -1.311  -9.757  1.00 12.03  ? 30  THR A CG2 1 
ATOM   252  N N   . PHE A 1 31  ? 0.604   -0.559  -6.635  1.00 15.86  ? 31  PHE A N   1 
ATOM   253  C CA  . PHE A 1 31  ? 0.056   -0.296  -5.320  1.00 14.12  ? 31  PHE A CA  1 
ATOM   254  C C   . PHE A 1 31  ? -0.759  0.985   -5.243  1.00 14.80  ? 31  PHE A C   1 
ATOM   255  O O   . PHE A 1 31  ? -0.811  1.786   -6.190  1.00 11.44  ? 31  PHE A O   1 
ATOM   256  C CB  . PHE A 1 31  ? 1.241   -0.210  -4.311  1.00 13.78  ? 31  PHE A CB  1 
ATOM   257  C CG  . PHE A 1 31  ? 2.052   1.078   -4.428  1.00 15.21  ? 31  PHE A CG  1 
ATOM   258  C CD1 . PHE A 1 31  ? 1.814   2.160   -3.546  1.00 14.87  ? 31  PHE A CD1 1 
ATOM   259  C CD2 . PHE A 1 31  ? 2.951   1.271   -5.492  1.00 14.66  ? 31  PHE A CD2 1 
ATOM   260  C CE1 . PHE A 1 31  ? 2.450   3.419   -3.733  1.00 14.71  ? 31  PHE A CE1 1 
ATOM   261  C CE2 . PHE A 1 31  ? 3.593   2.516   -5.693  1.00 13.19  ? 31  PHE A CE2 1 
ATOM   262  C CZ  . PHE A 1 31  ? 3.340   3.595   -4.814  1.00 13.97  ? 31  PHE A CZ  1 
ATOM   263  N N   . LEU A 1 32  ? -1.388  1.164   -4.086  1.00 14.45  ? 32  LEU A N   1 
ATOM   264  C CA  . LEU A 1 32  ? -2.159  2.353   -3.790  1.00 14.49  ? 32  LEU A CA  1 
ATOM   265  C C   . LEU A 1 32  ? -2.267  2.393   -2.265  1.00 13.87  ? 32  LEU A C   1 
ATOM   266  O O   . LEU A 1 32  ? -1.969  1.397   -1.596  1.00 14.31  ? 32  LEU A O   1 
ATOM   267  C CB  . LEU A 1 32  ? -3.544  2.300   -4.457  1.00 12.14  ? 32  LEU A CB  1 
ATOM   268  C CG  . LEU A 1 32  ? -4.587  1.257   -4.058  1.00 12.57  ? 32  LEU A CG  1 
ATOM   269  C CD1 . LEU A 1 32  ? -5.399  1.770   -2.925  1.00 13.42  ? 32  LEU A CD1 1 
ATOM   270  C CD2 . LEU A 1 32  ? -5.517  0.967   -5.209  1.00 14.10  ? 32  LEU A CD2 1 
ATOM   271  N N   . VAL A 1 33  ? -2.556  3.578   -1.739  1.00 14.61  ? 33  VAL A N   1 
ATOM   272  C CA  . VAL A 1 33  ? -2.764  3.813   -0.309  1.00 13.10  ? 33  VAL A CA  1 
ATOM   273  C C   . VAL A 1 33  ? -4.201  4.329   -0.193  1.00 13.39  ? 33  VAL A C   1 
ATOM   274  O O   . VAL A 1 33  ? -4.683  5.111   -1.018  1.00 15.91  ? 33  VAL A O   1 
ATOM   275  C CB  . VAL A 1 33  ? -1.737  4.845   0.278   1.00 11.71  ? 33  VAL A CB  1 
ATOM   276  C CG1 . VAL A 1 33  ? -2.086  5.190   1.712   1.00 12.55  ? 33  VAL A CG1 1 
ATOM   277  C CG2 . VAL A 1 33  ? -0.266  4.268   0.208   1.00 7.81   ? 33  VAL A CG2 1 
ATOM   278  N N   . ARG A 1 34  ? -4.933  3.796   0.758   1.00 15.23  ? 34  ARG A N   1 
ATOM   279  C CA  . ARG A 1 34  ? -6.309  4.197   0.971   1.00 15.99  ? 34  ARG A CA  1 
ATOM   280  C C   . ARG A 1 34  ? -6.581  4.203   2.478   1.00 16.51  ? 34  ARG A C   1 
ATOM   281  O O   . ARG A 1 34  ? -5.685  3.971   3.295   1.00 16.60  ? 34  ARG A O   1 
ATOM   282  C CB  . ARG A 1 34  ? -7.251  3.205   0.276   1.00 15.60  ? 34  ARG A CB  1 
ATOM   283  C CG  . ARG A 1 34  ? -7.060  1.766   0.783   1.00 16.21  ? 34  ARG A CG  1 
ATOM   284  C CD  . ARG A 1 34  ? -7.845  0.785   -0.003  1.00 13.41  ? 34  ARG A CD  1 
ATOM   285  N NE  . ARG A 1 34  ? -7.576  -0.588  0.432   1.00 15.48  ? 34  ARG A NE  1 
ATOM   286  C CZ  . ARG A 1 34  ? -8.072  -1.149  1.537   1.00 11.94  ? 34  ARG A CZ  1 
ATOM   287  N NH1 . ARG A 1 34  ? -7.781  -2.413  1.816   1.00 9.44   ? 34  ARG A NH1 1 
ATOM   288  N NH2 . ARG A 1 34  ? -8.809  -0.443  2.386   1.00 9.56   ? 34  ARG A NH2 1 
ATOM   289  N N   . GLU A 1 35  ? -7.801  4.571   2.834   1.00 18.07  ? 35  GLU A N   1 
ATOM   290  C CA  . GLU A 1 35  ? -8.216  4.570   4.211   1.00 20.33  ? 35  GLU A CA  1 
ATOM   291  C C   . GLU A 1 35  ? -8.503  3.114   4.580   1.00 20.02  ? 35  GLU A C   1 
ATOM   292  O O   . GLU A 1 35  ? -8.832  2.265   3.735   1.00 19.12  ? 35  GLU A O   1 
ATOM   293  C CB  . GLU A 1 35  ? -9.516  5.346   4.371   1.00 23.58  ? 35  GLU A CB  1 
ATOM   294  C CG  . GLU A 1 35  ? -9.380  6.827   4.565   1.00 29.18  ? 35  GLU A CG  1 
ATOM   295  C CD  . GLU A 1 35  ? -10.739 7.528   4.548   1.00 33.47  ? 35  GLU A CD  1 
ATOM   296  O OE1 . GLU A 1 35  ? -10.847 8.606   3.921   1.00 37.22  ? 35  GLU A OE1 1 
ATOM   297  O OE2 . GLU A 1 35  ? -11.711 7.005   5.142   1.00 36.30  ? 35  GLU A OE2 1 
ATOM   298  N N   . SER A 1 36  ? -8.314  2.823   5.849   1.00 20.68  ? 36  SER A N   1 
ATOM   299  C CA  . SER A 1 36  ? -8.625  1.523   6.375   1.00 19.96  ? 36  SER A CA  1 
ATOM   300  C C   . SER A 1 36  ? -10.149 1.560   6.497   1.00 20.74  ? 36  SER A C   1 
ATOM   301  O O   . SER A 1 36  ? -10.740 2.591   6.837   1.00 18.12  ? 36  SER A O   1 
ATOM   302  C CB  . SER A 1 36  ? -8.007  1.390   7.755   1.00 20.23  ? 36  SER A CB  1 
ATOM   303  O OG  . SER A 1 36  ? -8.496  0.249   8.401   1.00 22.01  ? 36  SER A OG  1 
ATOM   304  N N   . GLU A 1 37  ? -10.805 0.480   6.118   1.00 24.42  ? 37  GLU A N   1 
ATOM   305  C CA  . GLU A 1 37  ? -12.250 0.443   6.248   1.00 27.63  ? 37  GLU A CA  1 
ATOM   306  C C   . GLU A 1 37  ? -12.672 0.418   7.747   1.00 32.75  ? 37  GLU A C   1 
ATOM   307  O O   . GLU A 1 37  ? -13.631 1.096   8.147   1.00 33.78  ? 37  GLU A O   1 
ATOM   308  C CB  . GLU A 1 37  ? -12.796 -0.803  5.564   1.00 24.85  ? 37  GLU A CB  1 
ATOM   309  C CG  . GLU A 1 37  ? -12.769 -0.825  4.055   1.00 20.68  ? 37  GLU A CG  1 
ATOM   310  C CD  . GLU A 1 37  ? -13.477 -2.056  3.550   1.00 20.35  ? 37  GLU A CD  1 
ATOM   311  O OE1 . GLU A 1 37  ? -13.931 -2.831  4.407   1.00 20.31  ? 37  GLU A OE1 1 
ATOM   312  O OE2 . GLU A 1 37  ? -13.608 -2.270  2.322   1.00 21.45  ? 37  GLU A OE2 1 
ATOM   313  N N   . THR A 1 38  ? -11.950 -0.349  8.567   1.00 36.31  ? 38  THR A N   1 
ATOM   314  C CA  . THR A 1 38  ? -12.306 -0.486  9.980   1.00 39.95  ? 38  THR A CA  1 
ATOM   315  C C   . THR A 1 38  ? -11.361 0.081   11.069  1.00 42.32  ? 38  THR A C   1 
ATOM   316  O O   . THR A 1 38  ? -11.813 0.411   12.181  1.00 43.14  ? 38  THR A O   1 
ATOM   317  C CB  . THR A 1 38  ? -12.741 -1.963  10.293  1.00 40.25  ? 38  THR A CB  1 
ATOM   318  O OG1 . THR A 1 38  ? -11.717 -2.893  9.901   1.00 38.38  ? 38  THR A OG1 1 
ATOM   319  C CG2 . THR A 1 38  ? -14.048 -2.289  9.540   1.00 39.39  ? 38  THR A CG2 1 
ATOM   320  N N   . THR A 1 39  ? -10.069 0.217   10.769  1.00 43.64  ? 39  THR A N   1 
ATOM   321  C CA  . THR A 1 39  ? -9.139  0.784   11.757  1.00 43.87  ? 39  THR A CA  1 
ATOM   322  C C   . THR A 1 39  ? -9.011  2.287   11.507  1.00 44.53  ? 39  THR A C   1 
ATOM   323  O O   . THR A 1 39  ? -8.475  2.722   10.477  1.00 44.47  ? 39  THR A O   1 
ATOM   324  C CB  . THR A 1 39  ? -7.741  0.154   11.692  1.00 43.01  ? 39  THR A CB  1 
ATOM   325  O OG1 . THR A 1 39  ? -7.835  -1.276  11.792  1.00 41.86  ? 39  THR A OG1 1 
ATOM   326  C CG2 . THR A 1 39  ? -6.893  0.693   12.833  1.00 42.88  ? 39  THR A CG2 1 
ATOM   327  N N   . LYS A 1 40  ? -9.576  3.078   12.408  1.00 44.60  ? 40  LYS A N   1 
ATOM   328  C CA  . LYS A 1 40  ? -9.511  4.523   12.257  1.00 44.38  ? 40  LYS A CA  1 
ATOM   329  C C   . LYS A 1 40  ? -8.071  4.997   12.489  1.00 42.52  ? 40  LYS A C   1 
ATOM   330  O O   . LYS A 1 40  ? -7.321  4.434   13.301  1.00 40.66  ? 40  LYS A O   1 
ATOM   331  C CB  . LYS A 1 40  ? -10.512 5.233   13.189  1.00 47.51  ? 40  LYS A CB  1 
ATOM   332  C CG  . LYS A 1 40  ? -10.196 5.178   14.702  1.00 51.87  ? 40  LYS A CG  1 
ATOM   333  C CD  . LYS A 1 40  ? -10.169 3.748   15.263  1.00 54.95  ? 40  LYS A CD  1 
ATOM   334  C CE  . LYS A 1 40  ? -8.875  3.488   16.046  1.00 56.12  ? 40  LYS A CE  1 
ATOM   335  N NZ  . LYS A 1 40  ? -8.203  2.220   15.614  1.00 57.07  ? 40  LYS A NZ  1 
ATOM   336  N N   . GLY A 1 41  ? -7.663  5.981   11.703  1.00 40.17  ? 41  GLY A N   1 
ATOM   337  C CA  . GLY A 1 41  ? -6.319  6.491   11.825  1.00 36.58  ? 41  GLY A CA  1 
ATOM   338  C C   . GLY A 1 41  ? -5.296  5.556   11.224  1.00 33.39  ? 41  GLY A C   1 
ATOM   339  O O   . GLY A 1 41  ? -4.086  5.719   11.452  1.00 34.41  ? 41  GLY A O   1 
ATOM   340  N N   . ALA A 1 42  ? -5.770  4.519   10.543  1.00 27.94  ? 42  ALA A N   1 
ATOM   341  C CA  . ALA A 1 42  ? -4.858  3.609   9.889   1.00 24.05  ? 42  ALA A CA  1 
ATOM   342  C C   . ALA A 1 42  ? -5.126  3.782   8.419   1.00 23.42  ? 42  ALA A C   1 
ATOM   343  O O   . ALA A 1 42  ? -6.200  4.241   8.038   1.00 24.28  ? 42  ALA A O   1 
ATOM   344  C CB  . ALA A 1 42  ? -5.124  2.184   10.302  1.00 23.54  ? 42  ALA A CB  1 
ATOM   345  N N   . TYR A 1 43  ? -4.136  3.498   7.594   1.00 21.98  ? 43  TYR A N   1 
ATOM   346  C CA  . TYR A 1 43  ? -4.316  3.574   6.157   1.00 21.27  ? 43  TYR A CA  1 
ATOM   347  C C   . TYR A 1 43  ? -4.106  2.164   5.754   1.00 20.07  ? 43  TYR A C   1 
ATOM   348  O O   . TYR A 1 43  ? -3.768  1.332   6.588   1.00 19.27  ? 43  TYR A O   1 
ATOM   349  C CB  . TYR A 1 43  ? -3.217  4.395   5.490   1.00 23.64  ? 43  TYR A CB  1 
ATOM   350  C CG  . TYR A 1 43  ? -3.320  5.825   5.802   1.00 26.80  ? 43  TYR A CG  1 
ATOM   351  C CD1 . TYR A 1 43  ? -2.449  6.419   6.703   1.00 27.51  ? 43  TYR A CD1 1 
ATOM   352  C CD2 . TYR A 1 43  ? -4.335  6.584   5.240   1.00 28.78  ? 43  TYR A CD2 1 
ATOM   353  C CE1 . TYR A 1 43  ? -2.588  7.751   7.048   1.00 31.95  ? 43  TYR A CE1 1 
ATOM   354  C CE2 . TYR A 1 43  ? -4.495  7.906   5.565   1.00 32.07  ? 43  TYR A CE2 1 
ATOM   355  C CZ  . TYR A 1 43  ? -3.622  8.501   6.475   1.00 32.44  ? 43  TYR A CZ  1 
ATOM   356  O OH  . TYR A 1 43  ? -3.804  9.835   6.810   1.00 34.42  ? 43  TYR A OH  1 
ATOM   357  N N   . CYS A 1 44  ? -4.250  1.901   4.469   1.00 18.26  ? 44  CYS A N   1 
ATOM   358  C CA  . CYS A 1 44  ? -4.008  0.577   3.966   1.00 18.39  ? 44  CYS A CA  1 
ATOM   359  C C   . CYS A 1 44  ? -3.196  0.719   2.745   1.00 15.28  ? 44  CYS A C   1 
ATOM   360  O O   . CYS A 1 44  ? -3.470  1.594   1.943   1.00 14.91  ? 44  CYS A O   1 
ATOM   361  C CB  . CYS A 1 44  ? -5.287  -0.137  3.600   1.00 22.37  ? 44  CYS A CB  1 
ATOM   362  S SG  . CYS A 1 44  ? -5.714  -1.276  4.854   1.00 36.20  ? 44  CYS A SG  1 
ATOM   363  N N   . LEU A 1 45  ? -2.158  -0.099  2.643   1.00 11.35  ? 45  LEU A N   1 
ATOM   364  C CA  . LEU A 1 45  ? -1.298  -0.127  1.485   1.00 13.00  ? 45  LEU A CA  1 
ATOM   365  C C   . LEU A 1 45  ? -1.718  -1.390  0.736   1.00 12.05  ? 45  LEU A C   1 
ATOM   366  O O   . LEU A 1 45  ? -1.478  -2.500  1.204   1.00 11.35  ? 45  LEU A O   1 
ATOM   367  C CB  . LEU A 1 45  ? 0.175   -0.211  1.917   1.00 10.64  ? 45  LEU A CB  1 
ATOM   368  C CG  . LEU A 1 45  ? 1.185   -0.347  0.773   1.00 14.61  ? 45  LEU A CG  1 
ATOM   369  C CD1 . LEU A 1 45  ? 1.125   0.918   -0.142  1.00 12.27  ? 45  LEU A CD1 1 
ATOM   370  C CD2 . LEU A 1 45  ? 2.613   -0.585  1.317   1.00 13.73  ? 45  LEU A CD2 1 
ATOM   371  N N   . SER A 1 46  ? -2.423  -1.234  -0.377  1.00 13.26  ? 46  SER A N   1 
ATOM   372  C CA  . SER A 1 46  ? -2.859  -2.399  -1.159  1.00 11.96  ? 46  SER A CA  1 
ATOM   373  C C   . SER A 1 46  ? -1.826  -2.630  -2.266  1.00 12.92  ? 46  SER A C   1 
ATOM   374  O O   . SER A 1 46  ? -1.523  -1.716  -3.042  1.00 14.68  ? 46  SER A O   1 
ATOM   375  C CB  . SER A 1 46  ? -4.279  -2.165  -1.682  1.00 9.93   ? 46  SER A CB  1 
ATOM   376  O OG  . SER A 1 46  ? -5.175  -2.078  -0.579  1.00 10.74  ? 46  SER A OG  1 
ATOM   377  N N   . VAL A 1 47  ? -1.327  -3.866  -2.372  1.00 15.12  ? 47  VAL A N   1 
ATOM   378  C CA  . VAL A 1 47  ? -0.234  -4.204  -3.305  1.00 15.58  ? 47  VAL A CA  1 
ATOM   379  C C   . VAL A 1 47  ? -0.496  -5.422  -4.172  1.00 16.91  ? 47  VAL A C   1 
ATOM   380  O O   . VAL A 1 47  ? -0.857  -6.468  -3.644  1.00 20.13  ? 47  VAL A O   1 
ATOM   381  C CB  . VAL A 1 47  ? 1.093   -4.523  -2.462  1.00 14.40  ? 47  VAL A CB  1 
ATOM   382  C CG1 . VAL A 1 47  ? 2.281   -4.708  -3.366  1.00 13.36  ? 47  VAL A CG1 1 
ATOM   383  C CG2 . VAL A 1 47  ? 1.396   -3.422  -1.428  1.00 11.32  ? 47  VAL A CG2 1 
ATOM   384  N N   . SER A 1 48  ? -0.274  -5.330  -5.480  1.00 15.71  ? 48  SER A N   1 
ATOM   385  C CA  . SER A 1 48  ? -0.484  -6.508  -6.306  1.00 18.00  ? 48  SER A CA  1 
ATOM   386  C C   . SER A 1 48  ? 0.747   -7.436  -6.258  1.00 19.14  ? 48  SER A C   1 
ATOM   387  O O   . SER A 1 48  ? 1.904   -6.976  -6.088  1.00 19.77  ? 48  SER A O   1 
ATOM   388  C CB  . SER A 1 48  ? -0.802  -6.123  -7.761  1.00 15.91  ? 48  SER A CB  1 
ATOM   389  O OG  . SER A 1 48  ? 0.347   -5.682  -8.462  1.00 15.00  ? 48  SER A OG  1 
ATOM   390  N N   . ASP A 1 49  ? 0.494   -8.735  -6.395  1.00 18.25  ? 49  ASP A N   1 
ATOM   391  C CA  . ASP A 1 49  ? 1.546   -9.739  -6.431  1.00 17.54  ? 49  ASP A CA  1 
ATOM   392  C C   . ASP A 1 49  ? 1.197   -10.684 -7.571  1.00 18.87  ? 49  ASP A C   1 
ATOM   393  O O   . ASP A 1 49  ? 0.147   -10.536 -8.206  1.00 19.65  ? 49  ASP A O   1 
ATOM   394  C CB  . ASP A 1 49  ? 1.637   -10.522 -5.117  1.00 19.08  ? 49  ASP A CB  1 
ATOM   395  C CG  . ASP A 1 49  ? 2.947   -11.306 -4.991  1.00 20.81  ? 49  ASP A CG  1 
ATOM   396  O OD1 . ASP A 1 49  ? 3.961   -10.906 -5.620  1.00 18.98  ? 49  ASP A OD1 1 
ATOM   397  O OD2 . ASP A 1 49  ? 2.984   -12.303 -4.239  1.00 23.17  ? 49  ASP A OD2 1 
ATOM   398  N N   . PHE A 1 50  ? 2.095   -11.620 -7.855  1.00 19.47  ? 50  PHE A N   1 
ATOM   399  C CA  . PHE A 1 50  ? 1.895   -12.608 -8.905  1.00 20.82  ? 50  PHE A CA  1 
ATOM   400  C C   . PHE A 1 50  ? 2.895   -13.758 -8.703  1.00 22.08  ? 50  PHE A C   1 
ATOM   401  O O   . PHE A 1 50  ? 4.059   -13.514 -8.371  1.00 23.15  ? 50  PHE A O   1 
ATOM   402  C CB  . PHE A 1 50  ? 2.082   -11.984 -10.319 1.00 18.52  ? 50  PHE A CB  1 
ATOM   403  C CG  . PHE A 1 50  ? 1.903   -12.981 -11.455 1.00 15.73  ? 50  PHE A CG  1 
ATOM   404  C CD1 . PHE A 1 50  ? 2.965   -13.800 -11.857 1.00 15.43  ? 50  PHE A CD1 1 
ATOM   405  C CD2 . PHE A 1 50  ? 0.657   -13.189 -12.030 1.00 13.51  ? 50  PHE A CD2 1 
ATOM   406  C CE1 . PHE A 1 50  ? 2.786   -14.818 -12.791 1.00 15.11  ? 50  PHE A CE1 1 
ATOM   407  C CE2 . PHE A 1 50  ? 0.474   -14.218 -12.977 1.00 12.25  ? 50  PHE A CE2 1 
ATOM   408  C CZ  . PHE A 1 50  ? 1.533   -15.030 -13.348 1.00 13.96  ? 50  PHE A CZ  1 
ATOM   409  N N   . ASP A 1 51  ? 2.398   -14.994 -8.759  1.00 23.08  ? 51  ASP A N   1 
ATOM   410  C CA  . ASP A 1 51  ? 3.225   -16.199 -8.703  1.00 22.68  ? 51  ASP A CA  1 
ATOM   411  C C   . ASP A 1 51  ? 2.469   -17.305 -9.449  1.00 24.65  ? 51  ASP A C   1 
ATOM   412  O O   . ASP A 1 51  ? 1.277   -17.115 -9.748  1.00 24.07  ? 51  ASP A O   1 
ATOM   413  C CB  . ASP A 1 51  ? 3.688   -16.564 -7.272  1.00 25.27  ? 51  ASP A CB  1 
ATOM   414  C CG  . ASP A 1 51  ? 2.603   -17.097 -6.385  1.00 26.33  ? 51  ASP A CG  1 
ATOM   415  O OD1 . ASP A 1 51  ? 2.543   -16.695 -5.206  1.00 27.56  ? 51  ASP A OD1 1 
ATOM   416  O OD2 . ASP A 1 51  ? 1.879   -18.002 -6.805  1.00 28.61  ? 51  ASP A OD2 1 
ATOM   417  N N   . ASN A 1 52  ? 3.149   -18.388 -9.847  1.00 25.31  ? 52  ASN A N   1 
ATOM   418  C CA  . ASN A 1 52  ? 2.501   -19.497 -10.571 1.00 27.58  ? 52  ASN A CA  1 
ATOM   419  C C   . ASN A 1 52  ? 1.446   -20.302 -9.779  1.00 29.91  ? 52  ASN A C   1 
ATOM   420  O O   . ASN A 1 52  ? 0.642   -21.028 -10.369 1.00 29.72  ? 52  ASN A O   1 
ATOM   421  C CB  . ASN A 1 52  ? 3.544   -20.472 -11.125 1.00 30.72  ? 52  ASN A CB  1 
ATOM   422  C CG  . ASN A 1 52  ? 4.292   -19.913 -12.305 1.00 31.23  ? 52  ASN A CG  1 
ATOM   423  O OD1 . ASN A 1 52  ? 3.816   -19.023 -12.993 1.00 33.22  ? 52  ASN A OD1 1 
ATOM   424  N ND2 . ASN A 1 52  ? 5.474   -20.430 -12.540 1.00 33.08  ? 52  ASN A ND2 1 
ATOM   425  N N   . ALA A 1 53  ? 1.513   -20.225 -8.446  1.00 29.93  ? 53  ALA A N   1 
ATOM   426  C CA  . ALA A 1 53  ? 0.555   -20.890 -7.555  1.00 30.32  ? 53  ALA A CA  1 
ATOM   427  C C   . ALA A 1 53  ? -0.765  -20.094 -7.511  1.00 28.77  ? 53  ALA A C   1 
ATOM   428  O O   . ALA A 1 53  ? -1.809  -20.606 -7.875  1.00 30.34  ? 53  ALA A O   1 
ATOM   429  C CB  . ALA A 1 53  ? 1.142   -20.999 -6.118  1.00 28.35  ? 53  ALA A CB  1 
ATOM   430  N N   . LYS A 1 54  ? -0.705  -18.870 -7.000  1.00 26.97  ? 54  LYS A N   1 
ATOM   431  C CA  . LYS A 1 54  ? -1.851  -17.972 -6.878  1.00 26.20  ? 54  LYS A CA  1 
ATOM   432  C C   . LYS A 1 54  ? -2.162  -17.147 -8.124  1.00 26.35  ? 54  LYS A C   1 
ATOM   433  O O   . LYS A 1 54  ? -3.257  -16.599 -8.228  1.00 30.90  ? 54  LYS A O   1 
ATOM   434  C CB  . LYS A 1 54  ? -1.617  -16.946 -5.745  1.00 23.65  ? 54  LYS A CB  1 
ATOM   435  C CG  . LYS A 1 54  ? -1.474  -17.546 -4.368  1.00 25.46  ? 54  LYS A CG  1 
ATOM   436  C CD  . LYS A 1 54  ? -1.493  -16.503 -3.266  1.00 24.66  ? 54  LYS A CD  1 
ATOM   437  C CE  . LYS A 1 54  ? -1.631  -17.184 -1.912  1.00 27.06  ? 54  LYS A CE  1 
ATOM   438  N NZ  . LYS A 1 54  ? -1.757  -16.257 -0.764  1.00 29.25  ? 54  LYS A NZ  1 
ATOM   439  N N   . GLY A 1 55  ? -1.207  -16.990 -9.032  1.00 23.02  ? 55  GLY A N   1 
ATOM   440  C CA  . GLY A 1 55  ? -1.454  -16.133 -10.163 1.00 20.10  ? 55  GLY A CA  1 
ATOM   441  C C   . GLY A 1 55  ? -1.466  -14.708 -9.620  1.00 17.41  ? 55  GLY A C   1 
ATOM   442  O O   . GLY A 1 55  ? -0.818  -14.424 -8.615  1.00 14.91  ? 55  GLY A O   1 
ATOM   443  N N   . LEU A 1 56  ? -2.255  -13.840 -10.251 1.00 18.21  ? 56  LEU A N   1 
ATOM   444  C CA  . LEU A 1 56  ? -2.393  -12.425 -9.876  1.00 20.40  ? 56  LEU A CA  1 
ATOM   445  C C   . LEU A 1 56  ? -3.292  -12.265 -8.639  1.00 19.92  ? 56  LEU A C   1 
ATOM   446  O O   . LEU A 1 56  ? -4.431  -12.706 -8.617  1.00 22.90  ? 56  LEU A O   1 
ATOM   447  C CB  . LEU A 1 56  ? -2.928  -11.611 -11.080 1.00 20.29  ? 56  LEU A CB  1 
ATOM   448  C CG  . LEU A 1 56  ? -3.062  -10.073 -11.054 1.00 21.53  ? 56  LEU A CG  1 
ATOM   449  C CD1 . LEU A 1 56  ? -1.732  -9.382  -10.901 1.00 20.78  ? 56  LEU A CD1 1 
ATOM   450  C CD2 . LEU A 1 56  ? -3.741  -9.581  -12.310 1.00 19.89  ? 56  LEU A CD2 1 
ATOM   451  N N   . ASN A 1 57  ? -2.773  -11.641 -7.600  1.00 18.67  ? 57  ASN A N   1 
ATOM   452  C CA  . ASN A 1 57  ? -3.536  -11.489 -6.376  1.00 18.38  ? 57  ASN A CA  1 
ATOM   453  C C   . ASN A 1 57  ? -3.161  -10.201 -5.627  1.00 19.76  ? 57  ASN A C   1 
ATOM   454  O O   . ASN A 1 57  ? -2.161  -9.550  -5.960  1.00 18.67  ? 57  ASN A O   1 
ATOM   455  C CB  . ASN A 1 57  ? -3.338  -12.742 -5.485  1.00 16.45  ? 57  ASN A CB  1 
ATOM   456  C CG  . ASN A 1 57  ? -1.909  -12.908 -4.990  1.00 16.79  ? 57  ASN A CG  1 
ATOM   457  O OD1 . ASN A 1 57  ? -1.577  -12.500 -3.874  1.00 18.94  ? 57  ASN A OD1 1 
ATOM   458  N ND2 . ASN A 1 57  ? -1.059  -13.527 -5.806  1.00 18.77  ? 57  ASN A ND2 1 
ATOM   459  N N   . VAL A 1 58  ? -3.929  -9.843  -4.601  1.00 18.50  ? 58  VAL A N   1 
ATOM   460  C CA  . VAL A 1 58  ? -3.623  -8.623  -3.853  1.00 17.66  ? 58  VAL A CA  1 
ATOM   461  C C   . VAL A 1 58  ? -3.426  -8.845  -2.351  1.00 18.97  ? 58  VAL A C   1 
ATOM   462  O O   . VAL A 1 58  ? -4.040  -9.741  -1.764  1.00 19.49  ? 58  VAL A O   1 
ATOM   463  C CB  . VAL A 1 58  ? -4.737  -7.575  -4.085  1.00 15.48  ? 58  VAL A CB  1 
ATOM   464  C CG1 . VAL A 1 58  ? -4.460  -6.254  -3.322  1.00 12.92  ? 58  VAL A CG1 1 
ATOM   465  C CG2 . VAL A 1 58  ? -4.908  -7.374  -5.546  1.00 9.54   ? 58  VAL A CG2 1 
ATOM   466  N N   . LYS A 1 59  ? -2.587  -8.012  -1.744  1.00 17.40  ? 59  LYS A N   1 
ATOM   467  C CA  . LYS A 1 59  ? -2.289  -8.069  -0.320  1.00 18.19  ? 59  LYS A CA  1 
ATOM   468  C C   . LYS A 1 59  ? -2.554  -6.680  0.252   1.00 17.33  ? 59  LYS A C   1 
ATOM   469  O O   . LYS A 1 59  ? -2.386  -5.682  -0.459  1.00 18.14  ? 59  LYS A O   1 
ATOM   470  C CB  . LYS A 1 59  ? -0.818  -8.417  -0.127  1.00 22.36  ? 59  LYS A CB  1 
ATOM   471  C CG  . LYS A 1 59  ? -0.469  -9.806  -0.562  1.00 25.67  ? 59  LYS A CG  1 
ATOM   472  C CD  . LYS A 1 59  ? -0.847  -10.776 0.516   1.00 33.61  ? 59  LYS A CD  1 
ATOM   473  C CE  . LYS A 1 59  ? -0.569  -12.206 0.057   1.00 40.05  ? 59  LYS A CE  1 
ATOM   474  N NZ  . LYS A 1 59  ? -0.831  -13.280 1.078   1.00 44.84  ? 59  LYS A NZ  1 
ATOM   475  N N   . HIS A 1 60  ? -2.964  -6.619  1.522   1.00 16.32  ? 60  HIS A N   1 
ATOM   476  C CA  . HIS A 1 60  ? -3.288  -5.354  2.215   1.00 16.28  ? 60  HIS A CA  1 
ATOM   477  C C   . HIS A 1 60  ? -2.516  -5.242  3.521   1.00 15.14  ? 60  HIS A C   1 
ATOM   478  O O   . HIS A 1 60  ? -2.636  -6.100  4.381   1.00 16.98  ? 60  HIS A O   1 
ATOM   479  C CB  . HIS A 1 60  ? -4.817  -5.254  2.497   1.00 15.23  ? 60  HIS A CB  1 
ATOM   480  C CG  . HIS A 1 60  ? -5.681  -5.535  1.291   1.00 16.76  ? 60  HIS A CG  1 
ATOM   481  N ND1 . HIS A 1 60  ? -6.065  -4.557  0.398   1.00 18.43  ? 60  HIS A ND1 1 
ATOM   482  C CD2 . HIS A 1 60  ? -6.156  -6.705  0.792   1.00 14.38  ? 60  HIS A CD2 1 
ATOM   483  C CE1 . HIS A 1 60  ? -6.724  -5.115  -0.610  1.00 19.02  ? 60  HIS A CE1 1 
ATOM   484  N NE2 . HIS A 1 60  ? -6.789  -6.417  -0.391  1.00 14.84  ? 60  HIS A NE2 1 
ATOM   485  N N   . TYR A 1 61  ? -1.768  -4.157  3.678   1.00 13.84  ? 61  TYR A N   1 
ATOM   486  C CA  . TYR A 1 61  ? -0.938  -3.922  4.857   1.00 14.39  ? 61  TYR A CA  1 
ATOM   487  C C   . TYR A 1 61  ? -1.438  -2.677  5.532   1.00 17.20  ? 61  TYR A C   1 
ATOM   488  O O   . TYR A 1 61  ? -1.624  -1.652  4.891   1.00 18.20  ? 61  TYR A O   1 
ATOM   489  C CB  . TYR A 1 61  ? 0.530   -3.715  4.448   1.00 13.09  ? 61  TYR A CB  1 
ATOM   490  C CG  . TYR A 1 61  ? 1.057   -4.866  3.601   1.00 13.32  ? 61  TYR A CG  1 
ATOM   491  C CD1 . TYR A 1 61  ? 1.071   -4.788  2.195   1.00 13.12  ? 61  TYR A CD1 1 
ATOM   492  C CD2 . TYR A 1 61  ? 1.448   -6.067  4.193   1.00 9.61   ? 61  TYR A CD2 1 
ATOM   493  C CE1 . TYR A 1 61  ? 1.455   -5.886  1.409   1.00 10.92  ? 61  TYR A CE1 1 
ATOM   494  C CE2 . TYR A 1 61  ? 1.835   -7.165  3.409   1.00 11.91  ? 61  TYR A CE2 1 
ATOM   495  C CZ  . TYR A 1 61  ? 1.829   -7.056  2.034   1.00 9.60   ? 61  TYR A CZ  1 
ATOM   496  O OH  . TYR A 1 61  ? 2.188   -8.133  1.304   1.00 8.82   ? 61  TYR A OH  1 
ATOM   497  N N   . LYS A 1 62  ? -1.628  -2.742  6.838   1.00 21.39  ? 62  LYS A N   1 
ATOM   498  C CA  . LYS A 1 62  ? -2.131  -1.600  7.581   1.00 22.51  ? 62  LYS A CA  1 
ATOM   499  C C   . LYS A 1 62  ? -1.015  -0.648  7.979   1.00 22.81  ? 62  LYS A C   1 
ATOM   500  O O   . LYS A 1 62  ? 0.035   -1.061  8.476   1.00 22.45  ? 62  LYS A O   1 
ATOM   501  C CB  . LYS A 1 62  ? -2.924  -2.088  8.789   1.00 25.73  ? 62  LYS A CB  1 
ATOM   502  C CG  . LYS A 1 62  ? -3.915  -1.066  9.333   1.00 34.83  ? 62  LYS A CG  1 
ATOM   503  C CD  . LYS A 1 62  ? -4.888  -1.724  10.285  1.00 38.71  ? 62  LYS A CD  1 
ATOM   504  C CE  . LYS A 1 62  ? -5.651  -2.832  9.563   1.00 41.41  ? 62  LYS A CE  1 
ATOM   505  N NZ  . LYS A 1 62  ? -6.831  -3.269  10.356  1.00 44.51  ? 62  LYS A NZ  1 
ATOM   506  N N   . ILE A 1 63  ? -1.191  0.613   7.609   1.00 22.58  ? 63  ILE A N   1 
ATOM   507  C CA  . ILE A 1 63  ? -0.231  1.636   7.939   1.00 22.12  ? 63  ILE A CA  1 
ATOM   508  C C   . ILE A 1 63  ? -0.724  2.386   9.170   1.00 26.11  ? 63  ILE A C   1 
ATOM   509  O O   . ILE A 1 63  ? -1.762  3.052   9.130   1.00 26.15  ? 63  ILE A O   1 
ATOM   510  C CB  . ILE A 1 63  ? -0.023  2.630   6.774   1.00 19.61  ? 63  ILE A CB  1 
ATOM   511  C CG1 . ILE A 1 63  ? 0.596   1.914   5.562   1.00 17.16  ? 63  ILE A CG1 1 
ATOM   512  C CG2 . ILE A 1 63  ? 0.908   3.778   7.224   1.00 14.75  ? 63  ILE A CG2 1 
ATOM   513  C CD1 . ILE A 1 63  ? 0.801   2.824   4.361   1.00 14.53  ? 63  ILE A CD1 1 
ATOM   514  N N   . ARG A 1 64  ? 0.003   2.246   10.276  1.00 29.86  ? 64  ARG A N   1 
ATOM   515  C CA  . ARG A 1 64  ? -0.351  2.941   11.509  1.00 32.60  ? 64  ARG A CA  1 
ATOM   516  C C   . ARG A 1 64  ? 0.412   4.268   11.564  1.00 34.27  ? 64  ARG A C   1 
ATOM   517  O O   . ARG A 1 64  ? 1.502   4.420   10.995  1.00 31.04  ? 64  ARG A O   1 
ATOM   518  C CB  . ARG A 1 64  ? -0.012  2.093   12.743  1.00 35.61  ? 64  ARG A CB  1 
ATOM   519  C CG  . ARG A 1 64  ? -0.321  0.573   12.624  1.00 41.75  ? 64  ARG A CG  1 
ATOM   520  C CD  . ARG A 1 64  ? -1.785  0.305   12.300  1.00 45.81  ? 64  ARG A CD  1 
ATOM   521  N NE  . ARG A 1 64  ? -2.642  1.314   12.927  1.00 52.14  ? 64  ARG A NE  1 
ATOM   522  C CZ  . ARG A 1 64  ? -3.501  1.082   13.914  1.00 54.05  ? 64  ARG A CZ  1 
ATOM   523  N NH1 . ARG A 1 64  ? -3.647  -0.149  14.403  1.00 55.90  ? 64  ARG A NH1 1 
ATOM   524  N NH2 . ARG A 1 64  ? -4.194  2.097   14.433  1.00 55.98  ? 64  ARG A NH2 1 
ATOM   525  N N   . LYS A 1 65  ? -0.202  5.243   12.214  1.00 37.11  ? 65  LYS A N   1 
ATOM   526  C CA  . LYS A 1 65  ? 0.382   6.563   12.378  1.00 40.11  ? 65  LYS A CA  1 
ATOM   527  C C   . LYS A 1 65  ? 0.238   6.874   13.865  1.00 41.59  ? 65  LYS A C   1 
ATOM   528  O O   . LYS A 1 65  ? -0.862  6.813   14.405  1.00 40.86  ? 65  LYS A O   1 
ATOM   529  C CB  . LYS A 1 65  ? -0.360  7.600   11.509  1.00 39.52  ? 65  LYS A CB  1 
ATOM   530  C CG  . LYS A 1 65  ? -0.202  9.050   11.966  1.00 41.82  ? 65  LYS A CG  1 
ATOM   531  C CD  . LYS A 1 65  ? 1.237   9.544   11.850  1.00 45.97  ? 65  LYS A CD  1 
ATOM   532  C CE  . LYS A 1 65  ? 1.488   10.840  12.619  1.00 47.55  ? 65  LYS A CE  1 
ATOM   533  N NZ  . LYS A 1 65  ? 0.352   11.808  12.544  1.00 51.44  ? 65  LYS A NZ  1 
ATOM   534  N N   . LEU A 1 66  ? 1.362   7.114   14.530  1.00 44.46  ? 66  LEU A N   1 
ATOM   535  C CA  . LEU A 1 66  ? 1.389   7.432   15.952  1.00 47.97  ? 66  LEU A CA  1 
ATOM   536  C C   . LEU A 1 66  ? 1.163   8.926   16.156  1.00 51.62  ? 66  LEU A C   1 
ATOM   537  O O   . LEU A 1 66  ? 1.455   9.722   15.261  1.00 52.25  ? 66  LEU A O   1 
ATOM   538  C CB  . LEU A 1 66  ? 2.774   7.142   16.520  1.00 47.17  ? 66  LEU A CB  1 
ATOM   539  C CG  . LEU A 1 66  ? 3.487   5.819   16.312  1.00 46.46  ? 66  LEU A CG  1 
ATOM   540  C CD1 . LEU A 1 66  ? 4.903   5.950   16.841  1.00 46.38  ? 66  LEU A CD1 1 
ATOM   541  C CD2 . LEU A 1 66  ? 2.740   4.719   17.008  1.00 45.36  ? 66  LEU A CD2 1 
ATOM   542  N N   . ASP A 1 67  ? 0.729   9.315   17.357  1.00 54.84  ? 67  ASP A N   1 
ATOM   543  C CA  . ASP A 1 67  ? 0.563   10.734  17.672  1.00 57.70  ? 67  ASP A CA  1 
ATOM   544  C C   . ASP A 1 67  ? 1.940   11.283  18.014  1.00 57.33  ? 67  ASP A C   1 
ATOM   545  O O   . ASP A 1 67  ? 2.168   12.498  18.037  1.00 56.52  ? 67  ASP A O   1 
ATOM   546  C CB  . ASP A 1 67  ? -0.441  10.935  18.793  1.00 62.73  ? 67  ASP A CB  1 
ATOM   547  C CG  . ASP A 1 67  ? -1.875  10.897  18.277  1.00 68.73  ? 67  ASP A CG  1 
ATOM   548  O OD1 . ASP A 1 67  ? -2.667  11.800  18.651  1.00 71.88  ? 67  ASP A OD1 1 
ATOM   549  O OD2 . ASP A 1 67  ? -2.199  9.986   17.458  1.00 71.82  ? 67  ASP A OD2 1 
ATOM   550  N N   . SER A 1 68  ? 2.856   10.333  18.217  1.00 57.64  ? 68  SER A N   1 
ATOM   551  C CA  . SER A 1 68  ? 4.279   10.567  18.466  1.00 57.28  ? 68  SER A CA  1 
ATOM   552  C C   . SER A 1 68  ? 4.901   10.985  17.103  1.00 56.01  ? 68  SER A C   1 
ATOM   553  O O   . SER A 1 68  ? 6.105   11.306  17.028  1.00 57.16  ? 68  SER A O   1 
ATOM   554  C CB  . SER A 1 68  ? 4.945   9.264   18.933  1.00 57.87  ? 68  SER A CB  1 
ATOM   555  O OG  . SER A 1 68  ? 3.981   8.374   19.490  1.00 60.20  ? 68  SER A OG  1 
ATOM   556  N N   . GLY A 1 69  ? 4.107   10.842  16.025  1.00 52.90  ? 69  GLY A N   1 
ATOM   557  C CA  . GLY A 1 69  ? 4.520   11.246  14.690  1.00 45.67  ? 69  GLY A CA  1 
ATOM   558  C C   . GLY A 1 69  ? 4.916   10.240  13.626  1.00 41.69  ? 69  GLY A C   1 
ATOM   559  O O   . GLY A 1 69  ? 4.709   10.504  12.441  1.00 42.27  ? 69  GLY A O   1 
ATOM   560  N N   . GLY A 1 70  ? 5.473   9.099   14.004  1.00 35.96  ? 70  GLY A N   1 
ATOM   561  C CA  . GLY A 1 70  ? 5.894   8.165   12.982  1.00 30.07  ? 70  GLY A CA  1 
ATOM   562  C C   . GLY A 1 70  ? 4.799   7.372   12.320  1.00 26.80  ? 70  GLY A C   1 
ATOM   563  O O   . GLY A 1 70  ? 3.731   7.205   12.885  1.00 27.84  ? 70  GLY A O   1 
ATOM   564  N N   . PHE A 1 71  ? 5.074   6.902   11.111  1.00 24.83  ? 71  PHE A N   1 
ATOM   565  C CA  . PHE A 1 71  ? 4.171   6.059   10.324  1.00 23.45  ? 71  PHE A CA  1 
ATOM   566  C C   . PHE A 1 71  ? 4.863   4.710   10.189  1.00 22.63  ? 71  PHE A C   1 
ATOM   567  O O   . PHE A 1 71  ? 6.100   4.649   10.145  1.00 23.63  ? 71  PHE A O   1 
ATOM   568  C CB  . PHE A 1 71  ? 3.989   6.604   8.910   1.00 20.83  ? 71  PHE A CB  1 
ATOM   569  C CG  . PHE A 1 71  ? 3.256   7.915   8.849   1.00 24.58  ? 71  PHE A CG  1 
ATOM   570  C CD1 . PHE A 1 71  ? 3.925   9.127   9.097   1.00 25.79  ? 71  PHE A CD1 1 
ATOM   571  C CD2 . PHE A 1 71  ? 1.914   7.951   8.498   1.00 21.32  ? 71  PHE A CD2 1 
ATOM   572  C CE1 . PHE A 1 71  ? 3.269   10.346  8.991   1.00 25.56  ? 71  PHE A CE1 1 
ATOM   573  C CE2 . PHE A 1 71  ? 1.257   9.154   8.388   1.00 24.12  ? 71  PHE A CE2 1 
ATOM   574  C CZ  . PHE A 1 71  ? 1.931   10.357  8.633   1.00 25.70  ? 71  PHE A CZ  1 
ATOM   575  N N   . TYR A 1 72  ? 4.096   3.634   10.128  1.00 21.08  ? 72  TYR A N   1 
ATOM   576  C CA  . TYR A 1 72  ? 4.701   2.333   9.950   1.00 20.32  ? 72  TYR A CA  1 
ATOM   577  C C   . TYR A 1 72  ? 3.698   1.207   9.677   1.00 20.58  ? 72  TYR A C   1 
ATOM   578  O O   . TYR A 1 72  ? 2.471   1.352   9.902   1.00 18.46  ? 72  TYR A O   1 
ATOM   579  C CB  . TYR A 1 72  ? 5.555   1.979   11.180  1.00 23.47  ? 72  TYR A CB  1 
ATOM   580  C CG  . TYR A 1 72  ? 4.754   1.794   12.443  1.00 23.41  ? 72  TYR A CG  1 
ATOM   581  C CD1 . TYR A 1 72  ? 4.058   0.610   12.675  1.00 25.65  ? 72  TYR A CD1 1 
ATOM   582  C CD2 . TYR A 1 72  ? 4.619   2.829   13.358  1.00 27.04  ? 72  TYR A CD2 1 
ATOM   583  C CE1 . TYR A 1 72  ? 3.244   0.462   13.759  1.00 26.36  ? 72  TYR A CE1 1 
ATOM   584  C CE2 . TYR A 1 72  ? 3.811   2.689   14.463  1.00 30.21  ? 72  TYR A CE2 1 
ATOM   585  C CZ  . TYR A 1 72  ? 3.125   1.499   14.644  1.00 30.38  ? 72  TYR A CZ  1 
ATOM   586  O OH  . TYR A 1 72  ? 2.287   1.354   15.713  1.00 34.38  ? 72  TYR A OH  1 
ATOM   587  N N   . ILE A 1 73  ? 4.238   0.135   9.089   1.00 19.29  ? 73  ILE A N   1 
ATOM   588  C CA  . ILE A 1 73  ? 3.516   -1.101  8.845   1.00 18.23  ? 73  ILE A CA  1 
ATOM   589  C C   . ILE A 1 73  ? 4.017   -1.926  10.034  1.00 19.54  ? 73  ILE A C   1 
ATOM   590  O O   . ILE A 1 73  ? 3.223   -2.494  10.751  1.00 22.46  ? 73  ILE A O   1 
ATOM   591  C CB  . ILE A 1 73  ? 3.896   -1.767  7.521   1.00 20.07  ? 73  ILE A CB  1 
ATOM   592  C CG1 . ILE A 1 73  ? 3.416   -0.908  6.343   1.00 18.38  ? 73  ILE A CG1 1 
ATOM   593  C CG2 . ILE A 1 73  ? 3.239   -3.147  7.433   1.00 19.21  ? 73  ILE A CG2 1 
ATOM   594  C CD1 . ILE A 1 73  ? 3.834   -1.435  4.971   1.00 17.70  ? 73  ILE A CD1 1 
ATOM   595  N N   . THR A 1 74  ? 5.328   -1.964  10.279  1.00 19.46  ? 74  THR A N   1 
ATOM   596  C CA  . THR A 1 74  ? 5.833   -2.658  11.463  1.00 18.92  ? 74  THR A CA  1 
ATOM   597  C C   . THR A 1 74  ? 6.431   -1.601  12.394  1.00 19.91  ? 74  THR A C   1 
ATOM   598  O O   . THR A 1 74  ? 7.222   -0.787  11.964  1.00 20.15  ? 74  THR A O   1 
ATOM   599  C CB  . THR A 1 74  ? 6.863   -3.777  11.162  1.00 16.99  ? 74  THR A CB  1 
ATOM   600  O OG1 . THR A 1 74  ? 7.407   -4.238  12.409  1.00 18.36  ? 74  THR A OG1 1 
ATOM   601  C CG2 . THR A 1 74  ? 7.992   -3.301  10.282  1.00 17.68  ? 74  THR A CG2 1 
ATOM   602  N N   . SER A 1 75  ? 6.054   -1.605  13.669  1.00 24.26  ? 75  SER A N   1 
ATOM   603  C CA  . SER A 1 75  ? 6.544   -0.601  14.622  1.00 27.03  ? 75  SER A CA  1 
ATOM   604  C C   . SER A 1 75  ? 8.056   -0.533  14.715  1.00 28.27  ? 75  SER A C   1 
ATOM   605  O O   . SER A 1 75  ? 8.602   0.485   15.161  1.00 28.62  ? 75  SER A O   1 
ATOM   606  C CB  . SER A 1 75  ? 5.943   -0.796  16.021  1.00 27.13  ? 75  SER A CB  1 
ATOM   607  O OG  . SER A 1 75  ? 6.381   -2.022  16.570  1.00 29.24  ? 75  SER A OG  1 
ATOM   608  N N   . ARG A 1 76  ? 8.723   -1.623  14.321  1.00 28.90  ? 76  ARG A N   1 
ATOM   609  C CA  . ARG A 1 76  ? 10.189  -1.690  14.327  1.00 29.45  ? 76  ARG A CA  1 
ATOM   610  C C   . ARG A 1 76  ? 10.799  -0.753  13.288  1.00 28.03  ? 76  ARG A C   1 
ATOM   611  O O   . ARG A 1 76  ? 11.869  -0.184  13.526  1.00 28.54  ? 76  ARG A O   1 
ATOM   612  C CB  . ARG A 1 76  ? 10.668  -3.120  14.048  1.00 32.98  ? 76  ARG A CB  1 
ATOM   613  C CG  . ARG A 1 76  ? 10.264  -4.104  15.134  1.00 39.45  ? 76  ARG A CG  1 
ATOM   614  C CD  . ARG A 1 76  ? 11.092  -3.915  16.408  1.00 44.75  ? 76  ARG A CD  1 
ATOM   615  N NE  . ARG A 1 76  ? 12.307  -4.742  16.390  1.00 50.73  ? 76  ARG A NE  1 
ATOM   616  C CZ  . ARG A 1 76  ? 12.352  -6.039  16.716  1.00 52.61  ? 76  ARG A CZ  1 
ATOM   617  N NH1 . ARG A 1 76  ? 11.252  -6.691  17.121  1.00 53.02  ? 76  ARG A NH1 1 
ATOM   618  N NH2 . ARG A 1 76  ? 13.475  -6.722  16.513  1.00 52.98  ? 76  ARG A NH2 1 
ATOM   619  N N   . THR A 1 77  ? 10.044  -0.510  12.207  1.00 24.36  ? 77  THR A N   1 
ATOM   620  C CA  . THR A 1 77  ? 10.472  0.304   11.069  1.00 19.94  ? 77  THR A CA  1 
ATOM   621  C C   . THR A 1 77  ? 9.556   1.521   10.807  1.00 20.67  ? 77  THR A C   1 
ATOM   622  O O   . THR A 1 77  ? 8.599   1.446   10.015  1.00 18.42  ? 77  THR A O   1 
ATOM   623  C CB  . THR A 1 77  ? 10.533  -0.616  9.836   1.00 19.59  ? 77  THR A CB  1 
ATOM   624  O OG1 . THR A 1 77  ? 11.121  -1.863  10.240  1.00 16.24  ? 77  THR A OG1 1 
ATOM   625  C CG2 . THR A 1 77  ? 11.351  -0.001  8.699   1.00 11.77  ? 77  THR A CG2 1 
ATOM   626  N N   . GLN A 1 78  ? 9.895   2.644   11.440  1.00 18.48  ? 78  GLN A N   1 
ATOM   627  C CA  . GLN A 1 78  ? 9.120   3.872   11.343  1.00 18.02  ? 78  GLN A CA  1 
ATOM   628  C C   . GLN A 1 78  ? 9.661   4.949   10.429  1.00 17.65  ? 78  GLN A C   1 
ATOM   629  O O   . GLN A 1 78  ? 10.844  4.944   10.074  1.00 19.87  ? 78  GLN A O   1 
ATOM   630  C CB  . GLN A 1 78  ? 8.926   4.422   12.741  1.00 19.13  ? 78  GLN A CB  1 
ATOM   631  C CG  . GLN A 1 78  ? 8.419   3.355   13.669  1.00 20.79  ? 78  GLN A CG  1 
ATOM   632  C CD  . GLN A 1 78  ? 7.808   3.913   14.920  1.00 23.74  ? 78  GLN A CD  1 
ATOM   633  O OE1 . GLN A 1 78  ? 7.805   3.253   15.934  1.00 27.27  ? 78  GLN A OE1 1 
ATOM   634  N NE2 . GLN A 1 78  ? 7.259   5.114   14.854  1.00 25.18  ? 78  GLN A NE2 1 
ATOM   635  N N   . PHE A 1 79  ? 8.793   5.893   10.074  1.00 18.18  ? 79  PHE A N   1 
ATOM   636  C CA  . PHE A 1 79  ? 9.138   6.994   9.176   1.00 17.00  ? 79  PHE A CA  1 
ATOM   637  C C   . PHE A 1 79  ? 8.462   8.263   9.566   1.00 19.59  ? 79  PHE A C   1 
ATOM   638  O O   . PHE A 1 79  ? 7.398   8.257   10.175  1.00 21.04  ? 79  PHE A O   1 
ATOM   639  C CB  . PHE A 1 79  ? 8.736   6.669   7.748   1.00 15.36  ? 79  PHE A CB  1 
ATOM   640  C CG  . PHE A 1 79  ? 9.224   5.353   7.290   1.00 15.08  ? 79  PHE A CG  1 
ATOM   641  C CD1 . PHE A 1 79  ? 8.417   4.232   7.411   1.00 11.51  ? 79  PHE A CD1 1 
ATOM   642  C CD2 . PHE A 1 79  ? 10.526  5.210   6.800   1.00 13.53  ? 79  PHE A CD2 1 
ATOM   643  C CE1 . PHE A 1 79  ? 8.889   2.998   7.062   1.00 10.96  ? 79  PHE A CE1 1 
ATOM   644  C CE2 . PHE A 1 79  ? 11.001  3.961   6.446   1.00 11.21  ? 79  PHE A CE2 1 
ATOM   645  C CZ  . PHE A 1 79  ? 10.175  2.857   6.584   1.00 11.69  ? 79  PHE A CZ  1 
ATOM   646  N N   . ASN A 1 80  ? 9.064   9.364   9.150   1.00 22.36  ? 80  ASN A N   1 
ATOM   647  C CA  . ASN A 1 80  ? 8.547   10.686  9.462   1.00 26.91  ? 80  ASN A CA  1 
ATOM   648  C C   . ASN A 1 80  ? 7.365   11.101  8.557   1.00 27.64  ? 80  ASN A C   1 
ATOM   649  O O   . ASN A 1 80  ? 6.751   12.164  8.742   1.00 27.80  ? 80  ASN A O   1 
ATOM   650  C CB  . ASN A 1 80  ? 9.690   11.705  9.382   1.00 28.91  ? 80  ASN A CB  1 
ATOM   651  C CG  . ASN A 1 80  ? 10.748  11.478  10.450  1.00 32.95  ? 80  ASN A CG  1 
ATOM   652  O OD1 . ASN A 1 80  ? 10.427  11.232  11.613  1.00 34.20  ? 80  ASN A OD1 1 
ATOM   653  N ND2 . ASN A 1 80  ? 12.021  11.552  10.059  1.00 35.84  ? 80  ASN A ND2 1 
ATOM   654  N N   . SER A 1 81  ? 7.013   10.246  7.605   1.00 26.26  ? 81  SER A N   1 
ATOM   655  C CA  . SER A 1 81  ? 5.939   10.582  6.716   1.00 23.60  ? 81  SER A CA  1 
ATOM   656  C C   . SER A 1 81  ? 5.554   9.377   5.886   1.00 23.64  ? 81  SER A C   1 
ATOM   657  O O   . SER A 1 81  ? 6.315   8.425   5.758   1.00 21.73  ? 81  SER A O   1 
ATOM   658  C CB  . SER A 1 81  ? 6.368   11.749  5.813   1.00 22.75  ? 81  SER A CB  1 
ATOM   659  O OG  . SER A 1 81  ? 7.421   11.379  4.932   1.00 20.87  ? 81  SER A OG  1 
ATOM   660  N N   . LEU A 1 82  ? 4.344   9.442   5.337   1.00 24.40  ? 82  LEU A N   1 
ATOM   661  C CA  . LEU A 1 82  ? 3.780   8.409   4.492   1.00 22.63  ? 82  LEU A CA  1 
ATOM   662  C C   . LEU A 1 82  ? 4.651   8.355   3.258   1.00 22.56  ? 82  LEU A C   1 
ATOM   663  O O   . LEU A 1 82  ? 5.110   7.288   2.859   1.00 23.69  ? 82  LEU A O   1 
ATOM   664  C CB  . LEU A 1 82  ? 2.355   8.805   4.125   1.00 23.24  ? 82  LEU A CB  1 
ATOM   665  C CG  . LEU A 1 82  ? 1.314   7.753   3.778   1.00 25.74  ? 82  LEU A CG  1 
ATOM   666  C CD1 . LEU A 1 82  ? 1.495   6.477   4.570   1.00 24.95  ? 82  LEU A CD1 1 
ATOM   667  C CD2 . LEU A 1 82  ? -0.051  8.348   4.056   1.00 27.00  ? 82  LEU A CD2 1 
ATOM   668  N N   . GLN A 1 83  ? 4.970   9.521   2.720   1.00 22.35  ? 83  GLN A N   1 
ATOM   669  C CA  . GLN A 1 83  ? 5.817   9.623   1.532   1.00 24.05  ? 83  GLN A CA  1 
ATOM   670  C C   . GLN A 1 83  ? 7.161   8.903   1.708   1.00 24.80  ? 83  GLN A C   1 
ATOM   671  O O   . GLN A 1 83  ? 7.610   8.176   0.789   1.00 25.88  ? 83  GLN A O   1 
ATOM   672  C CB  . GLN A 1 83  ? 6.035   11.090  1.164   1.00 24.69  ? 83  GLN A CB  1 
ATOM   673  C CG  . GLN A 1 83  ? 4.763   11.796  0.746   1.00 29.90  ? 83  GLN A CG  1 
ATOM   674  C CD  . GLN A 1 83  ? 3.909   12.378  1.888   1.00 30.31  ? 83  GLN A CD  1 
ATOM   675  O OE1 . GLN A 1 83  ? 2.883   13.007  1.627   1.00 31.70  ? 83  GLN A OE1 1 
ATOM   676  N NE2 . GLN A 1 83  ? 4.348   12.222  3.127   1.00 30.64  ? 83  GLN A NE2 1 
ATOM   677  N N   . GLN A 1 84  ? 7.798   9.096   2.875   1.00 22.82  ? 84  GLN A N   1 
ATOM   678  C CA  . GLN A 1 84  ? 9.071   8.434   3.180   1.00 20.91  ? 84  GLN A CA  1 
ATOM   679  C C   . GLN A 1 84  ? 8.900   6.908   3.304   1.00 18.04  ? 84  GLN A C   1 
ATOM   680  O O   . GLN A 1 84  ? 9.776   6.127   2.868   1.00 16.52  ? 84  GLN A O   1 
ATOM   681  C CB  . GLN A 1 84  ? 9.698   9.035   4.457   1.00 25.39  ? 84  GLN A CB  1 
ATOM   682  C CG  . GLN A 1 84  ? 10.372  10.401  4.215   1.00 31.78  ? 84  GLN A CG  1 
ATOM   683  C CD  . GLN A 1 84  ? 10.860  11.099  5.484   1.00 34.88  ? 84  GLN A CD  1 
ATOM   684  O OE1 . GLN A 1 84  ? 10.099  11.336  6.428   1.00 37.86  ? 84  GLN A OE1 1 
ATOM   685  N NE2 . GLN A 1 84  ? 12.122  11.465  5.490   1.00 34.77  ? 84  GLN A NE2 1 
ATOM   686  N N   . LEU A 1 85  ? 7.768   6.488   3.878   1.00 15.21  ? 85  LEU A N   1 
ATOM   687  C CA  . LEU A 1 85  ? 7.459   5.077   4.053   1.00 13.92  ? 85  LEU A CA  1 
ATOM   688  C C   . LEU A 1 85  ? 7.353   4.443   2.676   1.00 14.67  ? 85  LEU A C   1 
ATOM   689  O O   . LEU A 1 85  ? 8.012   3.428   2.382   1.00 16.65  ? 85  LEU A O   1 
ATOM   690  C CB  . LEU A 1 85  ? 6.149   4.901   4.856   1.00 12.56  ? 85  LEU A CB  1 
ATOM   691  C CG  . LEU A 1 85  ? 5.697   3.451   5.157   1.00 16.11  ? 85  LEU A CG  1 
ATOM   692  C CD1 . LEU A 1 85  ? 4.812   3.403   6.433   1.00 14.21  ? 85  LEU A CD1 1 
ATOM   693  C CD2 . LEU A 1 85  ? 4.988   2.787   3.955   1.00 14.05  ? 85  LEU A CD2 1 
ATOM   694  N N   . VAL A 1 86  ? 6.537   5.050   1.819   1.00 14.55  ? 86  VAL A N   1 
ATOM   695  C CA  . VAL A 1 86  ? 6.350   4.544   0.475   1.00 13.84  ? 86  VAL A CA  1 
ATOM   696  C C   . VAL A 1 86  ? 7.676   4.417   -0.244  1.00 17.17  ? 86  VAL A C   1 
ATOM   697  O O   . VAL A 1 86  ? 7.951   3.359   -0.831  1.00 20.55  ? 86  VAL A O   1 
ATOM   698  C CB  . VAL A 1 86  ? 5.370   5.427   -0.299  1.00 14.60  ? 86  VAL A CB  1 
ATOM   699  C CG1 . VAL A 1 86  ? 5.481   5.191   -1.835  1.00 13.51  ? 86  VAL A CG1 1 
ATOM   700  C CG2 . VAL A 1 86  ? 3.937   5.181   0.229   1.00 15.33  ? 86  VAL A CG2 1 
ATOM   701  N N   . ALA A 1 87  ? 8.501   5.471   -0.197  1.00 18.11  ? 87  ALA A N   1 
ATOM   702  C CA  . ALA A 1 87  ? 9.829   5.470   -0.850  1.00 18.61  ? 87  ALA A CA  1 
ATOM   703  C C   . ALA A 1 87  ? 10.703  4.331   -0.328  1.00 18.51  ? 87  ALA A C   1 
ATOM   704  O O   . ALA A 1 87  ? 11.373  3.655   -1.106  1.00 21.27  ? 87  ALA A O   1 
ATOM   705  C CB  . ALA A 1 87  ? 10.560  6.846   -0.659  1.00 16.10  ? 87  ALA A CB  1 
ATOM   706  N N   . TYR A 1 88  ? 10.685  4.098   0.983   1.00 18.44  ? 88  TYR A N   1 
ATOM   707  C CA  . TYR A 1 88  ? 11.474  3.013   1.577   1.00 16.85  ? 88  TYR A CA  1 
ATOM   708  C C   . TYR A 1 88  ? 11.039  1.659   1.036   1.00 15.80  ? 88  TYR A C   1 
ATOM   709  O O   . TYR A 1 88  ? 11.877  0.820   0.642   1.00 13.21  ? 88  TYR A O   1 
ATOM   710  C CB  . TYR A 1 88  ? 11.313  3.030   3.096   1.00 18.59  ? 88  TYR A CB  1 
ATOM   711  C CG  . TYR A 1 88  ? 11.974  1.869   3.776   1.00 19.74  ? 88  TYR A CG  1 
ATOM   712  C CD1 . TYR A 1 88  ? 13.313  1.932   4.183   1.00 20.69  ? 88  TYR A CD1 1 
ATOM   713  C CD2 . TYR A 1 88  ? 11.267  0.693   3.999   1.00 20.15  ? 88  TYR A CD2 1 
ATOM   714  C CE1 . TYR A 1 88  ? 13.921  0.836   4.800   1.00 22.00  ? 88  TYR A CE1 1 
ATOM   715  C CE2 . TYR A 1 88  ? 11.845  -0.398  4.594   1.00 20.84  ? 88  TYR A CE2 1 
ATOM   716  C CZ  . TYR A 1 88  ? 13.170  -0.343  4.997   1.00 25.11  ? 88  TYR A CZ  1 
ATOM   717  O OH  . TYR A 1 88  ? 13.723  -1.489  5.556   1.00 25.70  ? 88  TYR A OH  1 
ATOM   718  N N   . TYR A 1 89  ? 9.718   1.459   0.990   1.00 16.23  ? 89  TYR A N   1 
ATOM   719  C CA  . TYR A 1 89  ? 9.136   0.208   0.495   1.00 14.49  ? 89  TYR A CA  1 
ATOM   720  C C   . TYR A 1 89  ? 9.190   0.014   -1.012  1.00 13.47  ? 89  TYR A C   1 
ATOM   721  O O   . TYR A 1 89  ? 8.925   -1.066  -1.509  1.00 9.94   ? 89  TYR A O   1 
ATOM   722  C CB  . TYR A 1 89  ? 7.743   -0.031  1.064   1.00 14.54  ? 89  TYR A CB  1 
ATOM   723  C CG  . TYR A 1 89  ? 7.820   -0.434  2.524   1.00 14.34  ? 89  TYR A CG  1 
ATOM   724  C CD1 . TYR A 1 89  ? 7.356   0.419   3.520   1.00 13.61  ? 89  TYR A CD1 1 
ATOM   725  C CD2 . TYR A 1 89  ? 8.414   -1.652  2.917   1.00 14.35  ? 89  TYR A CD2 1 
ATOM   726  C CE1 . TYR A 1 89  ? 7.484   0.099   4.862   1.00 12.44  ? 89  TYR A CE1 1 
ATOM   727  C CE2 . TYR A 1 89  ? 8.541   -1.984  4.285   1.00 14.00  ? 89  TYR A CE2 1 
ATOM   728  C CZ  . TYR A 1 89  ? 8.071   -1.085  5.239   1.00 13.17  ? 89  TYR A CZ  1 
ATOM   729  O OH  . TYR A 1 89  ? 8.212   -1.326  6.582   1.00 11.25  ? 89  TYR A OH  1 
ATOM   730  N N   . SER A 1 90  ? 9.586   1.067   -1.722  1.00 16.04  ? 90  SER A N   1 
ATOM   731  C CA  . SER A 1 90  ? 9.792   1.019   -3.177  1.00 16.46  ? 90  SER A CA  1 
ATOM   732  C C   . SER A 1 90  ? 11.187  0.445   -3.417  1.00 17.53  ? 90  SER A C   1 
ATOM   733  O O   . SER A 1 90  ? 11.501  -0.009  -4.501  1.00 18.69  ? 90  SER A O   1 
ATOM   734  C CB  . SER A 1 90  ? 9.718   2.415   -3.755  1.00 14.65  ? 90  SER A CB  1 
ATOM   735  O OG  . SER A 1 90  ? 8.388   2.888   -3.645  1.00 19.80  ? 90  SER A OG  1 
ATOM   736  N N   . LYS A 1 91  ? 11.992  0.411   -2.362  1.00 18.29  ? 91  LYS A N   1 
ATOM   737  C CA  . LYS A 1 91  ? 13.341  -0.114  -2.435  1.00 20.03  ? 91  LYS A CA  1 
ATOM   738  C C   . LYS A 1 91  ? 13.537  -1.419  -1.660  1.00 19.04  ? 91  LYS A C   1 
ATOM   739  O O   . LYS A 1 91  ? 14.479  -2.148  -1.903  1.00 19.75  ? 91  LYS A O   1 
ATOM   740  C CB  . LYS A 1 91  ? 14.307  0.923   -1.890  1.00 23.99  ? 91  LYS A CB  1 
ATOM   741  C CG  . LYS A 1 91  ? 15.356  1.315   -2.872  1.00 32.37  ? 91  LYS A CG  1 
ATOM   742  C CD  . LYS A 1 91  ? 14.940  2.471   -3.738  1.00 36.33  ? 91  LYS A CD  1 
ATOM   743  C CE  . LYS A 1 91  ? 16.107  2.815   -4.663  1.00 42.18  ? 91  LYS A CE  1 
ATOM   744  N NZ  . LYS A 1 91  ? 16.669  1.579   -5.343  1.00 43.95  ? 91  LYS A NZ  1 
ATOM   745  N N   . HIS A 1 92  ? 12.683  -1.707  -0.693  1.00 17.95  ? 92  HIS A N   1 
ATOM   746  C CA  . HIS A 1 92  ? 12.854  -2.943  0.073   1.00 16.23  ? 92  HIS A CA  1 
ATOM   747  C C   . HIS A 1 92  ? 11.560  -3.739  0.112   1.00 15.82  ? 92  HIS A C   1 
ATOM   748  O O   . HIS A 1 92  ? 10.505  -3.162  0.374   1.00 15.11  ? 92  HIS A O   1 
ATOM   749  C CB  . HIS A 1 92  ? 13.207  -2.637  1.528   1.00 17.33  ? 92  HIS A CB  1 
ATOM   750  C CG  . HIS A 1 92  ? 14.296  -1.623  1.703   1.00 18.02  ? 92  HIS A CG  1 
ATOM   751  N ND1 . HIS A 1 92  ? 15.563  -1.964  2.127   1.00 14.48  ? 92  HIS A ND1 1 
ATOM   752  C CD2 . HIS A 1 92  ? 14.293  -0.273  1.566   1.00 16.37  ? 92  HIS A CD2 1 
ATOM   753  C CE1 . HIS A 1 92  ? 16.291  -0.867  2.241   1.00 17.09  ? 92  HIS A CE1 1 
ATOM   754  N NE2 . HIS A 1 92  ? 15.546  0.174   1.906   1.00 14.80  ? 92  HIS A NE2 1 
ATOM   755  N N   . ALA A 1 93  ? 11.635  -5.051  -0.115  1.00 13.06  ? 93  ALA A N   1 
ATOM   756  C CA  . ALA A 1 93  ? 10.445  -5.882  -0.037  1.00 13.83  ? 93  ALA A CA  1 
ATOM   757  C C   . ALA A 1 93  ? 10.113  -6.066  1.451   1.00 16.34  ? 93  ALA A C   1 
ATOM   758  O O   . ALA A 1 93  ? 8.952   -5.930  1.858   1.00 14.87  ? 93  ALA A O   1 
ATOM   759  C CB  . ALA A 1 93  ? 10.684  -7.245  -0.689  1.00 10.91  ? 93  ALA A CB  1 
ATOM   760  N N   . ASP A 1 94  ? 11.149  -6.362  2.250   1.00 16.58  ? 94  ASP A N   1 
ATOM   761  C CA  . ASP A 1 94  ? 10.998  -6.624  3.677   1.00 16.23  ? 94  ASP A CA  1 
ATOM   762  C C   . ASP A 1 94  ? 9.922   -7.716  3.910   1.00 18.50  ? 94  ASP A C   1 
ATOM   763  O O   . ASP A 1 94  ? 10.060  -8.844  3.411   1.00 20.76  ? 94  ASP A O   1 
ATOM   764  C CB  . ASP A 1 94  ? 10.717  -5.319  4.434   1.00 14.85  ? 94  ASP A CB  1 
ATOM   765  C CG  . ASP A 1 94  ? 12.007  -4.526  4.746   1.00 14.94  ? 94  ASP A CG  1 
ATOM   766  O OD1 . ASP A 1 94  ? 13.070  -4.848  4.166   1.00 16.98  ? 94  ASP A OD1 1 
ATOM   767  O OD2 . ASP A 1 94  ? 11.978  -3.593  5.568   1.00 11.33  ? 94  ASP A OD2 1 
ATOM   768  N N   . GLY A 1 95  ? 8.853   -7.409  4.637   1.00 17.96  ? 95  GLY A N   1 
ATOM   769  C CA  . GLY A 1 95  ? 7.821   -8.415  4.855   1.00 17.46  ? 95  GLY A CA  1 
ATOM   770  C C   . GLY A 1 95  ? 6.706   -8.356  3.821   1.00 17.36  ? 95  GLY A C   1 
ATOM   771  O O   . GLY A 1 95  ? 5.805   -9.183  3.836   1.00 17.38  ? 95  GLY A O   1 
ATOM   772  N N   . LEU A 1 96  ? 6.795   -7.391  2.906   1.00 17.98  ? 96  LEU A N   1 
ATOM   773  C CA  . LEU A 1 96  ? 5.800   -7.199  1.860   1.00 16.10  ? 96  LEU A CA  1 
ATOM   774  C C   . LEU A 1 96  ? 5.911   -8.221  0.751   1.00 14.85  ? 96  LEU A C   1 
ATOM   775  O O   . LEU A 1 96  ? 6.975   -8.768  0.501   1.00 16.05  ? 96  LEU A O   1 
ATOM   776  C CB  . LEU A 1 96  ? 5.916   -5.796  1.268   1.00 16.53  ? 96  LEU A CB  1 
ATOM   777  C CG  . LEU A 1 96  ? 5.827   -4.582  2.195   1.00 19.22  ? 96  LEU A CG  1 
ATOM   778  C CD1 . LEU A 1 96  ? 5.701   -3.316  1.322   1.00 20.67  ? 96  LEU A CD1 1 
ATOM   779  C CD2 . LEU A 1 96  ? 4.639   -4.676  3.159   1.00 16.42  ? 96  LEU A CD2 1 
ATOM   780  N N   . CYS A 1 97  ? 4.814   -8.433  0.041   1.00 14.34  ? 97  CYS A N   1 
ATOM   781  C CA  . CYS A 1 97  ? 4.812   -9.382  -1.048  1.00 12.80  ? 97  CYS A CA  1 
ATOM   782  C C   . CYS A 1 97  ? 5.757   -8.963  -2.168  1.00 13.50  ? 97  CYS A C   1 
ATOM   783  O O   . CYS A 1 97  ? 6.233   -9.792  -2.949  1.00 12.78  ? 97  CYS A O   1 
ATOM   784  C CB  . CYS A 1 97  ? 3.391   -9.593  -1.576  1.00 13.25  ? 97  CYS A CB  1 
ATOM   785  S SG  . CYS A 1 97  ? 2.558   -8.154  -2.232  1.00 15.61  ? 97  CYS A SG  1 
ATOM   786  N N   . HIS A 1 98  ? 6.076   -7.680  -2.228  1.00 16.05  ? 98  HIS A N   1 
ATOM   787  C CA  . HIS A 1 98  ? 6.953   -7.197  -3.274  1.00 14.10  ? 98  HIS A CA  1 
ATOM   788  C C   . HIS A 1 98  ? 7.204   -5.733  -3.005  1.00 15.83  ? 98  HIS A C   1 
ATOM   789  O O   . HIS A 1 98  ? 6.409   -5.075  -2.324  1.00 14.42  ? 98  HIS A O   1 
ATOM   790  C CB  . HIS A 1 98  ? 6.244   -7.341  -4.603  1.00 13.16  ? 98  HIS A CB  1 
ATOM   791  C CG  . HIS A 1 98  ? 7.155   -7.286  -5.776  1.00 12.29  ? 98  HIS A CG  1 
ATOM   792  N ND1 . HIS A 1 98  ? 7.522   -6.104  -6.380  1.00 13.65  ? 98  HIS A ND1 1 
ATOM   793  C CD2 . HIS A 1 98  ? 7.796   -8.268  -6.445  1.00 11.07  ? 98  HIS A CD2 1 
ATOM   794  C CE1 . HIS A 1 98  ? 8.359   -6.363  -7.368  1.00 14.30  ? 98  HIS A CE1 1 
ATOM   795  N NE2 . HIS A 1 98  ? 8.540   -7.668  -7.427  1.00 12.69  ? 98  HIS A NE2 1 
ATOM   796  N N   . ARG A 1 99  ? 8.319   -5.230  -3.520  1.00 17.02  ? 99  ARG A N   1 
ATOM   797  C CA  . ARG A 1 99  ? 8.650   -3.821  -3.342  1.00 16.64  ? 99  ARG A CA  1 
ATOM   798  C C   . ARG A 1 99  ? 7.646   -3.051  -4.188  1.00 14.68  ? 99  ARG A C   1 
ATOM   799  O O   . ARG A 1 99  ? 7.138   -3.577  -5.183  1.00 13.62  ? 99  ARG A O   1 
ATOM   800  C CB  . ARG A 1 99  ? 10.120  -3.537  -3.758  1.00 15.91  ? 99  ARG A CB  1 
ATOM   801  C CG  . ARG A 1 99  ? 10.333  -3.161  -5.206  1.00 18.62  ? 99  ARG A CG  1 
ATOM   802  C CD  . ARG A 1 99  ? 11.816  -2.948  -5.626  1.00 17.47  ? 99  ARG A CD  1 
ATOM   803  N NE  . ARG A 1 99  ? 11.876  -2.798  -7.082  1.00 14.13  ? 99  ARG A NE  1 
ATOM   804  C CZ  . ARG A 1 99  ? 11.632  -1.663  -7.741  1.00 16.07  ? 99  ARG A CZ  1 
ATOM   805  N NH1 . ARG A 1 99  ? 11.343  -0.532  -7.108  1.00 14.70  ? 99  ARG A NH1 1 
ATOM   806  N NH2 . ARG A 1 99  ? 11.534  -1.692  -9.057  1.00 17.44  ? 99  ARG A NH2 1 
ATOM   807  N N   . LEU A 1 100 ? 7.311   -1.846  -3.756  1.00 15.19  ? 100 LEU A N   1 
ATOM   808  C CA  . LEU A 1 100 ? 6.366   -0.995  -4.471  1.00 16.76  ? 100 LEU A CA  1 
ATOM   809  C C   . LEU A 1 100 ? 7.009   -0.612  -5.798  1.00 19.92  ? 100 LEU A C   1 
ATOM   810  O O   . LEU A 1 100 ? 8.124   -0.088  -5.826  1.00 22.31  ? 100 LEU A O   1 
ATOM   811  C CB  . LEU A 1 100 ? 6.028   0.262   -3.637  1.00 13.24  ? 100 LEU A CB  1 
ATOM   812  C CG  . LEU A 1 100 ? 5.490   -0.115  -2.251  1.00 11.62  ? 100 LEU A CG  1 
ATOM   813  C CD1 . LEU A 1 100 ? 5.091   1.093   -1.439  1.00 6.77   ? 100 LEU A CD1 1 
ATOM   814  C CD2 . LEU A 1 100 ? 4.335   -1.143  -2.419  1.00 8.69   ? 100 LEU A CD2 1 
ATOM   815  N N   . THR A 1 101 ? 6.336   -0.912  -6.900  1.00 20.49  ? 101 THR A N   1 
ATOM   816  C CA  . THR A 1 101 ? 6.883   -0.578  -8.201  1.00 20.46  ? 101 THR A CA  1 
ATOM   817  C C   . THR A 1 101 ? 6.140   0.534   -8.960  1.00 21.74  ? 101 THR A C   1 
ATOM   818  O O   . THR A 1 101 ? 6.724   1.549   -9.324  1.00 22.38  ? 101 THR A O   1 
ATOM   819  C CB  . THR A 1 101 ? 6.957   -1.809  -9.110  1.00 18.84  ? 101 THR A CB  1 
ATOM   820  O OG1 . THR A 1 101 ? 5.652   -2.406  -9.228  1.00 17.94  ? 101 THR A OG1 1 
ATOM   821  C CG2 . THR A 1 101 ? 7.993   -2.816  -8.595  1.00 12.47  ? 101 THR A CG2 1 
ATOM   822  N N   . THR A 1 102 ? 4.839   0.361   -9.140  1.00 22.03  ? 102 THR A N   1 
ATOM   823  C CA  . THR A 1 102 ? 4.060   1.299   -9.913  1.00 21.10  ? 102 THR A CA  1 
ATOM   824  C C   . THR A 1 102 ? 2.714   1.666   -9.274  1.00 19.57  ? 102 THR A C   1 
ATOM   825  O O   . THR A 1 102 ? 2.024   0.807   -8.752  1.00 17.18  ? 102 THR A O   1 
ATOM   826  C CB  . THR A 1 102 ? 3.890   0.738   -11.367 1.00 22.80  ? 102 THR A CB  1 
ATOM   827  O OG1 . THR A 1 102 ? 2.549   0.944   -11.829 1.00 30.51  ? 102 THR A OG1 1 
ATOM   828  C CG2 . THR A 1 102 ? 4.233   -0.730  -11.460 1.00 18.86  ? 102 THR A CG2 1 
ATOM   829  N N   . VAL A 1 103 ? 2.390   2.961   -9.295  1.00 20.41  ? 103 VAL A N   1 
ATOM   830  C CA  . VAL A 1 103 ? 1.146   3.505   -8.754  1.00 20.54  ? 103 VAL A CA  1 
ATOM   831  C C   . VAL A 1 103 ? -0.012  2.898   -9.558  1.00 23.16  ? 103 VAL A C   1 
ATOM   832  O O   . VAL A 1 103 ? -0.015  2.945   -10.792 1.00 24.01  ? 103 VAL A O   1 
ATOM   833  C CB  . VAL A 1 103 ? 1.089   5.074   -8.895  1.00 19.48  ? 103 VAL A CB  1 
ATOM   834  C CG1 . VAL A 1 103 ? -0.293  5.595   -8.487  1.00 21.87  ? 103 VAL A CG1 1 
ATOM   835  C CG2 . VAL A 1 103 ? 2.133   5.736   -8.017  1.00 20.69  ? 103 VAL A CG2 1 
ATOM   836  N N   . CYS A 1 104 ? -0.986  2.326   -8.857  1.00 23.93  ? 104 CYS A N   1 
ATOM   837  C CA  . CYS A 1 104 ? -2.116  1.701   -9.512  1.00 24.52  ? 104 CYS A CA  1 
ATOM   838  C C   . CYS A 1 104 ? -2.830  2.634   -10.465 1.00 25.02  ? 104 CYS A C   1 
ATOM   839  O O   . CYS A 1 104 ? -3.288  3.726   -10.103 1.00 22.58  ? 104 CYS A O   1 
ATOM   840  C CB  . CYS A 1 104 ? -3.113  1.159   -8.503  1.00 24.21  ? 104 CYS A CB  1 
ATOM   841  S SG  . CYS A 1 104 ? -4.415  0.155   -9.273  1.00 22.13  ? 104 CYS A SG  1 
ATOM   842  N N   . PRO A 1 105 ? -2.904  2.218   -11.712 1.00 26.23  ? 105 PRO A N   1 
ATOM   843  C CA  . PRO A 1 105 ? -3.571  3.026   -12.715 1.00 31.54  ? 105 PRO A CA  1 
ATOM   844  C C   . PRO A 1 105 ? -5.034  3.063   -12.343 1.00 33.86  ? 105 PRO A C   1 
ATOM   845  O O   . PRO A 1 105 ? -5.562  2.131   -11.726 1.00 33.24  ? 105 PRO A O   1 
ATOM   846  C CB  . PRO A 1 105 ? -3.375  2.209   -14.003 1.00 31.44  ? 105 PRO A CB  1 
ATOM   847  C CG  . PRO A 1 105 ? -2.146  1.426   -13.726 1.00 31.48  ? 105 PRO A CG  1 
ATOM   848  C CD  . PRO A 1 105 ? -2.367  0.989   -12.302 1.00 29.21  ? 105 PRO A CD  1 
ATOM   849  N N   . THR A 1 106 ? -5.680  4.132   -12.778 1.00 38.55  ? 106 THR A N   1 
ATOM   850  C CA  . THR A 1 106 ? -7.099  4.374   -12.557 1.00 42.98  ? 106 THR A CA  1 
ATOM   851  C C   . THR A 1 106 ? -7.980  3.642   -13.586 1.00 43.84  ? 106 THR A C   1 
ATOM   852  O O   . THR A 1 106 ? -7.760  3.821   -14.805 1.00 44.13  ? 106 THR A O   1 
ATOM   853  C CB  . THR A 1 106 ? -7.358  5.878   -12.627 1.00 43.82  ? 106 THR A CB  1 
ATOM   854  O OG1 . THR A 1 106 ? -6.814  6.497   -11.449 1.00 47.52  ? 106 THR A OG1 1 
ATOM   855  C CG2 . THR A 1 106 ? -8.816  6.164   -12.765 1.00 43.98  ? 106 THR A CG2 1 
HETATM 856  C C1  . 772 B 2 .   ? -12.063 -5.900  4.979   1.00 67.92  ? 300 772 A C1  1 
HETATM 857  C C2  . 772 B 2 .   ? -11.741 -7.081  5.678   1.00 68.12  ? 300 772 A C2  1 
HETATM 858  C C3  . 772 B 2 .   ? -10.827 -7.036  6.740   1.00 69.82  ? 300 772 A C3  1 
HETATM 859  C C4  . 772 B 2 .   ? -10.261 -5.725  7.120   1.00 69.98  ? 300 772 A C4  1 
HETATM 860  C C5  . 772 B 2 .   ? -10.582 -4.555  6.375   1.00 68.01  ? 300 772 A C5  1 
HETATM 861  C C6  . 772 B 2 .   ? -11.489 -4.642  5.295   1.00 68.09  ? 300 772 A C6  1 
HETATM 862  C C7  . 772 B 2 .   ? -10.494 -8.199  7.464   1.00 69.89  ? 300 772 A C7  1 
HETATM 863  C C8  . 772 B 2 .   ? -9.661  -8.040  8.589   1.00 71.19  ? 300 772 A C8  1 
HETATM 864  C C9  . 772 B 2 .   ? -9.160  -6.760  8.967   1.00 71.33  ? 300 772 A C9  1 
HETATM 865  N N10 . 772 B 2 .   ? -9.428  -5.616  8.233   1.00 70.82  ? 300 772 A N10 1 
HETATM 866  O O11 . 772 B 2 .   ? -9.864  -3.409  6.653   1.00 66.41  ? 300 772 A O11 1 
HETATM 867  P P12 . 772 B 2 .   ? -8.809  -2.929  5.606   1.00 63.83  ? 300 772 A P12 1 
HETATM 868  O O13 . 772 B 2 .   ? -7.665  -2.475  6.465   1.00 62.76  ? 300 772 A O13 1 
HETATM 869  O O14 . 772 B 2 .   ? -9.458  -1.819  4.823   1.00 60.31  ? 300 772 A O14 1 
HETATM 870  C C15 . 772 B 2 .   ? -8.303  -6.730  10.119  1.00 72.04  ? 300 772 A C15 1 
HETATM 871  N N16 . 772 B 2 .   ? -7.670  -6.737  10.973  1.00 74.35  ? 300 772 A N16 1 
HETATM 872  O O17 . 772 B 2 .   ? -8.381  -4.010  4.665   1.00 60.54  ? 300 772 A O17 1 
HETATM 873  O O   . HOH C 3 .   ? 7.436   -5.585  -10.953 1.00 13.97  ? 301 HOH A O   1 
HETATM 874  O O   . HOH C 3 .   ? 5.723   -12.551 -2.745  1.00 23.14  ? 302 HOH A O   1 
HETATM 875  O O   . HOH C 3 .   ? 10.029  -3.482  7.132   1.00 21.12  ? 303 HOH A O   1 
HETATM 876  O O   . HOH C 3 .   ? -14.904 2.020   -3.312  1.00 25.40  ? 304 HOH A O   1 
HETATM 877  O O   . HOH C 3 .   ? 0.940   -7.947  -9.620  1.00 18.58  ? 305 HOH A O   1 
HETATM 878  O O   . HOH C 3 .   ? 1.071   -9.352  -12.433 1.00 18.67  ? 306 HOH A O   1 
HETATM 879  O O   . HOH C 3 .   ? 4.792   10.450  -5.427  1.00 23.83  ? 307 HOH A O   1 
HETATM 880  O O   . HOH C 3 .   ? -13.906 -5.451  3.298   1.00 47.07  ? 308 HOH A O   1 
HETATM 881  O O   . HOH C 3 .   ? 0.474   -2.945  10.268  1.00 31.89  ? 309 HOH A O   1 
HETATM 882  O O   . HOH C 3 .   ? -15.133 -3.859  6.431   1.00 25.02  ? 310 HOH A O   1 
HETATM 883  O O   . HOH C 3 .   ? 14.190  -0.994  10.504  1.00 29.04  ? 311 HOH A O   1 
HETATM 884  O O   . HOH C 3 .   ? 14.981  -0.605  7.853   1.00 29.39  ? 312 HOH A O   1 
HETATM 885  O O   . HOH C 3 .   ? 12.670  4.579   -3.255  1.00 26.33  ? 313 HOH A O   1 
HETATM 886  O O   . HOH C 3 .   ? 11.248  -4.209  9.372   1.00 23.50  ? 314 HOH A O   1 
HETATM 887  O O   . HOH C 3 .   ? 5.355   -11.414 2.085   1.00 26.11  ? 315 HOH A O   1 
HETATM 888  O O   . HOH C 3 .   ? -10.575 -6.521  -11.798 1.00 24.51  ? 316 HOH A O   1 
HETATM 889  O O   . HOH C 3 .   ? 7.306   4.724   -6.110  1.00 21.53  ? 317 HOH A O   1 
HETATM 890  O O   . HOH C 3 .   ? -6.641  -11.104 -4.032  1.00 6.53   ? 318 HOH A O   1 
HETATM 891  O O   . HOH C 3 .   ? -11.960 -8.273  -5.290  1.00 38.50  ? 319 HOH A O   1 
HETATM 892  O O   . HOH C 3 .   ? -13.080 -7.353  -7.281  1.00 20.02  ? 320 HOH A O   1 
HETATM 893  O O   . HOH C 3 .   ? -11.707 1.907   2.950   1.00 17.44  ? 321 HOH A O   1 
HETATM 894  O O   . HOH C 3 .   ? 8.557   2.781   -7.083  1.00 59.72  ? 322 HOH A O   1 
HETATM 895  O O   . HOH C 3 .   ? -14.147 -5.988  7.602   1.00 26.62  ? 323 HOH A O   1 
HETATM 896  O O   . HOH C 3 .   ? -13.225 3.871   3.532   1.00 33.39  ? 324 HOH A O   1 
HETATM 897  O O   . HOH C 3 .   ? -12.444 4.749   5.971   1.00 28.70  ? 325 HOH A O   1 
HETATM 898  O O   . HOH C 3 .   ? 4.258   -14.386 -5.073  1.00 64.45  ? 326 HOH A O   1 
HETATM 899  O O   . HOH C 3 .   ? -8.310  -10.225 0.966   1.00 63.01  ? 327 HOH A O   1 
HETATM 900  O O   . HOH C 3 .   ? 3.800   7.012   -10.138 1.00 45.11  ? 328 HOH A O   1 
HETATM 901  O O   . HOH C 3 .   ? -15.747 -1.830  -6.125  1.00 37.64  ? 329 HOH A O   1 
HETATM 902  O O   . HOH C 3 .   ? -6.328  -0.449  -12.633 1.00 31.21  ? 330 HOH A O   1 
HETATM 903  O O   . HOH C 3 .   ? -8.746  -3.543  -13.595 1.00 50.24  ? 331 HOH A O   1 
HETATM 904  O O   . HOH C 3 .   ? -6.720  -13.652 -6.924  1.00 43.00  ? 332 HOH A O   1 
HETATM 905  O O   . HOH C 3 .   ? 5.849   10.521  -2.454  1.00 40.56  ? 333 HOH A O   1 
HETATM 906  O O   . HOH C 3 .   ? -4.974  11.770  -4.461  1.00 32.20  ? 334 HOH A O   1 
HETATM 907  O O   . HOH C 3 .   ? 12.912  12.981  7.820   1.00 57.55  ? 335 HOH A O   1 
HETATM 908  O O   . HOH C 3 .   ? 0.942   -12.255 -2.487  1.00 26.10  ? 336 HOH A O   1 
HETATM 909  O O   . HOH C 3 .   ? 12.403  -5.970  -7.426  1.00 32.41  ? 337 HOH A O   1 
HETATM 910  O O   . HOH C 3 .   ? -1.366  -2.541  12.456  1.00 44.51  ? 338 HOH A O   1 
HETATM 911  O O   . HOH C 3 .   ? -5.430  -10.540 0.308   1.00 29.80  ? 339 HOH A O   1 
HETATM 912  O O   . HOH C 3 .   ? -2.901  -1.249  -17.568 1.00 33.64  ? 340 HOH A O   1 
HETATM 913  O O   . HOH C 3 .   ? 7.513   8.338   -2.317  1.00 38.44  ? 341 HOH A O   1 
HETATM 914  O O   . HOH C 3 .   ? -1.477  -1.109  14.752  1.00 53.31  ? 342 HOH A O   1 
HETATM 915  O O   . HOH C 3 .   ? 4.204   4.255   -11.399 1.00 59.83  ? 343 HOH A O   1 
HETATM 916  O O   . HOH C 3 .   ? -6.813  -8.123  -17.161 1.00 38.49  ? 344 HOH A O   1 
HETATM 917  O O   . HOH C 3 .   ? -3.119  -12.795 -1.782  1.00 38.04  ? 345 HOH A O   1 
HETATM 918  O O   . HOH C 3 .   ? 1.699   8.295   -11.581 1.00 49.93  ? 346 HOH A O   1 
HETATM 919  O O   . HOH C 3 .   ? -2.998  7.343   -10.253 1.00 28.85  ? 347 HOH A O   1 
HETATM 920  O O   . HOH C 3 .   ? 8.347   -7.242  15.472  1.00 37.55  ? 348 HOH A O   1 
HETATM 921  O O   . HOH C 3 .   ? 12.195  -4.640  -9.826  1.00 31.21  ? 349 HOH A O   1 
HETATM 922  O O   . HOH C 3 .   ? 10.230  11.410  1.123   1.00 54.43  ? 350 HOH A O   1 
HETATM 923  O O   . HOH C 3 .   ? -4.749  -6.609  6.069   1.00 48.18  ? 351 HOH A O   1 
HETATM 924  O O   . HOH C 3 .   ? 0.238   4.378   -13.689 1.00 56.94  ? 352 HOH A O   1 
HETATM 925  O O   . HOH C 3 .   ? 12.417  -9.128  16.774  1.00 46.24  ? 353 HOH A O   1 
HETATM 926  O O   . HOH C 3 .   ? 4.628   -6.516  7.304   1.00 43.86  ? 354 HOH A O   1 
HETATM 927  O O   . HOH C 3 .   ? -14.232 -12.542 2.224   1.00 43.22  ? 355 HOH A O   1 
HETATM 928  O O   . HOH C 3 .   ? 8.843   -1.719  18.699  1.00 35.22  ? 356 HOH A O   1 
HETATM 929  O O   . HOH C 3 .   ? -7.882  11.221  -3.091  1.00 34.71  ? 357 HOH A O   1 
HETATM 930  O O   . HOH C 3 .   ? 10.969  -9.041  -6.533  1.00 64.52  ? 358 HOH A O   1 
HETATM 931  O O   . HOH C 3 .   ? -1.664  -9.535  4.322   1.00 76.80  ? 359 HOH A O   1 
HETATM 932  O O   . HOH C 3 .   ? -16.337 6.841   -2.936  1.00 70.23  ? 360 HOH A O   1 
HETATM 933  O O   . HOH C 3 .   ? -9.238  -7.747  -15.895 1.00 82.04  ? 361 HOH A O   1 
HETATM 934  O O   . HOH C 3 .   ? 7.776   -5.619  6.705   1.00 24.66  ? 362 HOH A O   1 
HETATM 935  O O   . HOH C 3 .   ? 10.902  1.612   17.525  1.00 38.96  ? 363 HOH A O   1 
HETATM 936  O O   . HOH C 3 .   ? -12.905 -5.870  -12.666 1.00 77.09  ? 364 HOH A O   1 
HETATM 937  O O   . HOH C 3 .   ? -14.552 3.894   -5.646  1.00 36.28  ? 365 HOH A O   1 
HETATM 938  O O   . HOH C 3 .   ? 6.273   15.033  8.293   1.00 90.50  ? 366 HOH A O   1 
HETATM 939  O O   . HOH C 3 .   ? -4.163  -1.502  -15.262 1.00 60.85  ? 367 HOH A O   1 
HETATM 940  O O   . HOH C 3 .   ? -1.129  9.366   -12.147 1.00 64.41  ? 368 HOH A O   1 
HETATM 941  O O   . HOH C 3 .   ? -11.454 4.819   -7.810  1.00 33.03  ? 369 HOH A O   1 
HETATM 942  O O   . HOH C 3 .   ? -7.296  5.769   -16.522 1.00 57.65  ? 370 HOH A O   1 
HETATM 943  O O   . HOH C 3 .   ? -13.190 8.169   7.252   1.00 37.15  ? 371 HOH A O   1 
HETATM 944  O O   . HOH C 3 .   ? -6.764  -2.221  -19.022 1.00 42.16  ? 372 HOH A O   1 
HETATM 945  O O   . HOH C 3 .   ? -4.463  6.325   -13.969 1.00 36.41  ? 373 HOH A O   1 
HETATM 946  O O   . HOH C 3 .   ? -8.096  9.715   -5.668  1.00 98.18  ? 374 HOH A O   1 
HETATM 947  O O   . HOH C 3 .   ? -16.323 -4.194  -7.392  1.00 49.09  ? 375 HOH A O   1 
HETATM 948  O O   . HOH C 3 .   ? -13.524 -6.104  10.720  1.00 66.90  ? 376 HOH A O   1 
HETATM 949  O O   . HOH C 3 .   ? -0.344  -14.348 -1.677  1.00 100.00 ? 377 HOH A O   1 
HETATM 950  O O   . HOH C 3 .   ? 5.972   -17.184 -12.132 1.00 50.66  ? 378 HOH A O   1 
HETATM 951  O O   . HOH C 3 .   ? -13.072 10.363  3.991   1.00 36.68  ? 379 HOH A O   1 
HETATM 952  O O   . HOH C 3 .   ? -10.441 9.943   7.397   1.00 56.90  ? 380 HOH A O   1 
HETATM 953  O O   . HOH C 3 .   ? 1.014   -10.794 4.440   1.00 29.85  ? 381 HOH A O   1 
HETATM 954  O O   . HOH C 3 .   ? -6.268  -5.726  -18.562 1.00 46.34  ? 382 HOH A O   1 
HETATM 955  O O   . HOH C 3 .   ? 12.286  -3.867  19.634  1.00 82.26  ? 383 HOH A O   1 
HETATM 956  O O   . HOH C 3 .   ? -1.923  -23.797 -8.186  1.00 59.58  ? 384 HOH A O   1 
HETATM 957  O O   . HOH C 3 .   ? 12.072  2.558   13.368  1.00 20.58  ? 385 HOH A O   1 
HETATM 958  O O   . HOH C 3 .   ? -8.956  -11.921 4.369   1.00 60.06  ? 386 HOH A O   1 
HETATM 959  O O   . HOH C 3 .   ? -0.598  -12.677 3.849   1.00 55.31  ? 387 HOH A O   1 
HETATM 960  O O   . HOH C 3 .   ? 2.929   -10.409 2.307   1.00 40.41  ? 388 HOH A O   1 
HETATM 961  O O   . HOH C 3 .   ? 15.384  -5.484  3.450   1.00 54.34  ? 389 HOH A O   1 
HETATM 962  O O   . HOH C 3 .   ? -0.304  -10.199 -14.574 1.00 25.17  ? 390 HOH A O   1 
HETATM 963  O O   . HOH C 3 .   ? -5.436  9.209   -13.004 1.00 67.34  ? 391 HOH A O   1 
HETATM 964  O O   . HOH C 3 .   ? 0.369   -0.868  -13.569 1.00 43.69  ? 392 HOH A O   1 
HETATM 965  O O   . HOH C 3 .   ? -14.314 -3.759  -13.364 1.00 56.51  ? 393 HOH A O   1 
HETATM 966  O O   . HOH C 3 .   ? -0.849  -5.252  7.351   1.00 51.29  ? 394 HOH A O   1 
HETATM 967  O O   . HOH C 3 .   ? 10.085  -8.810  -9.588  1.00 41.13  ? 395 HOH A O   1 
HETATM 968  O O   . HOH C 3 .   ? -10.904 10.403  0.023   1.00 36.00  ? 396 HOH A O   1 
HETATM 969  O O   . HOH C 3 .   ? -9.144  10.321  2.365   1.00 29.40  ? 397 HOH A O   1 
HETATM 970  O O   . HOH C 3 .   ? -17.461 6.614   0.210   1.00 34.93  ? 398 HOH A O   1 
HETATM 971  O O   . HOH C 3 .   ? -3.487  -14.350 -12.880 1.00 54.50  ? 399 HOH A O   1 
HETATM 972  O O   . HOH C 3 .   ? 12.712  6.908   8.664   1.00 20.72  ? 400 HOH A O   1 
HETATM 973  O O   . HOH C 3 .   ? -9.666  -1.011  -13.828 1.00 73.15  ? 401 HOH A O   1 
HETATM 974  O O   . HOH C 3 .   ? 2.019   -3.569  -18.140 1.00 21.27  ? 402 HOH A O   1 
HETATM 975  O O   . HOH C 3 .   ? 1.644   -14.313 -5.174  1.00 27.08  ? 403 HOH A O   1 
HETATM 976  O O   . HOH C 3 .   ? 6.352   -18.179 -9.613  1.00 29.25  ? 404 HOH A O   1 
HETATM 977  O O   . HOH C 3 .   ? -3.957  -9.252  2.840   1.00 15.63  ? 405 HOH A O   1 
HETATM 978  O O   . HOH C 3 .   ? 7.150   -0.191  8.717   1.00 5.41   ? 406 HOH A O   1 
HETATM 979  O O   . HOH C 3 .   ? 2.701   12.137  5.610   1.00 23.88  ? 407 HOH A O   1 
HETATM 980  O O   . HOH C 3 .   ? 8.281   -10.492 1.823   1.00 18.84  ? 408 HOH A O   1 
HETATM 981  O O   . HOH C 3 .   ? -5.953  9.042   9.112   1.00 50.82  ? 409 HOH A O   1 
HETATM 982  O O   . HOH C 3 .   ? -10.591 6.773   -5.668  1.00 51.82  ? 410 HOH A O   1 
HETATM 983  O O   . HOH C 3 .   ? -12.630 8.600   -3.470  1.00 48.55  ? 411 HOH A O   1 
HETATM 984  O O   . HOH C 3 .   ? -14.911 -6.186  -8.749  1.00 54.90  ? 412 HOH A O   1 
HETATM 985  O O   . HOH C 3 .   ? -13.271 12.317  7.166   1.00 49.61  ? 413 HOH A O   1 
HETATM 986  O O   . HOH C 3 .   ? -3.197  -5.957  -22.693 1.00 50.87  ? 414 HOH A O   1 
HETATM 987  O O   . HOH C 3 .   ? -8.356  6.110   7.979   1.00 95.70  ? 415 HOH A O   1 
HETATM 988  O O   . HOH C 3 .   ? -2.587  4.183   13.511  1.00 41.13  ? 416 HOH A O   1 
HETATM 989  O O   . HOH C 3 .   ? -5.220  -16.262 -5.936  1.00 38.59  ? 417 HOH A O   1 
HETATM 990  O O   . HOH C 3 .   ? -0.048  -7.741  6.561   1.00 88.03  ? 418 HOH A O   1 
HETATM 991  O O   . HOH C 3 .   ? -2.976  -4.897  12.033  1.00 63.76  ? 419 HOH A O   1 
HETATM 992  O O   . HOH C 3 .   ? 11.442  9.161   8.127   1.00 15.56  ? 420 HOH A O   1 
HETATM 993  O O   . HOH C 3 .   ? -5.028  -4.080  5.549   1.00 96.78  ? 421 HOH A O   1 
HETATM 994  O O   . HOH C 3 .   ? 8.771   -11.335 -10.407 1.00 30.28  ? 422 HOH A O   1 
HETATM 995  O O   . HOH C 3 .   ? -11.608 1.824   -13.715 1.00 41.20  ? 423 HOH A O   1 
HETATM 996  O O   . HOH C 3 .   ? -8.954  -10.709 -3.384  1.00 65.17  ? 424 HOH A O   1 
HETATM 997  O O   . HOH C 3 .   ? 6.148   15.393  3.414   1.00 39.59  ? 425 HOH A O   1 
HETATM 998  O O   . HOH C 3 .   ? -11.429 4.013   9.717   1.00 40.96  ? 426 HOH A O   1 
HETATM 999  O O   . HOH C 3 .   ? -13.932 10.921  0.965   1.00 68.96  ? 427 HOH A O   1 
HETATM 1000 O O   . HOH C 3 .   ? 12.961  -8.486  -8.522  1.00 54.18  ? 428 HOH A O   1 
HETATM 1001 O O   . HOH C 3 .   ? -14.725 -3.894  12.224  1.00 38.94  ? 429 HOH A O   1 
HETATM 1002 O O   . HOH C 3 .   ? 17.881  -5.996  3.489   1.00 29.14  ? 430 HOH A O   1 
HETATM 1003 O O   . HOH C 3 .   ? -5.672  -13.406 -2.855  1.00 55.22  ? 431 HOH A O   1 
HETATM 1004 O O   . HOH C 3 .   ? -14.997 10.225  -1.781  1.00 59.09  ? 432 HOH A O   1 
HETATM 1005 O O   . HOH C 3 .   ? -17.075 8.869   -1.224  1.00 29.87  ? 433 HOH A O   1 
HETATM 1006 O O   . HOH C 3 .   ? -11.140 15.751  6.757   1.00 86.77  ? 434 HOH A O   1 
HETATM 1007 O O   . HOH C 3 .   ? -5.758  -9.474  -21.520 1.00 54.11  ? 435 HOH A O   1 
HETATM 1008 O O   . HOH C 3 .   ? 6.369   -8.335  8.242   1.00 82.77  ? 436 HOH A O   1 
HETATM 1009 O O   . HOH C 3 .   ? -6.503  8.888   -7.663  1.00 24.26  ? 437 HOH A O   1 
HETATM 1010 O O   . HOH C 3 .   ? -7.975  12.457  -0.499  1.00 69.51  ? 438 HOH A O   1 
HETATM 1011 O O   . HOH C 3 .   ? -16.064 6.065   -5.363  1.00 100.00 ? 439 HOH A O   1 
HETATM 1012 O O   . HOH C 3 .   ? -15.865 8.027   -7.537  1.00 63.33  ? 440 HOH A O   1 
HETATM 1013 O O   . HOH C 3 .   ? -10.890 3.894   -10.398 1.00 62.98  ? 441 HOH A O   1 
HETATM 1014 O O   . HOH C 3 .   ? -10.650 14.193  4.269   1.00 91.49  ? 442 HOH A O   1 
HETATM 1015 O O   . HOH C 3 .   ? -13.244 13.618  4.740   1.00 66.88  ? 443 HOH A O   1 
HETATM 1016 O O   . HOH C 3 .   ? -12.029 6.886   9.564   1.00 71.13  ? 444 HOH A O   1 
HETATM 1017 O O   . HOH C 3 .   ? -7.902  8.743   7.429   1.00 69.49  ? 445 HOH A O   1 
HETATM 1018 O O   . HOH C 3 .   ? -12.477 -9.078  -9.196  1.00 76.46  ? 446 HOH A O   1 
HETATM 1019 O O   . HOH C 3 .   ? -15.687 -6.768  -11.348 1.00 54.59  ? 447 HOH A O   1 
HETATM 1020 O O   . HOH C 3 .   ? -12.161 -10.822 -5.855  1.00 57.80  ? 448 HOH A O   1 
HETATM 1021 O O   . HOH C 3 .   ? -11.457 -12.039 -1.338  1.00 59.90  ? 449 HOH A O   1 
HETATM 1022 O O   . HOH C 3 .   ? 10.242  3.037   19.757  1.00 75.89  ? 450 HOH A O   1 
HETATM 1023 O O   . HOH C 3 .   ? -9.111  -6.833  -19.868 1.00 56.85  ? 451 HOH A O   1 
HETATM 1024 O O   . HOH C 3 .   ? -6.733  -6.382  -21.303 1.00 100.00 ? 452 HOH A O   1 
HETATM 1025 O O   . HOH C 3 .   ? -4.614  -20.394 -2.347  1.00 53.06  ? 453 HOH A O   1 
HETATM 1026 O O   . HOH C 3 .   ? -3.488  -14.772 1.828   1.00 100.00 ? 454 HOH A O   1 
HETATM 1027 O O   . HOH C 3 .   ? -3.250  -12.159 3.873   1.00 41.25  ? 455 HOH A O   1 
HETATM 1028 O O   . HOH C 3 .   ? -2.677  4.480   16.911  1.00 79.72  ? 456 HOH A O   1 
HETATM 1029 O O   . HOH C 3 .   ? 3.143   14.217  7.635   1.00 48.81  ? 457 HOH A O   1 
HETATM 1030 O O   . HOH C 3 .   ? 7.947   13.396  2.490   1.00 71.19  ? 458 HOH A O   1 
HETATM 1031 O O   . HOH C 3 .   ? 1.559   1.181   -15.095 1.00 70.78  ? 459 HOH A O   1 
HETATM 1032 O O   . HOH C 3 .   ? 6.232   2.406   -12.107 1.00 39.18  ? 460 HOH A O   1 
HETATM 1033 O O   . HOH C 3 .   ? -4.342  -25.414 -9.362  1.00 49.63  ? 461 HOH A O   1 
HETATM 1034 O O   . HOH C 3 .   ? -5.788  -16.162 -9.969  1.00 33.95  ? 462 HOH A O   1 
HETATM 1035 O O   . HOH C 3 .   ? -11.729 -11.642 3.459   1.00 50.50  ? 463 HOH A O   1 
HETATM 1036 O O   . HOH C 3 .   ? 5.661   1.531   19.516  1.00 47.88  ? 464 HOH A O   1 
HETATM 1037 O O   . HOH C 3 .   ? 0.184   7.767   20.403  1.00 75.46  ? 465 HOH A O   1 
HETATM 1038 O O   . HOH C 3 .   ? 12.080  -0.673  18.203  1.00 67.88  ? 466 HOH A O   1 
HETATM 1039 O O   . HOH C 3 .   ? 1.188   -8.620  9.921   1.00 50.50  ? 467 HOH A O   1 
HETATM 1040 O O   . HOH C 3 .   ? -9.550  -2.272  8.821   1.00 76.73  ? 468 HOH A O   1 
# 
loop_
_pdbx_poly_seq_scheme.asym_id 
_pdbx_poly_seq_scheme.entity_id 
_pdbx_poly_seq_scheme.seq_id 
_pdbx_poly_seq_scheme.mon_id 
_pdbx_poly_seq_scheme.ndb_seq_num 
_pdbx_poly_seq_scheme.pdb_seq_num 
_pdbx_poly_seq_scheme.auth_seq_num 
_pdbx_poly_seq_scheme.pdb_mon_id 
_pdbx_poly_seq_scheme.auth_mon_id 
_pdbx_poly_seq_scheme.pdb_strand_id 
_pdbx_poly_seq_scheme.pdb_ins_code 
_pdbx_poly_seq_scheme.hetero 
A 1 1   SER 1   1   1   SER SER A . n 
A 1 2   ILE 2   2   2   ILE ILE A . n 
A 1 3   GLN 3   3   3   GLN GLN A . n 
A 1 4   ALA 4   4   4   ALA ALA A . n 
A 1 5   GLU 5   5   5   GLU GLU A . n 
A 1 6   GLU 6   6   6   GLU GLU A . n 
A 1 7   TRP 7   7   7   TRP TRP A . n 
A 1 8   TYR 8   8   8   TYR TYR A . n 
A 1 9   PHE 9   9   9   PHE PHE A . n 
A 1 10  GLY 10  10  10  GLY GLY A . n 
A 1 11  LYS 11  11  11  LYS LYS A . n 
A 1 12  ILE 12  12  12  ILE ILE A . n 
A 1 13  THR 13  13  13  THR THR A . n 
A 1 14  ARG 14  14  14  ARG ARG A . n 
A 1 15  ARG 15  15  15  ARG ARG A . n 
A 1 16  GLU 16  16  16  GLU GLU A . n 
A 1 17  SER 17  17  17  SER SER A . n 
A 1 18  GLU 18  18  18  GLU GLU A . n 
A 1 19  ARG 19  19  19  ARG ARG A . n 
A 1 20  LEU 20  20  20  LEU LEU A . n 
A 1 21  LEU 21  21  21  LEU LEU A . n 
A 1 22  LEU 22  22  22  LEU LEU A . n 
A 1 23  ASN 23  23  23  ASN ASN A . n 
A 1 24  ALA 24  24  24  ALA ALA A . n 
A 1 25  GLU 25  25  25  GLU GLU A . n 
A 1 26  ASN 26  26  26  ASN ASN A . n 
A 1 27  PRO 27  27  27  PRO PRO A . n 
A 1 28  ARG 28  28  28  ARG ARG A . n 
A 1 29  GLY 29  29  29  GLY GLY A . n 
A 1 30  THR 30  30  30  THR THR A . n 
A 1 31  PHE 31  31  31  PHE PHE A . n 
A 1 32  LEU 32  32  32  LEU LEU A . n 
A 1 33  VAL 33  33  33  VAL VAL A . n 
A 1 34  ARG 34  34  34  ARG ARG A . n 
A 1 35  GLU 35  35  35  GLU GLU A . n 
A 1 36  SER 36  36  36  SER SER A . n 
A 1 37  GLU 37  37  37  GLU GLU A . n 
A 1 38  THR 38  38  38  THR THR A . n 
A 1 39  THR 39  39  39  THR THR A . n 
A 1 40  LYS 40  40  40  LYS LYS A . n 
A 1 41  GLY 41  41  41  GLY GLY A . n 
A 1 42  ALA 42  42  42  ALA ALA A . n 
A 1 43  TYR 43  43  43  TYR TYR A . n 
A 1 44  CYS 44  44  44  CYS CYS A . n 
A 1 45  LEU 45  45  45  LEU LEU A . n 
A 1 46  SER 46  46  46  SER SER A . n 
A 1 47  VAL 47  47  47  VAL VAL A . n 
A 1 48  SER 48  48  48  SER SER A . n 
A 1 49  ASP 49  49  49  ASP ASP A . n 
A 1 50  PHE 50  50  50  PHE PHE A . n 
A 1 51  ASP 51  51  51  ASP ASP A . n 
A 1 52  ASN 52  52  52  ASN ASN A . n 
A 1 53  ALA 53  53  53  ALA ALA A . n 
A 1 54  LYS 54  54  54  LYS LYS A . n 
A 1 55  GLY 55  55  55  GLY GLY A . n 
A 1 56  LEU 56  56  56  LEU LEU A . n 
A 1 57  ASN 57  57  57  ASN ASN A . n 
A 1 58  VAL 58  58  58  VAL VAL A . n 
A 1 59  LYS 59  59  59  LYS LYS A . n 
A 1 60  HIS 60  60  60  HIS HIS A . n 
A 1 61  TYR 61  61  61  TYR TYR A . n 
A 1 62  LYS 62  62  62  LYS LYS A . n 
A 1 63  ILE 63  63  63  ILE ILE A . n 
A 1 64  ARG 64  64  64  ARG ARG A . n 
A 1 65  LYS 65  65  65  LYS LYS A . n 
A 1 66  LEU 66  66  66  LEU LEU A . n 
A 1 67  ASP 67  67  67  ASP ASP A . n 
A 1 68  SER 68  68  68  SER SER A . n 
A 1 69  GLY 69  69  69  GLY GLY A . n 
A 1 70  GLY 70  70  70  GLY GLY A . n 
A 1 71  PHE 71  71  71  PHE PHE A . n 
A 1 72  TYR 72  72  72  TYR TYR A . n 
A 1 73  ILE 73  73  73  ILE ILE A . n 
A 1 74  THR 74  74  74  THR THR A . n 
A 1 75  SER 75  75  75  SER SER A . n 
A 1 76  ARG 76  76  76  ARG ARG A . n 
A 1 77  THR 77  77  77  THR THR A . n 
A 1 78  GLN 78  78  78  GLN GLN A . n 
A 1 79  PHE 79  79  79  PHE PHE A . n 
A 1 80  ASN 80  80  80  ASN ASN A . n 
A 1 81  SER 81  81  81  SER SER A . n 
A 1 82  LEU 82  82  82  LEU LEU A . n 
A 1 83  GLN 83  83  83  GLN GLN A . n 
A 1 84  GLN 84  84  84  GLN GLN A . n 
A 1 85  LEU 85  85  85  LEU LEU A . n 
A 1 86  VAL 86  86  86  VAL VAL A . n 
A 1 87  ALA 87  87  87  ALA ALA A . n 
A 1 88  TYR 88  88  88  TYR TYR A . n 
A 1 89  TYR 89  89  89  TYR TYR A . n 
A 1 90  SER 90  90  90  SER SER A . n 
A 1 91  LYS 91  91  91  LYS LYS A . n 
A 1 92  HIS 92  92  92  HIS HIS A . n 
A 1 93  ALA 93  93  93  ALA ALA A . n 
A 1 94  ASP 94  94  94  ASP ASP A . n 
A 1 95  GLY 95  95  95  GLY GLY A . n 
A 1 96  LEU 96  96  96  LEU LEU A . n 
A 1 97  CYS 97  97  97  CYS CYS A . n 
A 1 98  HIS 98  98  98  HIS HIS A . n 
A 1 99  ARG 99  99  99  ARG ARG A . n 
A 1 100 LEU 100 100 100 LEU LEU A . n 
A 1 101 THR 101 101 101 THR THR A . n 
A 1 102 THR 102 102 102 THR THR A . n 
A 1 103 VAL 103 103 103 VAL VAL A . n 
A 1 104 CYS 104 104 104 CYS CYS A . n 
A 1 105 PRO 105 105 105 PRO PRO A . n 
A 1 106 THR 106 106 106 THR THR A . n 
A 1 107 SER 107 107 ?   ?   ?   A . n 
A 1 108 LYS 108 108 ?   ?   ?   A . n 
# 
loop_
_pdbx_nonpoly_scheme.asym_id 
_pdbx_nonpoly_scheme.entity_id 
_pdbx_nonpoly_scheme.mon_id 
_pdbx_nonpoly_scheme.ndb_seq_num 
_pdbx_nonpoly_scheme.pdb_seq_num 
_pdbx_nonpoly_scheme.auth_seq_num 
_pdbx_nonpoly_scheme.pdb_mon_id 
_pdbx_nonpoly_scheme.auth_mon_id 
_pdbx_nonpoly_scheme.pdb_strand_id 
_pdbx_nonpoly_scheme.pdb_ins_code 
B 2 772 1   300 1   772 INH A . 
C 3 HOH 1   301 1   HOH HOH A . 
C 3 HOH 2   302 2   HOH HOH A . 
C 3 HOH 3   303 3   HOH HOH A . 
C 3 HOH 4   304 4   HOH HOH A . 
C 3 HOH 5   305 5   HOH HOH A . 
C 3 HOH 6   306 6   HOH HOH A . 
C 3 HOH 7   307 7   HOH HOH A . 
C 3 HOH 8   308 8   HOH HOH A . 
C 3 HOH 9   309 9   HOH HOH A . 
C 3 HOH 10  310 10  HOH HOH A . 
C 3 HOH 11  311 11  HOH HOH A . 
C 3 HOH 12  312 12  HOH HOH A . 
C 3 HOH 13  313 13  HOH HOH A . 
C 3 HOH 14  314 14  HOH HOH A . 
C 3 HOH 15  315 15  HOH HOH A . 
C 3 HOH 16  316 16  HOH HOH A . 
C 3 HOH 17  317 17  HOH HOH A . 
C 3 HOH 18  318 18  HOH HOH A . 
C 3 HOH 19  319 19  HOH HOH A . 
C 3 HOH 20  320 20  HOH HOH A . 
C 3 HOH 21  321 21  HOH HOH A . 
C 3 HOH 22  322 22  HOH HOH A . 
C 3 HOH 23  323 23  HOH HOH A . 
C 3 HOH 24  324 24  HOH HOH A . 
C 3 HOH 25  325 25  HOH HOH A . 
C 3 HOH 26  326 26  HOH HOH A . 
C 3 HOH 27  327 27  HOH HOH A . 
C 3 HOH 28  328 28  HOH HOH A . 
C 3 HOH 29  329 30  HOH HOH A . 
C 3 HOH 30  330 31  HOH HOH A . 
C 3 HOH 31  331 32  HOH HOH A . 
C 3 HOH 32  332 33  HOH HOH A . 
C 3 HOH 33  333 34  HOH HOH A . 
C 3 HOH 34  334 35  HOH HOH A . 
C 3 HOH 35  335 36  HOH HOH A . 
C 3 HOH 36  336 37  HOH HOH A . 
C 3 HOH 37  337 39  HOH HOH A . 
C 3 HOH 38  338 40  HOH HOH A . 
C 3 HOH 39  339 41  HOH HOH A . 
C 3 HOH 40  340 42  HOH HOH A . 
C 3 HOH 41  341 43  HOH HOH A . 
C 3 HOH 42  342 44  HOH HOH A . 
C 3 HOH 43  343 45  HOH HOH A . 
C 3 HOH 44  344 46  HOH HOH A . 
C 3 HOH 45  345 47  HOH HOH A . 
C 3 HOH 46  346 48  HOH HOH A . 
C 3 HOH 47  347 49  HOH HOH A . 
C 3 HOH 48  348 50  HOH HOH A . 
C 3 HOH 49  349 51  HOH HOH A . 
C 3 HOH 50  350 52  HOH HOH A . 
C 3 HOH 51  351 53  HOH HOH A . 
C 3 HOH 52  352 54  HOH HOH A . 
C 3 HOH 53  353 55  HOH HOH A . 
C 3 HOH 54  354 56  HOH HOH A . 
C 3 HOH 55  355 57  HOH HOH A . 
C 3 HOH 56  356 58  HOH HOH A . 
C 3 HOH 57  357 59  HOH HOH A . 
C 3 HOH 58  358 60  HOH HOH A . 
C 3 HOH 59  359 61  HOH HOH A . 
C 3 HOH 60  360 62  HOH HOH A . 
C 3 HOH 61  361 64  HOH HOH A . 
C 3 HOH 62  362 65  HOH HOH A . 
C 3 HOH 63  363 66  HOH HOH A . 
C 3 HOH 64  364 67  HOH HOH A . 
C 3 HOH 65  365 68  HOH HOH A . 
C 3 HOH 66  366 69  HOH HOH A . 
C 3 HOH 67  367 70  HOH HOH A . 
C 3 HOH 68  368 71  HOH HOH A . 
C 3 HOH 69  369 72  HOH HOH A . 
C 3 HOH 70  370 73  HOH HOH A . 
C 3 HOH 71  371 74  HOH HOH A . 
C 3 HOH 72  372 75  HOH HOH A . 
C 3 HOH 73  373 76  HOH HOH A . 
C 3 HOH 74  374 77  HOH HOH A . 
C 3 HOH 75  375 78  HOH HOH A . 
C 3 HOH 76  376 79  HOH HOH A . 
C 3 HOH 77  377 80  HOH HOH A . 
C 3 HOH 78  378 81  HOH HOH A . 
C 3 HOH 79  379 82  HOH HOH A . 
C 3 HOH 80  380 83  HOH HOH A . 
C 3 HOH 81  381 84  HOH HOH A . 
C 3 HOH 82  382 85  HOH HOH A . 
C 3 HOH 83  383 86  HOH HOH A . 
C 3 HOH 84  384 87  HOH HOH A . 
C 3 HOH 85  385 89  HOH HOH A . 
C 3 HOH 86  386 90  HOH HOH A . 
C 3 HOH 87  387 91  HOH HOH A . 
C 3 HOH 88  388 92  HOH HOH A . 
C 3 HOH 89  389 93  HOH HOH A . 
C 3 HOH 90  390 94  HOH HOH A . 
C 3 HOH 91  391 95  HOH HOH A . 
C 3 HOH 92  392 96  HOH HOH A . 
C 3 HOH 93  393 98  HOH HOH A . 
C 3 HOH 94  394 99  HOH HOH A . 
C 3 HOH 95  395 100 HOH HOH A . 
C 3 HOH 96  396 101 HOH HOH A . 
C 3 HOH 97  397 102 HOH HOH A . 
C 3 HOH 98  398 103 HOH HOH A . 
C 3 HOH 99  399 104 HOH HOH A . 
C 3 HOH 100 400 105 HOH HOH A . 
C 3 HOH 101 401 106 HOH HOH A . 
C 3 HOH 102 402 107 HOH HOH A . 
C 3 HOH 103 403 108 HOH HOH A . 
C 3 HOH 104 404 109 HOH HOH A . 
C 3 HOH 105 405 110 HOH HOH A . 
C 3 HOH 106 406 111 HOH HOH A . 
C 3 HOH 107 407 112 HOH HOH A . 
C 3 HOH 108 408 114 HOH HOH A . 
C 3 HOH 109 409 115 HOH HOH A . 
C 3 HOH 110 410 116 HOH HOH A . 
C 3 HOH 111 411 117 HOH HOH A . 
C 3 HOH 112 412 118 HOH HOH A . 
C 3 HOH 113 413 119 HOH HOH A . 
C 3 HOH 114 414 120 HOH HOH A . 
C 3 HOH 115 415 122 HOH HOH A . 
C 3 HOH 116 416 123 HOH HOH A . 
C 3 HOH 117 417 124 HOH HOH A . 
C 3 HOH 118 418 126 HOH HOH A . 
C 3 HOH 119 419 127 HOH HOH A . 
C 3 HOH 120 420 128 HOH HOH A . 
C 3 HOH 121 421 130 HOH HOH A . 
C 3 HOH 122 422 132 HOH HOH A . 
C 3 HOH 123 423 133 HOH HOH A . 
C 3 HOH 124 424 136 HOH HOH A . 
C 3 HOH 125 425 137 HOH HOH A . 
C 3 HOH 126 426 141 HOH HOH A . 
C 3 HOH 127 427 148 HOH HOH A . 
C 3 HOH 128 428 149 HOH HOH A . 
C 3 HOH 129 429 150 HOH HOH A . 
C 3 HOH 130 430 151 HOH HOH A . 
C 3 HOH 131 431 152 HOH HOH A . 
C 3 HOH 132 432 153 HOH HOH A . 
C 3 HOH 133 433 154 HOH HOH A . 
C 3 HOH 134 434 155 HOH HOH A . 
C 3 HOH 135 435 156 HOH HOH A . 
C 3 HOH 136 436 157 HOH HOH A . 
C 3 HOH 137 437 160 HOH HOH A . 
C 3 HOH 138 438 161 HOH HOH A . 
C 3 HOH 139 439 162 HOH HOH A . 
C 3 HOH 140 440 163 HOH HOH A . 
C 3 HOH 141 441 164 HOH HOH A . 
C 3 HOH 142 442 165 HOH HOH A . 
C 3 HOH 143 443 166 HOH HOH A . 
C 3 HOH 144 444 167 HOH HOH A . 
C 3 HOH 145 445 168 HOH HOH A . 
C 3 HOH 146 446 169 HOH HOH A . 
C 3 HOH 147 447 170 HOH HOH A . 
C 3 HOH 148 448 171 HOH HOH A . 
C 3 HOH 149 449 172 HOH HOH A . 
C 3 HOH 150 450 173 HOH HOH A . 
C 3 HOH 151 451 174 HOH HOH A . 
C 3 HOH 152 452 175 HOH HOH A . 
C 3 HOH 153 453 177 HOH HOH A . 
C 3 HOH 154 454 178 HOH HOH A . 
C 3 HOH 155 455 179 HOH HOH A . 
C 3 HOH 156 456 180 HOH HOH A . 
C 3 HOH 157 457 181 HOH HOH A . 
C 3 HOH 158 458 182 HOH HOH A . 
C 3 HOH 159 459 184 HOH HOH A . 
C 3 HOH 160 460 185 HOH HOH A . 
C 3 HOH 161 461 186 HOH HOH A . 
C 3 HOH 162 462 187 HOH HOH A . 
C 3 HOH 163 463 188 HOH HOH A . 
C 3 HOH 164 464 189 HOH HOH A . 
C 3 HOH 165 465 190 HOH HOH A . 
C 3 HOH 166 466 191 HOH HOH A . 
C 3 HOH 167 467 192 HOH HOH A . 
C 3 HOH 168 468 193 HOH HOH A . 
# 
_pdbx_struct_assembly.id                   1 
_pdbx_struct_assembly.details              author_defined_assembly 
_pdbx_struct_assembly.method_details       ? 
_pdbx_struct_assembly.oligomeric_details   monomeric 
_pdbx_struct_assembly.oligomeric_count     1 
# 
_pdbx_struct_assembly_gen.assembly_id       1 
_pdbx_struct_assembly_gen.oper_expression   1 
_pdbx_struct_assembly_gen.asym_id_list      A,B,C 
# 
_pdbx_struct_oper_list.id                   1 
_pdbx_struct_oper_list.type                 'identity operation' 
_pdbx_struct_oper_list.name                 1_555 
_pdbx_struct_oper_list.symmetry_operation   x,y,z 
_pdbx_struct_oper_list.matrix[1][1]         1.0000000000 
_pdbx_struct_oper_list.matrix[1][2]         0.0000000000 
_pdbx_struct_oper_list.matrix[1][3]         0.0000000000 
_pdbx_struct_oper_list.vector[1]            0.0000000000 
_pdbx_struct_oper_list.matrix[2][1]         0.0000000000 
_pdbx_struct_oper_list.matrix[2][2]         1.0000000000 
_pdbx_struct_oper_list.matrix[2][3]         0.0000000000 
_pdbx_struct_oper_list.vector[2]            0.0000000000 
_pdbx_struct_oper_list.matrix[3][1]         0.0000000000 
_pdbx_struct_oper_list.matrix[3][2]         0.0000000000 
_pdbx_struct_oper_list.matrix[3][3]         1.0000000000 
_pdbx_struct_oper_list.vector[3]            0.0000000000 
# 
loop_
_pdbx_audit_revision_history.ordinal 
_pdbx_audit_revision_history.data_content_type 
_pdbx_audit_revision_history.major_revision 
_pdbx_audit_revision_history.minor_revision 
_pdbx_audit_revision_history.revision_date 
1 'Structure model' 1 0 2004-02-17 
2 'Structure model' 1 1 2008-04-26 
3 'Structure model' 1 2 2011-07-13 
4 'Structure model' 1 3 2023-08-16 
# 
_pdbx_audit_revision_details.ordinal             1 
_pdbx_audit_revision_details.revision_ordinal    1 
_pdbx_audit_revision_details.data_content_type   'Structure model' 
_pdbx_audit_revision_details.provider            repository 
_pdbx_audit_revision_details.type                'Initial release' 
_pdbx_audit_revision_details.description         ? 
_pdbx_audit_revision_details.details             ? 
# 
loop_
_pdbx_audit_revision_group.ordinal 
_pdbx_audit_revision_group.revision_ordinal 
_pdbx_audit_revision_group.data_content_type 
_pdbx_audit_revision_group.group 
1 2 'Structure model' 'Version format compliance' 
2 3 'Structure model' 'Version format compliance' 
3 4 'Structure model' 'Data collection'           
4 4 'Structure model' 'Database references'       
5 4 'Structure model' 'Derived calculations'      
6 4 'Structure model' 'Refinement description'    
# 
loop_
_pdbx_audit_revision_category.ordinal 
_pdbx_audit_revision_category.revision_ordinal 
_pdbx_audit_revision_category.data_content_type 
_pdbx_audit_revision_category.category 
1 4 'Structure model' chem_comp_atom                
2 4 'Structure model' chem_comp_bond                
3 4 'Structure model' database_2                    
4 4 'Structure model' pdbx_initial_refinement_model 
5 4 'Structure model' struct_site                   
# 
loop_
_pdbx_audit_revision_item.ordinal 
_pdbx_audit_revision_item.revision_ordinal 
_pdbx_audit_revision_item.data_content_type 
_pdbx_audit_revision_item.item 
1 4 'Structure model' '_database_2.pdbx_DOI'                
2 4 'Structure model' '_database_2.pdbx_database_accession' 
3 4 'Structure model' '_struct_site.pdbx_auth_asym_id'      
4 4 'Structure model' '_struct_site.pdbx_auth_comp_id'      
5 4 'Structure model' '_struct_site.pdbx_auth_seq_id'       
# 
loop_
_software.name 
_software.classification 
_software.version 
_software.citation_id 
_software.pdbx_ordinal 
XDS    'data scaling'   .     ? 1 
XDS    'data reduction' .     ? 2 
X-PLOR 'model building' 3.851 ? 3 
X-PLOR refinement       3.851 ? 4 
X-PLOR phasing          3.851 ? 5 
# 
_pdbx_validate_torsion.id              1 
_pdbx_validate_torsion.PDB_model_num   1 
_pdbx_validate_torsion.auth_comp_id    ASP 
_pdbx_validate_torsion.auth_asym_id    A 
_pdbx_validate_torsion.auth_seq_id     94 
_pdbx_validate_torsion.PDB_ins_code    ? 
_pdbx_validate_torsion.label_alt_id    ? 
_pdbx_validate_torsion.phi             52.59 
_pdbx_validate_torsion.psi             -119.96 
# 
loop_
_pdbx_unobs_or_zero_occ_residues.id 
_pdbx_unobs_or_zero_occ_residues.PDB_model_num 
_pdbx_unobs_or_zero_occ_residues.polymer_flag 
_pdbx_unobs_or_zero_occ_residues.occupancy_flag 
_pdbx_unobs_or_zero_occ_residues.auth_asym_id 
_pdbx_unobs_or_zero_occ_residues.auth_comp_id 
_pdbx_unobs_or_zero_occ_residues.auth_seq_id 
_pdbx_unobs_or_zero_occ_residues.PDB_ins_code 
_pdbx_unobs_or_zero_occ_residues.label_asym_id 
_pdbx_unobs_or_zero_occ_residues.label_comp_id 
_pdbx_unobs_or_zero_occ_residues.label_seq_id 
1 1 Y 1 A SER 107 ? A SER 107 
2 1 Y 1 A LYS 108 ? A LYS 108 
# 
loop_
_chem_comp_atom.comp_id 
_chem_comp_atom.atom_id 
_chem_comp_atom.type_symbol 
_chem_comp_atom.pdbx_aromatic_flag 
_chem_comp_atom.pdbx_stereo_config 
_chem_comp_atom.pdbx_ordinal 
772 C1   C Y N 1   
772 C2   C Y N 2   
772 C3   C Y N 3   
772 C4   C Y N 4   
772 C5   C Y N 5   
772 C6   C Y N 6   
772 C7   C Y N 7   
772 C8   C Y N 8   
772 C9   C Y N 9   
772 N10  N Y N 10  
772 O11  O N N 11  
772 P12  P N N 12  
772 O13  O N N 13  
772 O14  O N N 14  
772 C15  C N N 15  
772 N16  N N N 16  
772 O17  O N N 17  
772 H1   H N N 18  
772 H2   H N N 19  
772 H6   H N N 20  
772 H7   H N N 21  
772 H8   H N N 22  
772 H14  H N N 23  
772 H17  H N N 24  
ALA N    N N N 25  
ALA CA   C N S 26  
ALA C    C N N 27  
ALA O    O N N 28  
ALA CB   C N N 29  
ALA OXT  O N N 30  
ALA H    H N N 31  
ALA H2   H N N 32  
ALA HA   H N N 33  
ALA HB1  H N N 34  
ALA HB2  H N N 35  
ALA HB3  H N N 36  
ALA HXT  H N N 37  
ARG N    N N N 38  
ARG CA   C N S 39  
ARG C    C N N 40  
ARG O    O N N 41  
ARG CB   C N N 42  
ARG CG   C N N 43  
ARG CD   C N N 44  
ARG NE   N N N 45  
ARG CZ   C N N 46  
ARG NH1  N N N 47  
ARG NH2  N N N 48  
ARG OXT  O N N 49  
ARG H    H N N 50  
ARG H2   H N N 51  
ARG HA   H N N 52  
ARG HB2  H N N 53  
ARG HB3  H N N 54  
ARG HG2  H N N 55  
ARG HG3  H N N 56  
ARG HD2  H N N 57  
ARG HD3  H N N 58  
ARG HE   H N N 59  
ARG HH11 H N N 60  
ARG HH12 H N N 61  
ARG HH21 H N N 62  
ARG HH22 H N N 63  
ARG HXT  H N N 64  
ASN N    N N N 65  
ASN CA   C N S 66  
ASN C    C N N 67  
ASN O    O N N 68  
ASN CB   C N N 69  
ASN CG   C N N 70  
ASN OD1  O N N 71  
ASN ND2  N N N 72  
ASN OXT  O N N 73  
ASN H    H N N 74  
ASN H2   H N N 75  
ASN HA   H N N 76  
ASN HB2  H N N 77  
ASN HB3  H N N 78  
ASN HD21 H N N 79  
ASN HD22 H N N 80  
ASN HXT  H N N 81  
ASP N    N N N 82  
ASP CA   C N S 83  
ASP C    C N N 84  
ASP O    O N N 85  
ASP CB   C N N 86  
ASP CG   C N N 87  
ASP OD1  O N N 88  
ASP OD2  O N N 89  
ASP OXT  O N N 90  
ASP H    H N N 91  
ASP H2   H N N 92  
ASP HA   H N N 93  
ASP HB2  H N N 94  
ASP HB3  H N N 95  
ASP HD2  H N N 96  
ASP HXT  H N N 97  
CYS N    N N N 98  
CYS CA   C N R 99  
CYS C    C N N 100 
CYS O    O N N 101 
CYS CB   C N N 102 
CYS SG   S N N 103 
CYS OXT  O N N 104 
CYS H    H N N 105 
CYS H2   H N N 106 
CYS HA   H N N 107 
CYS HB2  H N N 108 
CYS HB3  H N N 109 
CYS HG   H N N 110 
CYS HXT  H N N 111 
GLN N    N N N 112 
GLN CA   C N S 113 
GLN C    C N N 114 
GLN O    O N N 115 
GLN CB   C N N 116 
GLN CG   C N N 117 
GLN CD   C N N 118 
GLN OE1  O N N 119 
GLN NE2  N N N 120 
GLN OXT  O N N 121 
GLN H    H N N 122 
GLN H2   H N N 123 
GLN HA   H N N 124 
GLN HB2  H N N 125 
GLN HB3  H N N 126 
GLN HG2  H N N 127 
GLN HG3  H N N 128 
GLN HE21 H N N 129 
GLN HE22 H N N 130 
GLN HXT  H N N 131 
GLU N    N N N 132 
GLU CA   C N S 133 
GLU C    C N N 134 
GLU O    O N N 135 
GLU CB   C N N 136 
GLU CG   C N N 137 
GLU CD   C N N 138 
GLU OE1  O N N 139 
GLU OE2  O N N 140 
GLU OXT  O N N 141 
GLU H    H N N 142 
GLU H2   H N N 143 
GLU HA   H N N 144 
GLU HB2  H N N 145 
GLU HB3  H N N 146 
GLU HG2  H N N 147 
GLU HG3  H N N 148 
GLU HE2  H N N 149 
GLU HXT  H N N 150 
GLY N    N N N 151 
GLY CA   C N N 152 
GLY C    C N N 153 
GLY O    O N N 154 
GLY OXT  O N N 155 
GLY H    H N N 156 
GLY H2   H N N 157 
GLY HA2  H N N 158 
GLY HA3  H N N 159 
GLY HXT  H N N 160 
HIS N    N N N 161 
HIS CA   C N S 162 
HIS C    C N N 163 
HIS O    O N N 164 
HIS CB   C N N 165 
HIS CG   C Y N 166 
HIS ND1  N Y N 167 
HIS CD2  C Y N 168 
HIS CE1  C Y N 169 
HIS NE2  N Y N 170 
HIS OXT  O N N 171 
HIS H    H N N 172 
HIS H2   H N N 173 
HIS HA   H N N 174 
HIS HB2  H N N 175 
HIS HB3  H N N 176 
HIS HD1  H N N 177 
HIS HD2  H N N 178 
HIS HE1  H N N 179 
HIS HE2  H N N 180 
HIS HXT  H N N 181 
HOH O    O N N 182 
HOH H1   H N N 183 
HOH H2   H N N 184 
ILE N    N N N 185 
ILE CA   C N S 186 
ILE C    C N N 187 
ILE O    O N N 188 
ILE CB   C N S 189 
ILE CG1  C N N 190 
ILE CG2  C N N 191 
ILE CD1  C N N 192 
ILE OXT  O N N 193 
ILE H    H N N 194 
ILE H2   H N N 195 
ILE HA   H N N 196 
ILE HB   H N N 197 
ILE HG12 H N N 198 
ILE HG13 H N N 199 
ILE HG21 H N N 200 
ILE HG22 H N N 201 
ILE HG23 H N N 202 
ILE HD11 H N N 203 
ILE HD12 H N N 204 
ILE HD13 H N N 205 
ILE HXT  H N N 206 
LEU N    N N N 207 
LEU CA   C N S 208 
LEU C    C N N 209 
LEU O    O N N 210 
LEU CB   C N N 211 
LEU CG   C N N 212 
LEU CD1  C N N 213 
LEU CD2  C N N 214 
LEU OXT  O N N 215 
LEU H    H N N 216 
LEU H2   H N N 217 
LEU HA   H N N 218 
LEU HB2  H N N 219 
LEU HB3  H N N 220 
LEU HG   H N N 221 
LEU HD11 H N N 222 
LEU HD12 H N N 223 
LEU HD13 H N N 224 
LEU HD21 H N N 225 
LEU HD22 H N N 226 
LEU HD23 H N N 227 
LEU HXT  H N N 228 
LYS N    N N N 229 
LYS CA   C N S 230 
LYS C    C N N 231 
LYS O    O N N 232 
LYS CB   C N N 233 
LYS CG   C N N 234 
LYS CD   C N N 235 
LYS CE   C N N 236 
LYS NZ   N N N 237 
LYS OXT  O N N 238 
LYS H    H N N 239 
LYS H2   H N N 240 
LYS HA   H N N 241 
LYS HB2  H N N 242 
LYS HB3  H N N 243 
LYS HG2  H N N 244 
LYS HG3  H N N 245 
LYS HD2  H N N 246 
LYS HD3  H N N 247 
LYS HE2  H N N 248 
LYS HE3  H N N 249 
LYS HZ1  H N N 250 
LYS HZ2  H N N 251 
LYS HZ3  H N N 252 
LYS HXT  H N N 253 
PHE N    N N N 254 
PHE CA   C N S 255 
PHE C    C N N 256 
PHE O    O N N 257 
PHE CB   C N N 258 
PHE CG   C Y N 259 
PHE CD1  C Y N 260 
PHE CD2  C Y N 261 
PHE CE1  C Y N 262 
PHE CE2  C Y N 263 
PHE CZ   C Y N 264 
PHE OXT  O N N 265 
PHE H    H N N 266 
PHE H2   H N N 267 
PHE HA   H N N 268 
PHE HB2  H N N 269 
PHE HB3  H N N 270 
PHE HD1  H N N 271 
PHE HD2  H N N 272 
PHE HE1  H N N 273 
PHE HE2  H N N 274 
PHE HZ   H N N 275 
PHE HXT  H N N 276 
PRO N    N N N 277 
PRO CA   C N S 278 
PRO C    C N N 279 
PRO O    O N N 280 
PRO CB   C N N 281 
PRO CG   C N N 282 
PRO CD   C N N 283 
PRO OXT  O N N 284 
PRO H    H N N 285 
PRO HA   H N N 286 
PRO HB2  H N N 287 
PRO HB3  H N N 288 
PRO HG2  H N N 289 
PRO HG3  H N N 290 
PRO HD2  H N N 291 
PRO HD3  H N N 292 
PRO HXT  H N N 293 
SER N    N N N 294 
SER CA   C N S 295 
SER C    C N N 296 
SER O    O N N 297 
SER CB   C N N 298 
SER OG   O N N 299 
SER OXT  O N N 300 
SER H    H N N 301 
SER H2   H N N 302 
SER HA   H N N 303 
SER HB2  H N N 304 
SER HB3  H N N 305 
SER HG   H N N 306 
SER HXT  H N N 307 
THR N    N N N 308 
THR CA   C N S 309 
THR C    C N N 310 
THR O    O N N 311 
THR CB   C N R 312 
THR OG1  O N N 313 
THR CG2  C N N 314 
THR OXT  O N N 315 
THR H    H N N 316 
THR H2   H N N 317 
THR HA   H N N 318 
THR HB   H N N 319 
THR HG1  H N N 320 
THR HG21 H N N 321 
THR HG22 H N N 322 
THR HG23 H N N 323 
THR HXT  H N N 324 
TRP N    N N N 325 
TRP CA   C N S 326 
TRP C    C N N 327 
TRP O    O N N 328 
TRP CB   C N N 329 
TRP CG   C Y N 330 
TRP CD1  C Y N 331 
TRP CD2  C Y N 332 
TRP NE1  N Y N 333 
TRP CE2  C Y N 334 
TRP CE3  C Y N 335 
TRP CZ2  C Y N 336 
TRP CZ3  C Y N 337 
TRP CH2  C Y N 338 
TRP OXT  O N N 339 
TRP H    H N N 340 
TRP H2   H N N 341 
TRP HA   H N N 342 
TRP HB2  H N N 343 
TRP HB3  H N N 344 
TRP HD1  H N N 345 
TRP HE1  H N N 346 
TRP HE3  H N N 347 
TRP HZ2  H N N 348 
TRP HZ3  H N N 349 
TRP HH2  H N N 350 
TRP HXT  H N N 351 
TYR N    N N N 352 
TYR CA   C N S 353 
TYR C    C N N 354 
TYR O    O N N 355 
TYR CB   C N N 356 
TYR CG   C Y N 357 
TYR CD1  C Y N 358 
TYR CD2  C Y N 359 
TYR CE1  C Y N 360 
TYR CE2  C Y N 361 
TYR CZ   C Y N 362 
TYR OH   O N N 363 
TYR OXT  O N N 364 
TYR H    H N N 365 
TYR H2   H N N 366 
TYR HA   H N N 367 
TYR HB2  H N N 368 
TYR HB3  H N N 369 
TYR HD1  H N N 370 
TYR HD2  H N N 371 
TYR HE1  H N N 372 
TYR HE2  H N N 373 
TYR HH   H N N 374 
TYR HXT  H N N 375 
VAL N    N N N 376 
VAL CA   C N S 377 
VAL C    C N N 378 
VAL O    O N N 379 
VAL CB   C N N 380 
VAL CG1  C N N 381 
VAL CG2  C N N 382 
VAL OXT  O N N 383 
VAL H    H N N 384 
VAL H2   H N N 385 
VAL HA   H N N 386 
VAL HB   H N N 387 
VAL HG11 H N N 388 
VAL HG12 H N N 389 
VAL HG13 H N N 390 
VAL HG21 H N N 391 
VAL HG22 H N N 392 
VAL HG23 H N N 393 
VAL HXT  H N N 394 
# 
loop_
_chem_comp_bond.comp_id 
_chem_comp_bond.atom_id_1 
_chem_comp_bond.atom_id_2 
_chem_comp_bond.value_order 
_chem_comp_bond.pdbx_aromatic_flag 
_chem_comp_bond.pdbx_stereo_config 
_chem_comp_bond.pdbx_ordinal 
772 C1  C2   doub Y N 1   
772 C1  C6   sing Y N 2   
772 C1  H1   sing N N 3   
772 C2  C3   sing Y N 4   
772 C2  H2   sing N N 5   
772 C3  C4   sing Y N 6   
772 C3  C7   doub Y N 7   
772 C4  C5   sing Y N 8   
772 C4  N10  doub Y N 9   
772 C5  C6   doub Y N 10  
772 C5  O11  sing N N 11  
772 C6  H6   sing N N 12  
772 C7  C8   sing Y N 13  
772 C7  H7   sing N N 14  
772 C8  C9   doub Y N 15  
772 C8  H8   sing N N 16  
772 C9  N10  sing Y N 17  
772 C9  C15  sing N N 18  
772 O11 P12  sing N N 19  
772 P12 O13  doub N N 20  
772 P12 O14  sing N N 21  
772 P12 O17  sing N N 22  
772 O14 H14  sing N N 23  
772 C15 N16  trip N N 24  
772 O17 H17  sing N N 25  
ALA N   CA   sing N N 26  
ALA N   H    sing N N 27  
ALA N   H2   sing N N 28  
ALA CA  C    sing N N 29  
ALA CA  CB   sing N N 30  
ALA CA  HA   sing N N 31  
ALA C   O    doub N N 32  
ALA C   OXT  sing N N 33  
ALA CB  HB1  sing N N 34  
ALA CB  HB2  sing N N 35  
ALA CB  HB3  sing N N 36  
ALA OXT HXT  sing N N 37  
ARG N   CA   sing N N 38  
ARG N   H    sing N N 39  
ARG N   H2   sing N N 40  
ARG CA  C    sing N N 41  
ARG CA  CB   sing N N 42  
ARG CA  HA   sing N N 43  
ARG C   O    doub N N 44  
ARG C   OXT  sing N N 45  
ARG CB  CG   sing N N 46  
ARG CB  HB2  sing N N 47  
ARG CB  HB3  sing N N 48  
ARG CG  CD   sing N N 49  
ARG CG  HG2  sing N N 50  
ARG CG  HG3  sing N N 51  
ARG CD  NE   sing N N 52  
ARG CD  HD2  sing N N 53  
ARG CD  HD3  sing N N 54  
ARG NE  CZ   sing N N 55  
ARG NE  HE   sing N N 56  
ARG CZ  NH1  sing N N 57  
ARG CZ  NH2  doub N N 58  
ARG NH1 HH11 sing N N 59  
ARG NH1 HH12 sing N N 60  
ARG NH2 HH21 sing N N 61  
ARG NH2 HH22 sing N N 62  
ARG OXT HXT  sing N N 63  
ASN N   CA   sing N N 64  
ASN N   H    sing N N 65  
ASN N   H2   sing N N 66  
ASN CA  C    sing N N 67  
ASN CA  CB   sing N N 68  
ASN CA  HA   sing N N 69  
ASN C   O    doub N N 70  
ASN C   OXT  sing N N 71  
ASN CB  CG   sing N N 72  
ASN CB  HB2  sing N N 73  
ASN CB  HB3  sing N N 74  
ASN CG  OD1  doub N N 75  
ASN CG  ND2  sing N N 76  
ASN ND2 HD21 sing N N 77  
ASN ND2 HD22 sing N N 78  
ASN OXT HXT  sing N N 79  
ASP N   CA   sing N N 80  
ASP N   H    sing N N 81  
ASP N   H2   sing N N 82  
ASP CA  C    sing N N 83  
ASP CA  CB   sing N N 84  
ASP CA  HA   sing N N 85  
ASP C   O    doub N N 86  
ASP C   OXT  sing N N 87  
ASP CB  CG   sing N N 88  
ASP CB  HB2  sing N N 89  
ASP CB  HB3  sing N N 90  
ASP CG  OD1  doub N N 91  
ASP CG  OD2  sing N N 92  
ASP OD2 HD2  sing N N 93  
ASP OXT HXT  sing N N 94  
CYS N   CA   sing N N 95  
CYS N   H    sing N N 96  
CYS N   H2   sing N N 97  
CYS CA  C    sing N N 98  
CYS CA  CB   sing N N 99  
CYS CA  HA   sing N N 100 
CYS C   O    doub N N 101 
CYS C   OXT  sing N N 102 
CYS CB  SG   sing N N 103 
CYS CB  HB2  sing N N 104 
CYS CB  HB3  sing N N 105 
CYS SG  HG   sing N N 106 
CYS OXT HXT  sing N N 107 
GLN N   CA   sing N N 108 
GLN N   H    sing N N 109 
GLN N   H2   sing N N 110 
GLN CA  C    sing N N 111 
GLN CA  CB   sing N N 112 
GLN CA  HA   sing N N 113 
GLN C   O    doub N N 114 
GLN C   OXT  sing N N 115 
GLN CB  CG   sing N N 116 
GLN CB  HB2  sing N N 117 
GLN CB  HB3  sing N N 118 
GLN CG  CD   sing N N 119 
GLN CG  HG2  sing N N 120 
GLN CG  HG3  sing N N 121 
GLN CD  OE1  doub N N 122 
GLN CD  NE2  sing N N 123 
GLN NE2 HE21 sing N N 124 
GLN NE2 HE22 sing N N 125 
GLN OXT HXT  sing N N 126 
GLU N   CA   sing N N 127 
GLU N   H    sing N N 128 
GLU N   H2   sing N N 129 
GLU CA  C    sing N N 130 
GLU CA  CB   sing N N 131 
GLU CA  HA   sing N N 132 
GLU C   O    doub N N 133 
GLU C   OXT  sing N N 134 
GLU CB  CG   sing N N 135 
GLU CB  HB2  sing N N 136 
GLU CB  HB3  sing N N 137 
GLU CG  CD   sing N N 138 
GLU CG  HG2  sing N N 139 
GLU CG  HG3  sing N N 140 
GLU CD  OE1  doub N N 141 
GLU CD  OE2  sing N N 142 
GLU OE2 HE2  sing N N 143 
GLU OXT HXT  sing N N 144 
GLY N   CA   sing N N 145 
GLY N   H    sing N N 146 
GLY N   H2   sing N N 147 
GLY CA  C    sing N N 148 
GLY CA  HA2  sing N N 149 
GLY CA  HA3  sing N N 150 
GLY C   O    doub N N 151 
GLY C   OXT  sing N N 152 
GLY OXT HXT  sing N N 153 
HIS N   CA   sing N N 154 
HIS N   H    sing N N 155 
HIS N   H2   sing N N 156 
HIS CA  C    sing N N 157 
HIS CA  CB   sing N N 158 
HIS CA  HA   sing N N 159 
HIS C   O    doub N N 160 
HIS C   OXT  sing N N 161 
HIS CB  CG   sing N N 162 
HIS CB  HB2  sing N N 163 
HIS CB  HB3  sing N N 164 
HIS CG  ND1  sing Y N 165 
HIS CG  CD2  doub Y N 166 
HIS ND1 CE1  doub Y N 167 
HIS ND1 HD1  sing N N 168 
HIS CD2 NE2  sing Y N 169 
HIS CD2 HD2  sing N N 170 
HIS CE1 NE2  sing Y N 171 
HIS CE1 HE1  sing N N 172 
HIS NE2 HE2  sing N N 173 
HIS OXT HXT  sing N N 174 
HOH O   H1   sing N N 175 
HOH O   H2   sing N N 176 
ILE N   CA   sing N N 177 
ILE N   H    sing N N 178 
ILE N   H2   sing N N 179 
ILE CA  C    sing N N 180 
ILE CA  CB   sing N N 181 
ILE CA  HA   sing N N 182 
ILE C   O    doub N N 183 
ILE C   OXT  sing N N 184 
ILE CB  CG1  sing N N 185 
ILE CB  CG2  sing N N 186 
ILE CB  HB   sing N N 187 
ILE CG1 CD1  sing N N 188 
ILE CG1 HG12 sing N N 189 
ILE CG1 HG13 sing N N 190 
ILE CG2 HG21 sing N N 191 
ILE CG2 HG22 sing N N 192 
ILE CG2 HG23 sing N N 193 
ILE CD1 HD11 sing N N 194 
ILE CD1 HD12 sing N N 195 
ILE CD1 HD13 sing N N 196 
ILE OXT HXT  sing N N 197 
LEU N   CA   sing N N 198 
LEU N   H    sing N N 199 
LEU N   H2   sing N N 200 
LEU CA  C    sing N N 201 
LEU CA  CB   sing N N 202 
LEU CA  HA   sing N N 203 
LEU C   O    doub N N 204 
LEU C   OXT  sing N N 205 
LEU CB  CG   sing N N 206 
LEU CB  HB2  sing N N 207 
LEU CB  HB3  sing N N 208 
LEU CG  CD1  sing N N 209 
LEU CG  CD2  sing N N 210 
LEU CG  HG   sing N N 211 
LEU CD1 HD11 sing N N 212 
LEU CD1 HD12 sing N N 213 
LEU CD1 HD13 sing N N 214 
LEU CD2 HD21 sing N N 215 
LEU CD2 HD22 sing N N 216 
LEU CD2 HD23 sing N N 217 
LEU OXT HXT  sing N N 218 
LYS N   CA   sing N N 219 
LYS N   H    sing N N 220 
LYS N   H2   sing N N 221 
LYS CA  C    sing N N 222 
LYS CA  CB   sing N N 223 
LYS CA  HA   sing N N 224 
LYS C   O    doub N N 225 
LYS C   OXT  sing N N 226 
LYS CB  CG   sing N N 227 
LYS CB  HB2  sing N N 228 
LYS CB  HB3  sing N N 229 
LYS CG  CD   sing N N 230 
LYS CG  HG2  sing N N 231 
LYS CG  HG3  sing N N 232 
LYS CD  CE   sing N N 233 
LYS CD  HD2  sing N N 234 
LYS CD  HD3  sing N N 235 
LYS CE  NZ   sing N N 236 
LYS CE  HE2  sing N N 237 
LYS CE  HE3  sing N N 238 
LYS NZ  HZ1  sing N N 239 
LYS NZ  HZ2  sing N N 240 
LYS NZ  HZ3  sing N N 241 
LYS OXT HXT  sing N N 242 
PHE N   CA   sing N N 243 
PHE N   H    sing N N 244 
PHE N   H2   sing N N 245 
PHE CA  C    sing N N 246 
PHE CA  CB   sing N N 247 
PHE CA  HA   sing N N 248 
PHE C   O    doub N N 249 
PHE C   OXT  sing N N 250 
PHE CB  CG   sing N N 251 
PHE CB  HB2  sing N N 252 
PHE CB  HB3  sing N N 253 
PHE CG  CD1  doub Y N 254 
PHE CG  CD2  sing Y N 255 
PHE CD1 CE1  sing Y N 256 
PHE CD1 HD1  sing N N 257 
PHE CD2 CE2  doub Y N 258 
PHE CD2 HD2  sing N N 259 
PHE CE1 CZ   doub Y N 260 
PHE CE1 HE1  sing N N 261 
PHE CE2 CZ   sing Y N 262 
PHE CE2 HE2  sing N N 263 
PHE CZ  HZ   sing N N 264 
PHE OXT HXT  sing N N 265 
PRO N   CA   sing N N 266 
PRO N   CD   sing N N 267 
PRO N   H    sing N N 268 
PRO CA  C    sing N N 269 
PRO CA  CB   sing N N 270 
PRO CA  HA   sing N N 271 
PRO C   O    doub N N 272 
PRO C   OXT  sing N N 273 
PRO CB  CG   sing N N 274 
PRO CB  HB2  sing N N 275 
PRO CB  HB3  sing N N 276 
PRO CG  CD   sing N N 277 
PRO CG  HG2  sing N N 278 
PRO CG  HG3  sing N N 279 
PRO CD  HD2  sing N N 280 
PRO CD  HD3  sing N N 281 
PRO OXT HXT  sing N N 282 
SER N   CA   sing N N 283 
SER N   H    sing N N 284 
SER N   H2   sing N N 285 
SER CA  C    sing N N 286 
SER CA  CB   sing N N 287 
SER CA  HA   sing N N 288 
SER C   O    doub N N 289 
SER C   OXT  sing N N 290 
SER CB  OG   sing N N 291 
SER CB  HB2  sing N N 292 
SER CB  HB3  sing N N 293 
SER OG  HG   sing N N 294 
SER OXT HXT  sing N N 295 
THR N   CA   sing N N 296 
THR N   H    sing N N 297 
THR N   H2   sing N N 298 
THR CA  C    sing N N 299 
THR CA  CB   sing N N 300 
THR CA  HA   sing N N 301 
THR C   O    doub N N 302 
THR C   OXT  sing N N 303 
THR CB  OG1  sing N N 304 
THR CB  CG2  sing N N 305 
THR CB  HB   sing N N 306 
THR OG1 HG1  sing N N 307 
THR CG2 HG21 sing N N 308 
THR CG2 HG22 sing N N 309 
THR CG2 HG23 sing N N 310 
THR OXT HXT  sing N N 311 
TRP N   CA   sing N N 312 
TRP N   H    sing N N 313 
TRP N   H2   sing N N 314 
TRP CA  C    sing N N 315 
TRP CA  CB   sing N N 316 
TRP CA  HA   sing N N 317 
TRP C   O    doub N N 318 
TRP C   OXT  sing N N 319 
TRP CB  CG   sing N N 320 
TRP CB  HB2  sing N N 321 
TRP CB  HB3  sing N N 322 
TRP CG  CD1  doub Y N 323 
TRP CG  CD2  sing Y N 324 
TRP CD1 NE1  sing Y N 325 
TRP CD1 HD1  sing N N 326 
TRP CD2 CE2  doub Y N 327 
TRP CD2 CE3  sing Y N 328 
TRP NE1 CE2  sing Y N 329 
TRP NE1 HE1  sing N N 330 
TRP CE2 CZ2  sing Y N 331 
TRP CE3 CZ3  doub Y N 332 
TRP CE3 HE3  sing N N 333 
TRP CZ2 CH2  doub Y N 334 
TRP CZ2 HZ2  sing N N 335 
TRP CZ3 CH2  sing Y N 336 
TRP CZ3 HZ3  sing N N 337 
TRP CH2 HH2  sing N N 338 
TRP OXT HXT  sing N N 339 
TYR N   CA   sing N N 340 
TYR N   H    sing N N 341 
TYR N   H2   sing N N 342 
TYR CA  C    sing N N 343 
TYR CA  CB   sing N N 344 
TYR CA  HA   sing N N 345 
TYR C   O    doub N N 346 
TYR C   OXT  sing N N 347 
TYR CB  CG   sing N N 348 
TYR CB  HB2  sing N N 349 
TYR CB  HB3  sing N N 350 
TYR CG  CD1  doub Y N 351 
TYR CG  CD2  sing Y N 352 
TYR CD1 CE1  sing Y N 353 
TYR CD1 HD1  sing N N 354 
TYR CD2 CE2  doub Y N 355 
TYR CD2 HD2  sing N N 356 
TYR CE1 CZ   doub Y N 357 
TYR CE1 HE1  sing N N 358 
TYR CE2 CZ   sing Y N 359 
TYR CE2 HE2  sing N N 360 
TYR CZ  OH   sing N N 361 
TYR OH  HH   sing N N 362 
TYR OXT HXT  sing N N 363 
VAL N   CA   sing N N 364 
VAL N   H    sing N N 365 
VAL N   H2   sing N N 366 
VAL CA  C    sing N N 367 
VAL CA  CB   sing N N 368 
VAL CA  HA   sing N N 369 
VAL C   O    doub N N 370 
VAL C   OXT  sing N N 371 
VAL CB  CG1  sing N N 372 
VAL CB  CG2  sing N N 373 
VAL CB  HB   sing N N 374 
VAL CG1 HG11 sing N N 375 
VAL CG1 HG12 sing N N 376 
VAL CG1 HG13 sing N N 377 
VAL CG2 HG21 sing N N 378 
VAL CG2 HG22 sing N N 379 
VAL CG2 HG23 sing N N 380 
VAL OXT HXT  sing N N 381 
# 
loop_
_pdbx_entity_nonpoly.entity_id 
_pdbx_entity_nonpoly.name 
_pdbx_entity_nonpoly.comp_id 
2 '2-CYANOQUINOLIN-8-YL DIHYDROGEN PHOSPHATE' 772 
3 water                                       HOH 
# 
_pdbx_initial_refinement_model.id               1 
_pdbx_initial_refinement_model.entity_id_list   ? 
_pdbx_initial_refinement_model.type             'experimental model' 
_pdbx_initial_refinement_model.source_name      PDB 
_pdbx_initial_refinement_model.accession_code   1SHD 
_pdbx_initial_refinement_model.details          ? 
# 
